data_6L0F
#
_entry.id   6L0F
#
_cell.length_a   85.649
_cell.length_b   88.739
_cell.length_c   103.395
_cell.angle_alpha   90.000
_cell.angle_beta   95.670
_cell.angle_gamma   90.000
#
_symmetry.space_group_name_H-M   'P 1 21 1'
#
loop_
_entity.id
_entity.type
_entity.pdbx_description
1 polymer Dihydroorotase
2 non-polymer 5-AMINO-1H-PYRIMIDINE-2,4-DIONE
3 non-polymer 'ZINC ION'
4 water water
#
_entity_poly.entity_id   1
_entity_poly.type   'polypeptide(L)'
_entity_poly.pdbx_seq_one_letter_code
;MVQEIDLGLTCDMHVHVREGAMCELVTPKIRDGGVSIAYIMPNLQPPITTLDRVIEYKKTLQKLAPKTTFLMSFYLSKDL
TPDLIHEAAQQHAIRGV(KCX)CYPAGVTTNSAAGVDPNDFSAFYPIFKAMQEENLVLNLHGEKPSVHDGDKEPIHVLNA
EEAFLPALKKLHNDFPNLKIILEHCTSESAIKTIEDINKNVKKATDVKVAATLTAHHLFLTIDDWAGNPVNFCKPVAKLP
NDKKALVKAAVSGKPYFFFGSDSAPHPVQNKANYEGVCAGVYSQSFAIPYIAQVFEEQNALENLKGFVSDFGISFYEVKD
SEVASSDKAILFKKEQVIPQVISDGKDISIIPFKAGDKLSWSVRWEPRLEHHHHHH
;
_entity_poly.pdbx_strand_id   A,B,C,D
#
loop_
_chem_comp.id
_chem_comp.type
_chem_comp.name
_chem_comp.formula
WBU non-polymer 5-AMINO-1H-PYRIMIDINE-2,4-DIONE 'C4 H5 N3 O2'
ZN non-polymer 'ZINC ION' 'Zn 2'
#
# COMPACT_ATOMS: atom_id res chain seq x y z
N VAL A 2 34.91 1.15 22.73
CA VAL A 2 35.64 0.73 23.92
C VAL A 2 34.64 0.56 25.06
N GLN A 3 35.09 -0.05 26.16
CA GLN A 3 34.23 -0.38 27.29
C GLN A 3 34.10 0.80 28.25
N GLU A 4 33.26 0.62 29.27
CA GLU A 4 33.10 1.57 30.37
C GLU A 4 32.65 2.95 29.86
N ILE A 5 31.43 2.97 29.32
CA ILE A 5 30.78 4.21 28.93
C ILE A 5 30.00 4.74 30.13
N ASP A 6 30.21 6.03 30.44
CA ASP A 6 29.53 6.67 31.56
C ASP A 6 28.20 7.25 31.07
N LEU A 7 27.10 6.71 31.59
CA LEU A 7 25.78 7.11 31.17
C LEU A 7 25.11 8.12 32.11
N GLY A 8 25.66 8.35 33.29
CA GLY A 8 25.07 9.31 34.20
C GLY A 8 23.80 8.77 34.84
N LEU A 9 22.78 9.63 34.90
CA LEU A 9 21.50 9.26 35.50
C LEU A 9 20.57 8.74 34.41
N THR A 10 20.48 7.42 34.29
CA THR A 10 19.67 6.80 33.25
C THR A 10 18.18 7.00 33.53
N CYS A 11 17.38 6.88 32.48
CA CYS A 11 15.94 7.11 32.54
C CYS A 11 15.18 6.00 31.84
N ASP A 12 14.11 5.54 32.49
CA ASP A 12 13.16 4.59 31.91
C ASP A 12 11.77 5.17 32.17
N MET A 13 11.23 5.90 31.19
CA MET A 13 9.99 6.63 31.36
C MET A 13 8.74 5.79 31.11
N HIS A 14 8.85 4.45 31.21
CA HIS A 14 7.69 3.58 31.03
C HIS A 14 8.00 2.28 31.78
N VAL A 15 7.40 2.11 32.95
CA VAL A 15 7.72 1.02 33.87
C VAL A 15 6.45 0.45 34.47
N HIS A 16 6.40 -0.88 34.60
CA HIS A 16 5.33 -1.58 35.31
C HIS A 16 5.94 -2.43 36.41
N VAL A 17 5.77 -2.00 37.65
CA VAL A 17 6.33 -2.78 38.79
C VAL A 17 5.16 -3.36 39.57
N ARG A 18 4.03 -3.50 38.90
CA ARG A 18 2.78 -4.10 39.42
C ARG A 18 2.51 -3.77 40.88
N GLU A 19 2.51 -4.82 41.70
CA GLU A 19 2.05 -4.82 43.08
C GLU A 19 2.23 -6.21 43.68
N GLY A 20 2.14 -6.27 45.01
CA GLY A 20 2.25 -7.53 45.72
C GLY A 20 3.66 -8.10 45.63
N ALA A 21 3.73 -9.43 45.69
CA ALA A 21 5.01 -10.11 45.51
C ALA A 21 5.60 -9.83 44.13
N MET A 22 4.76 -9.49 43.14
CA MET A 22 5.28 -9.02 41.86
C MET A 22 6.08 -7.75 42.00
N CYS A 23 5.71 -6.89 42.96
CA CYS A 23 6.44 -5.65 43.18
C CYS A 23 7.77 -5.90 43.87
N GLU A 24 7.79 -6.84 44.83
CA GLU A 24 9.03 -7.16 45.53
C GLU A 24 10.08 -7.73 44.60
N LEU A 25 9.68 -8.28 43.45
CA LEU A 25 10.62 -8.89 42.52
C LEU A 25 11.10 -7.92 41.45
N VAL A 26 10.22 -7.03 40.98
CA VAL A 26 10.55 -6.19 39.84
C VAL A 26 11.19 -4.88 40.26
N THR A 27 10.68 -4.24 41.31
CA THR A 27 11.22 -2.93 41.72
C THR A 27 12.72 -2.93 41.96
N PRO A 28 13.34 -3.95 42.57
CA PRO A 28 14.81 -3.95 42.65
C PRO A 28 15.49 -4.14 41.30
N LYS A 29 14.82 -4.80 40.34
CA LYS A 29 15.43 -5.04 39.04
C LYS A 29 15.60 -3.76 38.23
N ILE A 30 14.85 -2.70 38.57
CA ILE A 30 15.09 -1.40 37.94
C ILE A 30 16.53 -0.94 38.22
N ARG A 31 16.98 -1.12 39.46
CA ARG A 31 18.37 -0.82 39.80
C ARG A 31 19.33 -1.77 39.10
N ASP A 32 19.02 -3.08 39.15
CA ASP A 32 19.90 -4.07 38.53
C ASP A 32 19.97 -3.90 37.02
N GLY A 33 18.88 -3.45 36.40
CA GLY A 33 18.89 -3.20 34.97
C GLY A 33 19.68 -1.98 34.55
N GLY A 34 20.10 -1.15 35.49
CA GLY A 34 20.85 0.04 35.19
C GLY A 34 20.05 1.32 35.10
N VAL A 35 18.87 1.37 35.70
CA VAL A 35 17.98 2.52 35.62
C VAL A 35 17.93 3.20 36.98
N SER A 36 18.10 4.51 36.99
CA SER A 36 17.99 5.31 38.21
C SER A 36 16.64 6.01 38.33
N ILE A 37 16.16 6.61 37.25
CA ILE A 37 14.87 7.31 37.23
C ILE A 37 13.87 6.46 36.45
N ALA A 38 12.73 6.18 37.06
CA ALA A 38 11.68 5.36 36.46
C ALA A 38 10.34 6.05 36.60
N TYR A 39 9.55 6.01 35.52
CA TYR A 39 8.21 6.60 35.50
C TYR A 39 7.20 5.46 35.66
N ILE A 40 6.50 5.44 36.78
CA ILE A 40 5.63 4.32 37.12
C ILE A 40 4.28 4.49 36.42
N MET A 41 3.77 3.41 35.83
CA MET A 41 2.48 3.41 35.15
C MET A 41 1.38 2.95 36.10
N PRO A 42 0.20 3.54 35.99
CA PRO A 42 -0.85 3.34 37.01
C PRO A 42 -1.89 2.25 36.69
N ASN A 43 -1.70 1.43 35.66
CA ASN A 43 -2.71 0.46 35.27
C ASN A 43 -2.67 -0.73 36.24
N LEU A 44 -3.22 -0.51 37.43
CA LEU A 44 -3.35 -1.54 38.45
C LEU A 44 -4.82 -1.93 38.60
N GLN A 45 -5.08 -2.82 39.55
CA GLN A 45 -6.43 -3.24 39.88
C GLN A 45 -6.72 -2.90 41.34
N PRO A 46 -7.47 -1.83 41.62
CA PRO A 46 -8.04 -0.88 40.65
C PRO A 46 -7.01 0.14 40.16
N PRO A 47 -7.30 0.84 39.08
CA PRO A 47 -6.37 1.86 38.58
C PRO A 47 -6.15 2.97 39.60
N ILE A 48 -4.93 3.52 39.57
CA ILE A 48 -4.52 4.56 40.51
C ILE A 48 -5.19 5.87 40.09
N THR A 49 -6.29 6.22 40.76
CA THR A 49 -7.04 7.43 40.44
C THR A 49 -7.34 8.27 41.68
N THR A 50 -6.59 8.08 42.76
CA THR A 50 -6.78 8.85 43.99
C THR A 50 -5.43 9.31 44.52
N LEU A 51 -5.47 10.29 45.42
CA LEU A 51 -4.25 10.86 45.96
C LEU A 51 -3.61 9.96 47.01
N ASP A 52 -4.41 9.31 47.85
CA ASP A 52 -3.86 8.43 48.87
C ASP A 52 -3.23 7.19 48.26
N ARG A 53 -3.79 6.69 47.16
CA ARG A 53 -3.26 5.47 46.54
C ARG A 53 -1.87 5.72 45.94
N VAL A 54 -1.72 6.84 45.23
CA VAL A 54 -0.45 7.11 44.55
C VAL A 54 0.64 7.46 45.55
N ILE A 55 0.28 8.00 46.71
CA ILE A 55 1.26 8.36 47.72
C ILE A 55 1.78 7.12 48.44
N GLU A 56 0.87 6.24 48.87
CA GLU A 56 1.29 5.02 49.54
C GLU A 56 1.95 4.05 48.57
N TYR A 57 1.58 4.12 47.29
CA TYR A 57 2.24 3.29 46.28
C TYR A 57 3.68 3.71 46.07
N LYS A 58 3.95 5.01 46.09
CA LYS A 58 5.33 5.49 45.98
C LYS A 58 6.14 5.16 47.22
N LYS A 59 5.51 5.19 48.40
CA LYS A 59 6.21 4.84 49.63
C LYS A 59 6.61 3.36 49.63
N THR A 60 5.72 2.47 49.19
CA THR A 60 6.06 1.06 49.10
C THR A 60 7.20 0.83 48.11
N LEU A 61 7.25 1.61 47.04
CA LEU A 61 8.30 1.45 46.05
C LEU A 61 9.65 1.91 46.59
N GLN A 62 9.66 3.00 47.36
CA GLN A 62 10.91 3.49 47.93
C GLN A 62 11.46 2.55 49.00
N LYS A 63 10.57 1.88 49.75
CA LYS A 63 11.02 0.90 50.73
C LYS A 63 11.72 -0.29 50.06
N LEU A 64 11.30 -0.64 48.85
CA LEU A 64 11.90 -1.76 48.13
C LEU A 64 13.13 -1.38 47.33
N ALA A 65 13.25 -0.11 46.92
CA ALA A 65 14.42 0.36 46.18
C ALA A 65 14.72 1.79 46.60
N PRO A 66 15.47 1.98 47.68
CA PRO A 66 15.76 3.34 48.15
C PRO A 66 16.63 4.15 47.19
N LYS A 67 17.41 3.50 46.33
CA LYS A 67 18.32 4.20 45.43
C LYS A 67 17.69 4.56 44.09
N THR A 68 16.43 4.21 43.87
CA THR A 68 15.76 4.44 42.59
C THR A 68 14.82 5.63 42.72
N THR A 69 14.90 6.56 41.75
CA THR A 69 14.01 7.69 41.72
C THR A 69 12.71 7.32 41.03
N PHE A 70 11.58 7.57 41.69
CA PHE A 70 10.27 7.18 41.20
C PHE A 70 9.47 8.42 40.81
N LEU A 71 8.98 8.43 39.58
CA LEU A 71 8.08 9.47 39.08
C LEU A 71 6.71 8.83 38.88
N MET A 72 5.75 9.24 39.70
CA MET A 72 4.44 8.61 39.72
C MET A 72 3.50 9.27 38.71
N SER A 73 2.37 8.60 38.46
CA SER A 73 1.44 9.04 37.44
C SER A 73 0.02 8.66 37.85
N PHE A 74 -0.95 9.30 37.19
CA PHE A 74 -2.36 9.01 37.38
C PHE A 74 -2.91 8.22 36.19
N TYR A 75 -3.95 7.44 36.45
CA TYR A 75 -4.66 6.70 35.42
C TYR A 75 -5.80 7.57 34.92
N LEU A 76 -5.78 7.90 33.62
CA LEU A 76 -6.83 8.73 33.04
C LEU A 76 -8.12 7.94 33.04
N SER A 77 -9.01 8.27 33.98
CA SER A 77 -10.26 7.56 34.18
C SER A 77 -11.40 8.57 34.30
N LYS A 78 -12.63 8.05 34.21
CA LYS A 78 -13.81 8.89 34.35
C LYS A 78 -13.90 9.52 35.74
N ASP A 79 -13.26 8.93 36.74
CA ASP A 79 -13.30 9.45 38.11
C ASP A 79 -12.39 10.64 38.33
N LEU A 80 -11.49 10.94 37.39
CA LEU A 80 -10.57 12.06 37.56
C LEU A 80 -11.29 13.39 37.41
N THR A 81 -10.96 14.33 38.30
CA THR A 81 -11.49 15.68 38.27
C THR A 81 -10.34 16.68 38.20
N PRO A 82 -10.56 17.85 37.60
CA PRO A 82 -9.50 18.87 37.58
C PRO A 82 -9.06 19.30 38.97
N ASP A 83 -9.94 19.20 39.97
CA ASP A 83 -9.54 19.51 41.34
C ASP A 83 -8.49 18.51 41.84
N LEU A 84 -8.66 17.23 41.50
CA LEU A 84 -7.68 16.24 41.88
C LEU A 84 -6.36 16.43 41.15
N ILE A 85 -6.40 16.94 39.92
CA ILE A 85 -5.18 17.20 39.17
C ILE A 85 -4.37 18.31 39.81
N HIS A 86 -5.04 19.39 40.22
CA HIS A 86 -4.33 20.51 40.84
C HIS A 86 -3.83 20.15 42.23
N GLU A 87 -4.62 19.41 43.00
CA GLU A 87 -4.22 19.07 44.36
C GLU A 87 -3.02 18.12 44.37
N ALA A 88 -3.02 17.13 43.46
CA ALA A 88 -1.93 16.17 43.42
C ALA A 88 -0.66 16.75 42.82
N ALA A 89 -0.79 17.71 41.90
CA ALA A 89 0.38 18.31 41.27
C ALA A 89 1.10 19.28 42.20
N GLN A 90 0.35 19.99 43.05
CA GLN A 90 0.97 20.93 43.99
C GLN A 90 1.62 20.21 45.16
N GLN A 91 1.15 19.00 45.49
CA GLN A 91 1.77 18.18 46.51
C GLN A 91 2.92 17.33 45.97
N HIS A 92 3.26 17.49 44.69
CA HIS A 92 4.35 16.76 44.05
C HIS A 92 4.15 15.24 44.16
N ALA A 93 2.91 14.80 43.98
CA ALA A 93 2.59 13.38 44.04
C ALA A 93 2.58 12.71 42.68
N ILE A 94 2.30 13.46 41.61
CA ILE A 94 2.27 12.91 40.26
C ILE A 94 3.13 13.78 39.35
N ARG A 95 3.61 13.15 38.27
CA ARG A 95 4.32 13.85 37.21
C ARG A 95 3.57 13.82 35.89
N GLY A 96 2.41 13.16 35.84
CA GLY A 96 1.64 13.10 34.61
C GLY A 96 0.47 12.16 34.76
N VAL A 97 -0.33 12.12 33.70
CA VAL A 97 -1.50 11.23 33.65
C VAL A 97 -1.41 10.34 32.41
N KCX A 98 -1.51 9.03 32.63
CA KCX A 98 -1.42 8.06 31.54
CB KCX A 98 -0.67 6.81 32.01
CG KCX A 98 -0.65 5.67 31.00
CD KCX A 98 -0.05 6.09 29.67
CE KCX A 98 1.11 5.20 29.26
NZ KCX A 98 0.71 4.17 28.27
C KCX A 98 -2.80 7.69 31.01
O KCX A 98 -3.71 7.40 31.78
CX KCX A 98 0.72 2.88 28.59
OQ1 KCX A 98 1.06 2.52 29.72
OQ2 KCX A 98 0.39 2.03 27.75
N CYS A 99 -2.94 7.68 29.69
CA CYS A 99 -4.20 7.36 29.04
C CYS A 99 -4.18 5.98 28.40
N TYR A 100 -5.19 5.18 28.70
CA TYR A 100 -5.34 3.84 28.12
C TYR A 100 -6.62 3.80 27.28
N PRO A 101 -6.55 3.48 25.99
CA PRO A 101 -7.78 3.21 25.25
C PRO A 101 -8.46 1.95 25.78
N ALA A 102 -9.79 1.97 25.77
CA ALA A 102 -10.58 0.93 26.40
C ALA A 102 -10.35 -0.44 25.78
N GLY A 103 -9.70 -1.33 26.54
CA GLY A 103 -9.58 -2.73 26.17
C GLY A 103 -8.41 -3.07 25.25
N VAL A 104 -7.59 -2.10 24.86
CA VAL A 104 -6.53 -2.39 23.90
C VAL A 104 -5.34 -3.10 24.53
N THR A 105 -5.18 -3.04 25.85
CA THR A 105 -4.03 -3.65 26.50
C THR A 105 -4.43 -4.06 27.93
N THR A 106 -3.42 -4.39 28.73
CA THR A 106 -3.66 -4.92 30.07
C THR A 106 -4.22 -3.84 30.99
N ASN A 107 -5.26 -4.19 31.72
CA ASN A 107 -5.90 -3.29 32.70
C ASN A 107 -6.33 -1.98 32.05
N SER A 108 -6.74 -2.03 30.79
CA SER A 108 -7.22 -0.86 30.06
C SER A 108 -8.74 -0.85 29.92
N ALA A 109 -9.41 -1.82 30.54
CA ALA A 109 -10.89 -1.93 30.47
C ALA A 109 -11.54 -0.63 30.97
N ALA A 110 -10.99 -0.05 32.04
CA ALA A 110 -11.52 1.17 32.63
C ALA A 110 -10.99 2.43 31.95
N GLY A 111 -10.48 2.31 30.72
CA GLY A 111 -9.86 3.41 30.02
C GLY A 111 -10.87 4.35 29.39
N VAL A 112 -10.42 5.03 28.33
CA VAL A 112 -11.21 6.04 27.65
C VAL A 112 -11.42 5.61 26.20
N ASP A 113 -12.35 6.31 25.54
CA ASP A 113 -12.59 6.10 24.12
C ASP A 113 -11.95 7.24 23.34
N PRO A 114 -10.90 6.98 22.54
CA PRO A 114 -10.17 8.09 21.91
C PRO A 114 -10.92 8.75 20.76
N ASN A 115 -12.19 8.37 20.57
CA ASN A 115 -13.04 9.04 19.59
C ASN A 115 -13.88 10.15 20.20
N ASP A 116 -13.94 10.24 21.53
CA ASP A 116 -14.71 11.26 22.25
C ASP A 116 -13.88 11.86 23.36
N PHE A 117 -12.66 12.28 23.03
CA PHE A 117 -11.76 12.90 24.00
C PHE A 117 -12.31 14.18 24.60
N SER A 118 -13.44 14.69 24.10
CA SER A 118 -13.99 15.95 24.60
C SER A 118 -14.38 15.89 26.07
N ALA A 119 -14.62 14.69 26.60
CA ALA A 119 -15.01 14.56 28.00
C ALA A 119 -13.86 14.89 28.94
N PHE A 120 -12.62 14.70 28.50
CA PHE A 120 -11.45 14.91 29.34
C PHE A 120 -10.70 16.19 29.01
N TYR A 121 -11.31 17.09 28.23
CA TYR A 121 -10.67 18.38 27.98
C TYR A 121 -10.50 19.22 29.24
N PRO A 122 -11.46 19.30 30.17
CA PRO A 122 -11.18 19.98 31.44
C PRO A 122 -10.03 19.35 32.21
N ILE A 123 -9.81 18.04 32.08
CA ILE A 123 -8.66 17.41 32.72
C ILE A 123 -7.36 17.88 32.06
N PHE A 124 -7.32 17.85 30.73
CA PHE A 124 -6.12 18.30 30.02
C PHE A 124 -5.86 19.78 30.24
N LYS A 125 -6.92 20.57 30.44
CA LYS A 125 -6.74 21.99 30.75
C LYS A 125 -6.06 22.15 32.11
N ALA A 126 -6.42 21.32 33.08
CA ALA A 126 -5.78 21.38 34.39
C ALA A 126 -4.34 20.86 34.32
N MET A 127 -4.11 19.84 33.49
CA MET A 127 -2.76 19.31 33.34
C MET A 127 -1.83 20.34 32.70
N GLN A 128 -2.35 21.11 31.74
CA GLN A 128 -1.53 22.10 31.05
C GLN A 128 -1.08 23.21 31.99
N GLU A 129 -1.91 23.59 32.95
CA GLU A 129 -1.54 24.63 33.90
C GLU A 129 -0.42 24.17 34.83
N GLU A 130 -0.58 22.98 35.41
CA GLU A 130 0.39 22.43 36.35
C GLU A 130 1.65 21.89 35.67
N ASN A 131 1.75 22.00 34.34
CA ASN A 131 2.90 21.52 33.58
C ASN A 131 3.12 20.02 33.78
N LEU A 132 2.03 19.26 33.79
CA LEU A 132 2.12 17.81 33.84
C LEU A 132 2.33 17.25 32.44
N VAL A 133 2.45 15.93 32.34
CA VAL A 133 2.72 15.25 31.09
C VAL A 133 1.56 14.30 30.78
N LEU A 134 1.08 14.35 29.54
CA LEU A 134 -0.01 13.49 29.09
C LEU A 134 0.60 12.31 28.33
N ASN A 135 0.71 11.17 29.01
CA ASN A 135 1.22 9.96 28.38
C ASN A 135 0.12 9.28 27.61
N LEU A 136 0.36 9.02 26.32
CA LEU A 136 -0.65 8.49 25.41
C LEU A 136 -0.24 7.09 24.94
N HIS A 137 -1.11 6.11 25.16
CA HIS A 137 -0.98 4.80 24.54
C HIS A 137 -1.71 4.87 23.20
N GLY A 138 -0.99 5.37 22.20
CA GLY A 138 -1.62 5.62 20.91
C GLY A 138 -2.01 4.36 20.16
N GLU A 139 -3.31 4.04 20.20
CA GLU A 139 -3.88 2.95 19.43
C GLU A 139 -5.40 3.04 19.45
N LYS A 140 -6.03 3.05 18.28
CA LYS A 140 -7.48 3.07 18.24
C LYS A 140 -8.02 1.68 18.57
N PRO A 141 -9.12 1.60 19.33
CA PRO A 141 -9.75 0.29 19.56
C PRO A 141 -10.19 -0.33 18.24
N SER A 142 -10.14 -1.66 18.18
CA SER A 142 -10.43 -2.36 16.95
C SER A 142 -11.89 -2.16 16.53
N VAL A 143 -12.09 -1.90 15.24
CA VAL A 143 -13.41 -1.66 14.66
C VAL A 143 -13.53 -2.52 13.41
N HIS A 144 -14.38 -3.53 13.46
CA HIS A 144 -14.66 -4.41 12.34
C HIS A 144 -16.10 -4.28 11.85
N ASP A 145 -16.84 -3.32 12.39
CA ASP A 145 -18.30 -3.29 12.29
C ASP A 145 -18.83 -3.11 10.87
N GLY A 146 -18.61 -1.95 10.26
CA GLY A 146 -19.32 -1.56 9.06
C GLY A 146 -18.51 -0.69 8.13
N ASP A 147 -19.16 0.35 7.60
CA ASP A 147 -18.61 1.09 6.47
C ASP A 147 -17.34 1.86 6.83
N LYS A 148 -17.16 2.19 8.11
CA LYS A 148 -15.96 2.89 8.53
C LYS A 148 -14.74 2.00 8.30
N GLU A 149 -13.61 2.66 8.02
CA GLU A 149 -12.38 1.94 7.69
C GLU A 149 -12.05 0.91 8.77
N PRO A 150 -11.58 -0.27 8.40
CA PRO A 150 -11.26 -1.29 9.41
C PRO A 150 -10.06 -0.88 10.24
N ILE A 151 -10.20 -0.98 11.55
CA ILE A 151 -9.13 -0.70 12.50
C ILE A 151 -8.72 -2.01 13.16
N HIS A 152 -7.48 -2.43 12.94
CA HIS A 152 -6.95 -3.66 13.50
C HIS A 152 -5.64 -3.37 14.21
N VAL A 153 -5.06 -4.41 14.82
CA VAL A 153 -3.87 -4.22 15.65
C VAL A 153 -2.67 -3.74 14.84
N LEU A 154 -2.69 -3.94 13.52
CA LEU A 154 -1.56 -3.54 12.69
C LEU A 154 -1.63 -2.08 12.24
N ASN A 155 -2.81 -1.47 12.24
CA ASN A 155 -2.96 -0.08 11.84
C ASN A 155 -3.64 0.78 12.90
N ALA A 156 -3.85 0.24 14.11
CA ALA A 156 -4.48 1.02 15.17
C ALA A 156 -3.61 2.17 15.62
N GLU A 157 -2.28 2.03 15.52
CA GLU A 157 -1.40 3.13 15.89
C GLU A 157 -1.47 4.26 14.88
N GLU A 158 -1.45 3.92 13.58
CA GLU A 158 -1.54 4.95 12.55
C GLU A 158 -2.88 5.66 12.59
N ALA A 159 -3.96 4.94 12.92
CA ALA A 159 -5.28 5.55 13.01
C ALA A 159 -5.43 6.46 14.22
N PHE A 160 -4.48 6.42 15.17
CA PHE A 160 -4.53 7.30 16.34
C PHE A 160 -3.84 8.63 16.10
N LEU A 161 -2.90 8.69 15.17
CA LEU A 161 -2.16 9.93 14.92
C LEU A 161 -3.05 11.15 14.69
N PRO A 162 -4.20 11.06 14.01
CA PRO A 162 -5.09 12.24 13.97
C PRO A 162 -5.50 12.73 15.35
N ALA A 163 -5.75 11.82 16.30
CA ALA A 163 -6.08 12.24 17.65
C ALA A 163 -4.91 12.91 18.34
N LEU A 164 -3.68 12.46 18.07
CA LEU A 164 -2.51 13.08 18.67
C LEU A 164 -2.31 14.49 18.16
N LYS A 165 -2.53 14.71 16.86
CA LYS A 165 -2.33 16.04 16.30
C LYS A 165 -3.43 17.01 16.71
N LYS A 166 -4.63 16.51 17.00
CA LYS A 166 -5.68 17.38 17.49
C LYS A 166 -5.45 17.75 18.95
N LEU A 167 -4.92 16.83 19.75
CA LEU A 167 -4.62 17.14 21.15
C LEU A 167 -3.47 18.13 21.25
N HIS A 168 -2.47 18.01 20.38
CA HIS A 168 -1.38 18.96 20.36
C HIS A 168 -1.84 20.33 19.87
N ASN A 169 -2.89 20.37 19.06
CA ASN A 169 -3.41 21.64 18.57
C ASN A 169 -4.23 22.36 19.63
N ASP A 170 -5.13 21.64 20.31
CA ASP A 170 -6.00 22.25 21.30
C ASP A 170 -5.29 22.57 22.61
N PHE A 171 -4.19 21.89 22.92
CA PHE A 171 -3.40 22.14 24.12
C PHE A 171 -1.94 22.28 23.70
N PRO A 172 -1.55 23.47 23.22
CA PRO A 172 -0.20 23.62 22.67
C PRO A 172 0.90 23.62 23.73
N ASN A 173 0.62 24.12 24.93
CA ASN A 173 1.63 24.18 25.98
C ASN A 173 1.71 22.89 26.80
N LEU A 174 0.80 21.95 26.58
CA LEU A 174 0.84 20.68 27.30
C LEU A 174 1.94 19.79 26.74
N LYS A 175 2.63 19.08 27.63
CA LYS A 175 3.66 18.13 27.23
C LYS A 175 3.02 16.77 27.02
N ILE A 176 3.08 16.28 25.78
CA ILE A 176 2.44 15.03 25.38
C ILE A 176 3.51 14.06 24.91
N ILE A 177 3.31 12.78 25.22
CA ILE A 177 4.24 11.73 24.84
C ILE A 177 3.46 10.61 24.16
N LEU A 178 3.83 10.32 22.91
CA LEU A 178 3.29 9.14 22.21
C LEU A 178 4.11 7.94 22.66
N GLU A 179 3.61 7.22 23.66
CA GLU A 179 4.37 6.15 24.28
C GLU A 179 4.56 4.97 23.34
N HIS A 180 5.73 4.34 23.44
CA HIS A 180 6.08 3.08 22.77
C HIS A 180 5.60 3.06 21.31
N CYS A 181 6.18 3.97 20.51
CA CYS A 181 5.91 3.99 19.08
C CYS A 181 6.34 2.67 18.44
N THR A 182 5.52 2.19 17.51
CA THR A 182 5.76 0.91 16.85
C THR A 182 5.73 0.96 15.33
N SER A 183 5.16 2.00 14.73
CA SER A 183 5.01 2.09 13.28
C SER A 183 5.88 3.21 12.72
N GLU A 184 6.19 3.10 11.43
CA GLU A 184 6.90 4.18 10.75
C GLU A 184 6.02 5.41 10.59
N SER A 185 4.72 5.19 10.38
CA SER A 185 3.79 6.32 10.22
C SER A 185 3.78 7.20 11.47
N ALA A 186 3.90 6.59 12.65
CA ALA A 186 3.94 7.37 13.88
C ALA A 186 5.26 8.10 14.05
N ILE A 187 6.34 7.55 13.50
CA ILE A 187 7.64 8.21 13.59
C ILE A 187 7.67 9.47 12.73
N LYS A 188 7.11 9.38 11.52
CA LYS A 188 7.08 10.55 10.64
C LYS A 188 6.22 11.66 11.21
N THR A 189 5.15 11.31 11.94
CA THR A 189 4.29 12.33 12.54
C THR A 189 5.03 13.06 13.66
N ILE A 190 5.83 12.35 14.45
CA ILE A 190 6.60 12.99 15.50
C ILE A 190 7.63 13.95 14.91
N GLU A 191 8.25 13.55 13.79
CA GLU A 191 9.21 14.44 13.14
C GLU A 191 8.52 15.64 12.49
N ASP A 192 7.27 15.48 12.04
CA ASP A 192 6.55 16.60 11.46
C ASP A 192 6.09 17.60 12.52
N ILE A 193 5.66 17.09 13.68
CA ILE A 193 5.32 18.00 14.78
C ILE A 193 6.55 18.76 15.24
N ASN A 194 7.69 18.06 15.34
CA ASN A 194 8.95 18.70 15.70
C ASN A 194 9.69 19.14 14.44
N LYS A 195 9.01 19.98 13.65
CA LYS A 195 9.57 20.44 12.38
C LYS A 195 10.83 21.26 12.60
N ASN A 196 10.70 22.40 13.29
CA ASN A 196 11.78 23.37 13.36
C ASN A 196 12.23 23.63 14.79
N VAL A 197 12.43 22.56 15.57
CA VAL A 197 12.92 22.69 16.94
C VAL A 197 14.29 22.01 16.99
N LYS A 198 15.33 22.81 16.77
CA LYS A 198 16.69 22.43 17.15
C LYS A 198 16.98 22.83 18.60
N LYS A 199 15.94 23.11 19.36
CA LYS A 199 16.04 23.57 20.74
C LYS A 199 15.60 22.41 21.63
N ALA A 200 16.56 21.88 22.41
CA ALA A 200 16.30 20.65 23.17
C ALA A 200 15.16 20.80 24.15
N THR A 201 15.00 22.00 24.74
CA THR A 201 13.97 22.23 25.75
C THR A 201 12.62 22.64 25.16
N ASP A 202 12.55 22.85 23.85
CA ASP A 202 11.31 23.27 23.20
C ASP A 202 10.49 22.08 22.70
N VAL A 203 10.90 20.86 23.01
CA VAL A 203 10.16 19.67 22.61
C VAL A 203 8.96 19.51 23.55
N LYS A 204 7.75 19.67 23.01
CA LYS A 204 6.53 19.51 23.79
C LYS A 204 5.80 18.21 23.48
N VAL A 205 5.98 17.64 22.30
CA VAL A 205 5.39 16.35 21.93
C VAL A 205 6.52 15.41 21.57
N ALA A 206 6.82 14.48 22.47
CA ALA A 206 7.90 13.52 22.28
C ALA A 206 7.32 12.13 22.09
N ALA A 207 8.22 11.15 21.94
CA ALA A 207 7.80 9.76 21.73
C ALA A 207 8.85 8.85 22.34
N THR A 208 8.40 7.92 23.19
CA THR A 208 9.29 6.95 23.80
C THR A 208 9.40 5.70 22.93
N LEU A 209 10.55 5.05 23.00
CA LEU A 209 10.82 3.81 22.28
C LEU A 209 11.18 2.73 23.29
N THR A 210 10.67 1.53 23.05
CA THR A 210 10.93 0.41 23.96
C THR A 210 12.16 -0.37 23.52
N ALA A 211 12.58 -1.31 24.36
CA ALA A 211 13.72 -2.16 24.03
C ALA A 211 13.32 -3.27 23.08
N HIS A 212 12.15 -3.88 23.29
CA HIS A 212 11.74 -5.02 22.46
C HIS A 212 11.31 -4.59 21.07
N HIS A 213 10.76 -3.37 20.93
CA HIS A 213 10.33 -2.92 19.60
C HIS A 213 11.50 -2.56 18.70
N LEU A 214 12.71 -2.45 19.24
CA LEU A 214 13.91 -2.27 18.42
C LEU A 214 14.50 -3.59 17.95
N PHE A 215 14.00 -4.72 18.46
CA PHE A 215 14.42 -6.05 18.03
C PHE A 215 13.34 -6.79 17.27
N LEU A 216 12.11 -6.78 17.78
CA LEU A 216 11.08 -7.68 17.32
C LEU A 216 10.37 -7.15 16.08
N THR A 217 9.95 -8.09 15.23
CA THR A 217 9.00 -7.86 14.15
C THR A 217 7.78 -8.74 14.41
N ILE A 218 6.86 -8.79 13.44
CA ILE A 218 5.67 -9.61 13.62
C ILE A 218 6.03 -11.09 13.67
N ASP A 219 7.08 -11.49 12.97
CA ASP A 219 7.48 -12.90 12.96
C ASP A 219 7.94 -13.38 14.33
N ASP A 220 8.41 -12.48 15.18
CA ASP A 220 8.96 -12.90 16.47
C ASP A 220 7.86 -13.24 17.48
N TRP A 221 6.72 -12.56 17.44
CA TRP A 221 5.63 -12.84 18.36
C TRP A 221 4.50 -13.65 17.74
N ALA A 222 4.66 -14.09 16.49
CA ALA A 222 3.60 -14.85 15.83
C ALA A 222 3.30 -16.15 16.58
N GLY A 223 4.32 -16.98 16.77
CA GLY A 223 4.13 -18.22 17.50
C GLY A 223 4.77 -18.18 18.87
N ASN A 224 5.09 -16.99 19.36
CA ASN A 224 5.75 -16.81 20.65
C ASN A 224 4.98 -15.78 21.46
N PRO A 225 4.14 -16.22 22.40
CA PRO A 225 3.39 -15.25 23.22
C PRO A 225 4.26 -14.38 24.09
N VAL A 226 5.50 -14.79 24.39
CA VAL A 226 6.35 -13.98 25.26
C VAL A 226 6.68 -12.64 24.62
N ASN A 227 6.84 -12.64 23.29
CA ASN A 227 7.14 -11.42 22.56
C ASN A 227 5.89 -10.63 22.18
N PHE A 228 4.71 -11.09 22.58
CA PHE A 228 3.47 -10.39 22.27
C PHE A 228 3.27 -9.24 23.25
N CYS A 229 2.97 -8.06 22.72
CA CYS A 229 2.74 -6.88 23.54
C CYS A 229 1.87 -5.91 22.74
N LYS A 230 1.51 -4.79 23.37
CA LYS A 230 0.73 -3.76 22.72
C LYS A 230 1.47 -2.44 22.78
N PRO A 231 1.65 -1.75 21.64
CA PRO A 231 1.22 -2.18 20.31
C PRO A 231 2.09 -3.32 19.77
N VAL A 232 1.52 -4.12 18.87
CA VAL A 232 2.21 -5.30 18.37
C VAL A 232 3.46 -4.89 17.59
N ALA A 233 4.44 -5.79 17.53
CA ALA A 233 5.63 -5.55 16.73
C ALA A 233 5.28 -5.63 15.25
N LYS A 234 5.53 -4.54 14.53
CA LYS A 234 5.06 -4.39 13.17
C LYS A 234 6.13 -4.86 12.17
N LEU A 235 5.96 -4.49 10.91
CA LEU A 235 6.80 -4.97 9.82
C LEU A 235 8.26 -4.55 10.01
N PRO A 236 9.18 -5.21 9.30
CA PRO A 236 10.60 -4.79 9.39
C PRO A 236 10.84 -3.37 8.96
N ASN A 237 10.06 -2.86 8.00
CA ASN A 237 10.18 -1.45 7.63
C ASN A 237 9.86 -0.55 8.81
N ASP A 238 8.95 -0.97 9.69
CA ASP A 238 8.67 -0.19 10.88
C ASP A 238 9.80 -0.29 11.89
N LYS A 239 10.36 -1.48 12.07
CA LYS A 239 11.53 -1.63 12.94
C LYS A 239 12.70 -0.83 12.40
N LYS A 240 12.84 -0.73 11.07
CA LYS A 240 13.89 0.09 10.48
C LYS A 240 13.73 1.54 10.87
N ALA A 241 12.51 2.06 10.85
CA ALA A 241 12.28 3.45 11.23
C ALA A 241 12.48 3.67 12.72
N LEU A 242 12.10 2.69 13.54
CA LEU A 242 12.27 2.83 14.99
C LEU A 242 13.74 2.82 15.38
N VAL A 243 14.51 1.89 14.81
CA VAL A 243 15.93 1.81 15.15
C VAL A 243 16.66 3.06 14.69
N LYS A 244 16.34 3.57 13.50
CA LYS A 244 16.94 4.82 13.05
C LYS A 244 16.53 5.97 13.95
N ALA A 245 15.28 5.98 14.42
CA ALA A 245 14.83 7.02 15.34
C ALA A 245 15.45 6.86 16.72
N ALA A 246 15.90 5.66 17.09
CA ALA A 246 16.51 5.47 18.40
C ALA A 246 17.91 6.04 18.43
N VAL A 247 18.72 5.73 17.42
CA VAL A 247 20.09 6.23 17.31
C VAL A 247 20.08 7.59 16.62
N SER A 248 18.88 8.16 16.44
CA SER A 248 18.74 9.42 15.73
C SER A 248 19.49 10.55 16.43
N GLY A 249 19.40 10.61 17.76
CA GLY A 249 20.00 11.69 18.52
C GLY A 249 19.15 12.94 18.63
N LYS A 250 17.93 12.93 18.09
CA LYS A 250 17.04 14.06 18.24
C LYS A 250 16.40 14.06 19.63
N PRO A 251 16.12 15.25 20.18
CA PRO A 251 15.67 15.31 21.58
C PRO A 251 14.26 14.78 21.81
N TYR A 252 13.46 14.56 20.77
CA TYR A 252 12.10 14.07 20.93
C TYR A 252 12.01 12.55 20.91
N PHE A 253 13.11 11.85 21.15
CA PHE A 253 13.13 10.39 21.23
C PHE A 253 14.00 9.99 22.42
N PHE A 254 13.38 9.47 23.47
CA PHE A 254 14.09 8.93 24.62
C PHE A 254 13.50 7.58 24.99
N PHE A 255 14.10 6.94 26.00
CA PHE A 255 13.86 5.53 26.27
C PHE A 255 12.73 5.35 27.28
N GLY A 256 11.74 4.53 26.90
CA GLY A 256 10.72 4.03 27.81
C GLY A 256 10.53 2.55 27.57
N SER A 257 10.81 1.72 28.58
CA SER A 257 10.95 0.28 28.34
C SER A 257 9.60 -0.39 28.11
N ASP A 258 8.54 0.07 28.77
CA ASP A 258 7.25 -0.61 28.79
C ASP A 258 7.42 -2.07 29.26
N SER A 259 8.31 -2.26 30.23
CA SER A 259 8.55 -3.58 30.79
C SER A 259 7.31 -4.03 31.57
N ALA A 260 6.58 -5.00 31.03
CA ALA A 260 5.35 -5.47 31.63
C ALA A 260 5.53 -6.89 32.16
N PRO A 261 5.78 -7.07 33.46
CA PRO A 261 5.98 -8.42 34.00
C PRO A 261 4.65 -9.14 34.19
N HIS A 262 4.59 -10.38 33.74
CA HIS A 262 3.46 -11.27 33.97
C HIS A 262 3.98 -12.62 34.43
N PRO A 263 3.24 -13.32 35.29
CA PRO A 263 3.59 -14.71 35.59
C PRO A 263 3.54 -15.54 34.31
N VAL A 264 4.44 -16.52 34.23
CA VAL A 264 4.53 -17.36 33.04
C VAL A 264 3.22 -18.07 32.75
N GLN A 265 2.39 -18.29 33.76
CA GLN A 265 1.09 -18.90 33.54
C GLN A 265 0.17 -17.99 32.74
N ASN A 266 0.37 -16.68 32.83
CA ASN A 266 -0.44 -15.72 32.07
C ASN A 266 0.02 -15.58 30.63
N LYS A 267 1.09 -16.26 30.23
CA LYS A 267 1.58 -16.20 28.86
C LYS A 267 1.40 -17.51 28.11
N ALA A 268 1.37 -18.65 28.83
CA ALA A 268 1.15 -19.95 28.20
C ALA A 268 -0.34 -20.27 28.09
N ASN A 269 -1.09 -19.34 27.52
CA ASN A 269 -2.52 -19.51 27.29
C ASN A 269 -2.76 -19.81 25.82
N TYR A 270 -3.73 -20.69 25.55
CA TYR A 270 -4.13 -20.90 24.16
C TYR A 270 -5.08 -19.82 23.66
N GLU A 271 -5.58 -18.96 24.55
CA GLU A 271 -6.38 -17.81 24.15
C GLU A 271 -6.33 -16.78 25.27
N GLY A 272 -6.34 -15.51 24.89
CA GLY A 272 -6.29 -14.43 25.86
C GLY A 272 -4.94 -14.29 26.54
N VAL A 273 -3.87 -14.31 25.75
CA VAL A 273 -2.53 -14.15 26.31
C VAL A 273 -2.34 -12.71 26.77
N CYS A 274 -1.80 -12.53 27.97
CA CYS A 274 -1.52 -11.20 28.47
C CYS A 274 -0.45 -10.52 27.63
N ALA A 275 -0.64 -9.24 27.36
CA ALA A 275 0.29 -8.48 26.53
C ALA A 275 1.39 -7.85 27.39
N GLY A 276 2.57 -7.72 26.81
CA GLY A 276 3.67 -7.08 27.49
C GLY A 276 4.94 -7.93 27.53
N VAL A 277 6.08 -7.30 27.26
CA VAL A 277 7.38 -7.95 27.33
C VAL A 277 8.10 -7.44 28.57
N TYR A 278 8.79 -8.34 29.26
CA TYR A 278 9.56 -7.97 30.46
C TYR A 278 11.01 -7.73 30.04
N SER A 279 11.46 -6.48 30.19
CA SER A 279 12.82 -6.10 29.83
C SER A 279 13.49 -5.28 30.92
N GLN A 280 12.98 -5.33 32.15
CA GLN A 280 13.50 -4.50 33.23
C GLN A 280 14.82 -5.01 33.78
N SER A 281 15.01 -6.33 33.83
CA SER A 281 16.20 -6.90 34.43
C SER A 281 17.47 -6.58 33.65
N PHE A 282 17.34 -6.25 32.36
CA PHE A 282 18.49 -5.92 31.53
C PHE A 282 18.17 -4.71 30.66
N ALA A 283 17.52 -3.70 31.25
CA ALA A 283 17.00 -2.58 30.49
C ALA A 283 18.09 -1.88 29.67
N ILE A 284 19.17 -1.48 30.34
CA ILE A 284 20.24 -0.75 29.67
C ILE A 284 21.04 -1.67 28.75
N PRO A 285 21.44 -2.88 29.17
CA PRO A 285 22.15 -3.76 28.23
C PRO A 285 21.36 -4.09 26.97
N TYR A 286 20.03 -4.11 27.03
CA TYR A 286 19.23 -4.32 25.83
C TYR A 286 19.46 -3.20 24.82
N ILE A 287 19.32 -1.95 25.26
CA ILE A 287 19.51 -0.80 24.37
C ILE A 287 20.98 -0.69 23.95
N ALA A 288 21.90 -1.14 24.80
CA ALA A 288 23.32 -1.06 24.47
C ALA A 288 23.66 -1.88 23.23
N GLN A 289 22.99 -3.01 23.04
CA GLN A 289 23.28 -3.85 21.88
C GLN A 289 22.82 -3.18 20.59
N VAL A 290 21.70 -2.45 20.64
CA VAL A 290 21.20 -1.78 19.45
C VAL A 290 22.15 -0.67 19.01
N PHE A 291 22.57 0.17 19.96
CA PHE A 291 23.47 1.26 19.62
C PHE A 291 24.85 0.79 19.22
N GLU A 292 25.26 -0.41 19.68
CA GLU A 292 26.54 -0.95 19.24
C GLU A 292 26.46 -1.47 17.81
N GLU A 293 25.39 -2.20 17.48
CA GLU A 293 25.22 -2.72 16.14
C GLU A 293 24.99 -1.61 15.13
N GLN A 294 24.50 -0.45 15.57
CA GLN A 294 24.31 0.70 14.69
C GLN A 294 25.51 1.63 14.67
N ASN A 295 26.56 1.33 15.45
CA ASN A 295 27.76 2.15 15.54
C ASN A 295 27.43 3.59 15.91
N ALA A 296 26.55 3.75 16.89
CA ALA A 296 26.13 5.07 17.36
C ALA A 296 26.11 5.11 18.88
N LEU A 297 27.11 4.50 19.51
CA LEU A 297 27.17 4.48 20.96
C LEU A 297 27.37 5.86 21.56
N GLU A 298 27.79 6.85 20.77
CA GLU A 298 27.95 8.21 21.27
C GLU A 298 26.60 8.86 21.58
N ASN A 299 25.51 8.37 21.00
CA ASN A 299 24.18 8.89 21.26
C ASN A 299 23.42 8.06 22.29
N LEU A 300 24.08 7.11 22.93
CA LEU A 300 23.41 6.26 23.91
C LEU A 300 23.03 7.04 25.16
N LYS A 301 23.91 7.94 25.61
CA LYS A 301 23.64 8.69 26.83
C LYS A 301 22.47 9.66 26.63
N GLY A 302 22.41 10.31 25.47
CA GLY A 302 21.30 11.23 25.21
C GLY A 302 19.96 10.52 25.13
N PHE A 303 19.92 9.37 24.46
CA PHE A 303 18.66 8.64 24.32
C PHE A 303 18.20 8.06 25.65
N VAL A 304 19.13 7.56 26.46
CA VAL A 304 18.76 6.88 27.69
C VAL A 304 18.65 7.86 28.86
N SER A 305 19.52 8.87 28.92
CA SER A 305 19.60 9.74 30.08
C SER A 305 19.21 11.18 29.81
N ASP A 306 19.83 11.82 28.83
CA ASP A 306 19.72 13.27 28.70
C ASP A 306 18.32 13.69 28.25
N PHE A 307 17.81 13.07 27.19
CA PHE A 307 16.51 13.51 26.65
C PHE A 307 15.37 13.19 27.60
N GLY A 308 15.50 12.13 28.41
CA GLY A 308 14.46 11.83 29.37
C GLY A 308 14.40 12.82 30.51
N ILE A 309 15.57 13.22 31.03
CA ILE A 309 15.61 14.18 32.13
C ILE A 309 15.16 15.55 31.66
N SER A 310 15.57 15.95 30.44
CA SER A 310 15.24 17.27 29.94
C SER A 310 13.73 17.43 29.76
N PHE A 311 13.08 16.44 29.16
CA PHE A 311 11.65 16.55 28.87
C PHE A 311 10.83 16.56 30.16
N TYR A 312 11.12 15.63 31.07
CA TYR A 312 10.41 15.57 32.34
C TYR A 312 10.87 16.62 33.33
N GLU A 313 11.95 17.35 33.02
CA GLU A 313 12.49 18.40 33.89
C GLU A 313 12.79 17.86 35.29
N VAL A 314 13.59 16.80 35.33
CA VAL A 314 13.96 16.17 36.59
C VAL A 314 15.10 16.98 37.21
N LYS A 315 14.80 17.75 38.24
CA LYS A 315 15.82 18.51 38.94
C LYS A 315 16.57 17.61 39.92
N ASP A 316 17.79 18.02 40.26
CA ASP A 316 18.66 17.19 41.09
C ASP A 316 18.14 17.04 42.51
N SER A 317 17.22 17.90 42.94
CA SER A 317 16.69 17.81 44.31
C SER A 317 15.71 16.65 44.48
N GLU A 318 15.32 15.97 43.40
CA GLU A 318 14.38 14.86 43.49
C GLU A 318 15.04 13.50 43.38
N VAL A 319 16.24 13.42 42.81
CA VAL A 319 16.90 12.14 42.57
C VAL A 319 17.23 11.51 43.91
N ALA A 320 16.72 10.29 44.13
CA ALA A 320 16.90 9.61 45.41
C ALA A 320 18.33 9.11 45.61
N SER A 321 19.11 8.99 44.54
CA SER A 321 20.49 8.53 44.64
C SER A 321 21.25 8.99 43.41
N SER A 322 22.28 9.81 43.63
CA SER A 322 23.07 10.38 42.55
C SER A 322 24.10 9.40 41.99
N ASP A 323 23.99 8.12 42.29
CA ASP A 323 24.90 7.12 41.73
C ASP A 323 24.76 7.08 40.22
N LYS A 324 25.89 6.97 39.52
CA LYS A 324 25.91 6.95 38.07
C LYS A 324 25.96 5.52 37.56
N ALA A 325 25.36 5.30 36.39
CA ALA A 325 25.29 3.99 35.77
C ALA A 325 26.42 3.84 34.76
N ILE A 326 27.33 2.90 35.01
CA ILE A 326 28.48 2.66 34.14
C ILE A 326 28.21 1.39 33.35
N LEU A 327 28.31 1.50 32.02
CA LEU A 327 28.07 0.38 31.12
C LEU A 327 29.42 -0.13 30.62
N PHE A 328 29.84 -1.29 31.13
CA PHE A 328 31.11 -1.89 30.75
C PHE A 328 30.86 -3.15 29.92
N LYS A 329 31.68 -3.32 28.88
CA LYS A 329 31.48 -4.39 27.89
C LYS A 329 31.95 -5.71 28.48
N LYS A 330 31.02 -6.41 29.15
CA LYS A 330 31.25 -7.74 29.69
C LYS A 330 30.10 -8.64 29.25
N GLU A 331 30.43 -9.74 28.58
CA GLU A 331 29.42 -10.66 28.09
C GLU A 331 28.68 -11.32 29.25
N GLN A 332 27.35 -11.35 29.16
CA GLN A 332 26.52 -12.05 30.14
C GLN A 332 25.36 -12.70 29.42
N VAL A 333 25.00 -13.90 29.84
CA VAL A 333 23.89 -14.64 29.26
C VAL A 333 22.62 -14.29 30.02
N ILE A 334 21.52 -14.15 29.30
CA ILE A 334 20.24 -13.81 29.90
C ILE A 334 19.60 -15.09 30.44
N PRO A 335 19.16 -15.11 31.70
CA PRO A 335 18.58 -16.34 32.25
C PRO A 335 17.33 -16.77 31.49
N GLN A 336 17.02 -18.06 31.60
CA GLN A 336 15.82 -18.59 30.95
C GLN A 336 14.56 -18.17 31.69
N VAL A 337 14.66 -17.88 32.99
CA VAL A 337 13.50 -17.51 33.79
C VAL A 337 13.94 -16.66 34.98
N ILE A 338 13.24 -15.56 35.21
CA ILE A 338 13.47 -14.69 36.37
C ILE A 338 12.42 -15.03 37.42
N SER A 339 12.85 -15.67 38.50
CA SER A 339 11.94 -16.15 39.53
C SER A 339 12.32 -15.55 40.88
N ASP A 340 11.35 -15.60 41.81
CA ASP A 340 11.54 -15.11 43.17
C ASP A 340 11.54 -16.25 44.19
N GLY A 341 11.82 -17.47 43.75
CA GLY A 341 11.76 -18.60 44.65
C GLY A 341 10.37 -18.91 45.17
N LYS A 342 9.34 -18.51 44.46
CA LYS A 342 7.96 -18.66 44.91
C LYS A 342 7.09 -18.87 43.67
N ASP A 343 5.78 -18.65 43.83
CA ASP A 343 4.82 -18.86 42.74
C ASP A 343 5.09 -17.98 41.52
N ILE A 344 5.92 -16.95 41.64
CA ILE A 344 6.15 -15.99 40.57
C ILE A 344 7.34 -16.43 39.73
N SER A 345 7.18 -16.37 38.40
CA SER A 345 8.25 -16.66 37.47
C SER A 345 8.01 -15.86 36.19
N ILE A 346 9.08 -15.26 35.67
CA ILE A 346 9.01 -14.39 34.50
C ILE A 346 9.94 -14.93 33.43
N ILE A 347 9.50 -14.85 32.17
CA ILE A 347 10.36 -15.13 31.02
C ILE A 347 10.89 -13.81 30.51
N PRO A 348 12.17 -13.50 30.71
CA PRO A 348 12.68 -12.18 30.32
C PRO A 348 12.86 -12.08 28.80
N PHE A 349 12.94 -10.84 28.34
CA PHE A 349 13.09 -10.58 26.91
C PHE A 349 14.45 -11.09 26.43
N LYS A 350 14.43 -11.78 25.28
CA LYS A 350 15.63 -12.37 24.70
C LYS A 350 16.30 -13.34 25.68
N ALA A 351 15.49 -14.15 26.35
CA ALA A 351 16.01 -15.11 27.32
C ALA A 351 16.85 -16.17 26.64
N GLY A 352 18.07 -16.37 27.14
CA GLY A 352 19.00 -17.33 26.62
C GLY A 352 20.12 -16.74 25.77
N ASP A 353 19.86 -15.60 25.13
CA ASP A 353 20.87 -14.94 24.32
C ASP A 353 21.90 -14.25 25.21
N LYS A 354 23.03 -13.89 24.60
CA LYS A 354 24.11 -13.21 25.31
C LYS A 354 24.17 -11.75 24.87
N LEU A 355 24.37 -10.86 25.84
CA LEU A 355 24.52 -9.44 25.59
C LEU A 355 25.99 -9.05 25.74
N SER A 356 26.47 -8.19 24.84
CA SER A 356 27.87 -7.78 24.87
C SER A 356 28.19 -6.86 26.04
N TRP A 357 27.18 -6.23 26.64
CA TRP A 357 27.40 -5.23 27.67
C TRP A 357 26.81 -5.67 29.00
N SER A 358 27.36 -5.11 30.07
CA SER A 358 26.82 -5.24 31.42
C SER A 358 26.74 -3.85 32.03
N VAL A 359 26.16 -3.76 33.23
CA VAL A 359 25.94 -2.48 33.89
C VAL A 359 26.31 -2.60 35.36
N ARG A 360 26.96 -1.57 35.88
CA ARG A 360 27.30 -1.47 37.30
C ARG A 360 27.10 -0.03 37.74
N TRP A 361 27.18 0.20 39.05
CA TRP A 361 26.91 1.50 39.64
C TRP A 361 28.18 2.10 40.22
N GLU A 362 28.42 3.38 39.93
CA GLU A 362 29.57 4.11 40.43
C GLU A 362 29.08 5.43 40.99
N PRO A 363 29.22 5.69 42.29
CA PRO A 363 28.67 6.91 42.87
C PRO A 363 29.51 8.14 42.53
N ARG A 364 28.90 9.30 42.71
CA ARG A 364 29.58 10.56 42.51
C ARG A 364 30.32 10.98 43.77
N LEU A 365 31.37 11.76 43.59
CA LEU A 365 32.25 12.14 44.70
C LEU A 365 32.48 13.65 44.73
N VAL B 2 -37.53 -28.58 8.84
CA VAL B 2 -36.48 -27.59 8.65
C VAL B 2 -35.91 -27.70 7.23
N GLN B 3 -35.22 -26.64 6.81
CA GLN B 3 -34.66 -26.60 5.47
C GLN B 3 -33.50 -27.59 5.34
N GLU B 4 -33.41 -28.23 4.17
CA GLU B 4 -32.37 -29.22 3.91
C GLU B 4 -31.65 -28.89 2.60
N ILE B 5 -30.40 -29.32 2.50
CA ILE B 5 -29.57 -29.09 1.33
C ILE B 5 -28.81 -30.37 1.01
N ASP B 6 -29.01 -30.90 -0.19
CA ASP B 6 -28.30 -32.08 -0.66
C ASP B 6 -26.96 -31.66 -1.25
N LEU B 7 -25.86 -32.12 -0.65
CA LEU B 7 -24.53 -31.75 -1.08
C LEU B 7 -23.81 -32.86 -1.84
N GLY B 8 -24.37 -34.05 -1.92
CA GLY B 8 -23.70 -35.12 -2.64
C GLY B 8 -22.45 -35.59 -1.93
N LEU B 9 -21.40 -35.82 -2.71
CA LEU B 9 -20.12 -36.32 -2.19
C LEU B 9 -19.22 -35.12 -1.90
N THR B 10 -19.18 -34.70 -0.63
CA THR B 10 -18.40 -33.55 -0.24
C THR B 10 -16.91 -33.85 -0.32
N CYS B 11 -16.11 -32.79 -0.43
CA CYS B 11 -14.67 -32.89 -0.57
C CYS B 11 -13.97 -31.93 0.39
N ASP B 12 -12.93 -32.43 1.05
CA ASP B 12 -12.04 -31.62 1.87
C ASP B 12 -10.61 -31.98 1.44
N MET B 13 -10.05 -31.18 0.53
CA MET B 13 -8.79 -31.52 -0.11
C MET B 13 -7.57 -31.07 0.69
N HIS B 14 -7.72 -30.88 2.01
CA HIS B 14 -6.58 -30.52 2.86
C HIS B 14 -6.92 -30.97 4.28
N VAL B 15 -6.33 -32.08 4.71
CA VAL B 15 -6.66 -32.70 5.99
C VAL B 15 -5.39 -33.21 6.65
N HIS B 16 -5.27 -32.99 7.96
CA HIS B 16 -4.14 -33.48 8.75
C HIS B 16 -4.64 -34.49 9.76
N VAL B 17 -4.12 -35.70 9.70
CA VAL B 17 -4.64 -36.86 10.42
C VAL B 17 -3.57 -37.49 11.30
N ARG B 18 -2.75 -36.66 11.96
CA ARG B 18 -1.49 -37.06 12.59
C ARG B 18 -1.51 -38.43 13.27
N GLU B 19 -0.38 -39.13 13.20
CA GLU B 19 -0.27 -40.51 13.68
C GLU B 19 -0.62 -40.61 15.16
N GLY B 20 -0.73 -41.86 15.62
CA GLY B 20 -0.94 -42.14 17.03
C GLY B 20 -2.40 -42.13 17.44
N ALA B 21 -2.62 -41.93 18.73
CA ALA B 21 -3.97 -41.81 19.25
C ALA B 21 -4.70 -40.61 18.67
N MET B 22 -3.95 -39.61 18.20
CA MET B 22 -4.57 -38.48 17.50
C MET B 22 -5.28 -38.96 16.24
N CYS B 23 -4.67 -39.91 15.52
CA CYS B 23 -5.26 -40.41 14.28
C CYS B 23 -6.59 -41.11 14.56
N GLU B 24 -6.64 -41.93 15.61
CA GLU B 24 -7.86 -42.66 15.95
C GLU B 24 -8.96 -41.73 16.43
N LEU B 25 -8.61 -40.49 16.83
CA LEU B 25 -9.59 -39.53 17.32
C LEU B 25 -10.13 -38.63 16.21
N VAL B 26 -9.26 -38.13 15.34
CA VAL B 26 -9.69 -37.16 14.34
C VAL B 26 -10.19 -37.78 13.05
N THR B 27 -9.77 -39.02 12.73
CA THR B 27 -10.21 -39.64 11.48
C THR B 27 -11.72 -39.88 11.44
N PRO B 28 -12.38 -40.37 12.50
CA PRO B 28 -13.85 -40.46 12.43
C PRO B 28 -14.53 -39.11 12.33
N LYS B 29 -13.88 -38.05 12.83
CA LYS B 29 -14.48 -36.72 12.76
C LYS B 29 -14.57 -36.20 11.33
N ILE B 30 -13.78 -36.74 10.41
CA ILE B 30 -13.92 -36.37 9.00
C ILE B 30 -15.31 -36.73 8.49
N ARG B 31 -15.75 -37.96 8.78
CA ARG B 31 -17.09 -38.38 8.37
C ARG B 31 -18.16 -37.65 9.18
N ASP B 32 -17.90 -37.38 10.46
CA ASP B 32 -18.86 -36.66 11.27
C ASP B 32 -18.95 -35.19 10.88
N GLY B 33 -17.89 -34.63 10.33
CA GLY B 33 -17.90 -33.26 9.85
C GLY B 33 -18.62 -33.06 8.53
N GLY B 34 -19.11 -34.14 7.91
CA GLY B 34 -19.80 -34.03 6.65
C GLY B 34 -18.93 -34.16 5.42
N VAL B 35 -17.75 -34.77 5.54
CA VAL B 35 -16.79 -34.89 4.45
C VAL B 35 -16.75 -36.34 4.00
N SER B 36 -16.92 -36.57 2.70
CA SER B 36 -16.89 -37.91 2.14
C SER B 36 -15.52 -38.26 1.56
N ILE B 37 -14.86 -37.31 0.91
CA ILE B 37 -13.56 -37.50 0.30
C ILE B 37 -12.57 -36.56 0.96
N ALA B 38 -11.43 -37.08 1.39
CA ALA B 38 -10.43 -36.30 2.10
C ALA B 38 -9.05 -36.54 1.49
N TYR B 39 -8.36 -35.45 1.18
CA TYR B 39 -6.99 -35.51 0.69
C TYR B 39 -6.04 -35.34 1.88
N ILE B 40 -5.24 -36.37 2.15
CA ILE B 40 -4.44 -36.44 3.36
C ILE B 40 -3.04 -35.87 3.07
N MET B 41 -2.58 -34.99 3.95
CA MET B 41 -1.28 -34.33 3.85
C MET B 41 -0.19 -35.15 4.54
N PRO B 42 1.02 -35.16 3.98
CA PRO B 42 2.07 -36.07 4.47
C PRO B 42 3.03 -35.49 5.49
N ASN B 43 2.77 -34.31 6.06
CA ASN B 43 3.73 -33.69 6.96
C ASN B 43 3.76 -34.41 8.31
N LEU B 44 4.22 -35.65 8.30
CA LEU B 44 4.33 -36.47 9.51
C LEU B 44 5.76 -36.40 10.04
N GLN B 45 6.03 -37.17 11.09
CA GLN B 45 7.35 -37.22 11.70
C GLN B 45 7.79 -38.67 11.84
N PRO B 46 8.62 -39.19 10.91
CA PRO B 46 9.12 -38.47 9.73
C PRO B 46 8.07 -38.32 8.63
N PRO B 47 8.29 -37.41 7.69
CA PRO B 47 7.32 -37.23 6.60
C PRO B 47 7.18 -38.48 5.75
N ILE B 48 6.12 -38.50 4.95
CA ILE B 48 5.79 -39.66 4.12
C ILE B 48 6.49 -39.47 2.77
N THR B 49 7.62 -40.14 2.60
CA THR B 49 8.39 -40.06 1.37
C THR B 49 8.64 -41.42 0.71
N THR B 50 8.20 -42.50 1.33
CA THR B 50 8.42 -43.84 0.80
C THR B 50 7.10 -44.48 0.41
N LEU B 51 7.18 -45.46 -0.50
CA LEU B 51 5.97 -46.13 -0.98
C LEU B 51 5.36 -47.01 0.10
N ASP B 52 6.19 -47.67 0.91
CA ASP B 52 5.66 -48.53 1.96
C ASP B 52 4.93 -47.74 3.03
N ARG B 53 5.41 -46.54 3.34
CA ARG B 53 4.81 -45.74 4.41
C ARG B 53 3.47 -45.17 4.00
N VAL B 54 3.27 -44.88 2.71
CA VAL B 54 2.02 -44.30 2.27
C VAL B 54 0.96 -45.37 2.04
N ILE B 55 1.38 -46.62 1.76
CA ILE B 55 0.42 -47.70 1.63
C ILE B 55 -0.13 -48.09 3.01
N GLU B 56 0.76 -48.23 3.98
CA GLU B 56 0.33 -48.58 5.34
C GLU B 56 -0.50 -47.48 5.97
N TYR B 57 -0.21 -46.21 5.65
CA TYR B 57 -0.93 -45.11 6.26
C TYR B 57 -2.38 -45.05 5.80
N LYS B 58 -2.62 -45.27 4.50
CA LYS B 58 -3.98 -45.25 3.97
C LYS B 58 -4.82 -46.39 4.55
N LYS B 59 -4.22 -47.58 4.66
CA LYS B 59 -4.94 -48.71 5.25
C LYS B 59 -5.26 -48.45 6.72
N THR B 60 -4.39 -47.71 7.42
CA THR B 60 -4.71 -47.32 8.79
C THR B 60 -5.88 -46.34 8.82
N LEU B 61 -5.92 -45.41 7.86
CA LEU B 61 -7.02 -44.45 7.80
C LEU B 61 -8.33 -45.14 7.45
N GLN B 62 -8.31 -46.06 6.49
CA GLN B 62 -9.52 -46.78 6.12
C GLN B 62 -9.99 -47.68 7.26
N LYS B 63 -9.07 -48.16 8.09
CA LYS B 63 -9.46 -48.95 9.26
C LYS B 63 -10.23 -48.11 10.27
N LEU B 64 -9.88 -46.82 10.41
CA LEU B 64 -10.55 -45.96 11.36
C LEU B 64 -11.84 -45.38 10.78
N ALA B 65 -11.85 -45.08 9.49
CA ALA B 65 -13.02 -44.51 8.82
C ALA B 65 -13.27 -45.29 7.53
N PRO B 66 -14.01 -46.39 7.61
CA PRO B 66 -14.24 -47.21 6.40
C PRO B 66 -15.07 -46.51 5.34
N LYS B 67 -15.99 -45.62 5.72
CA LYS B 67 -16.87 -44.96 4.77
C LYS B 67 -16.25 -43.73 4.12
N THR B 68 -15.06 -43.32 4.55
CA THR B 68 -14.41 -42.13 4.03
C THR B 68 -13.44 -42.49 2.93
N THR B 69 -13.52 -41.79 1.80
CA THR B 69 -12.59 -41.97 0.70
C THR B 69 -11.33 -41.15 0.95
N PHE B 70 -10.17 -41.79 0.82
CA PHE B 70 -8.89 -41.16 1.11
C PHE B 70 -8.06 -41.04 -0.16
N LEU B 71 -7.45 -39.86 -0.33
CA LEU B 71 -6.52 -39.59 -1.42
C LEU B 71 -5.18 -39.23 -0.79
N MET B 72 -4.19 -40.10 -0.94
CA MET B 72 -2.92 -39.94 -0.25
C MET B 72 -1.99 -38.99 -1.02
N SER B 73 -0.83 -38.73 -0.43
CA SER B 73 0.10 -37.78 -1.03
C SER B 73 1.50 -38.07 -0.52
N PHE B 74 2.49 -37.61 -1.29
CA PHE B 74 3.89 -37.69 -0.92
C PHE B 74 4.39 -36.33 -0.42
N TYR B 75 5.41 -36.37 0.43
CA TYR B 75 6.06 -35.16 0.93
C TYR B 75 7.21 -34.83 -0.01
N LEU B 76 7.19 -33.63 -0.59
CA LEU B 76 8.24 -33.21 -1.50
C LEU B 76 9.57 -33.12 -0.76
N SER B 77 10.50 -34.01 -1.09
CA SER B 77 11.78 -34.09 -0.40
C SER B 77 12.86 -34.48 -1.40
N LYS B 78 14.12 -34.30 -0.99
CA LYS B 78 15.25 -34.67 -1.82
C LYS B 78 15.37 -36.18 -2.00
N ASP B 79 14.71 -36.97 -1.16
CA ASP B 79 14.74 -38.42 -1.28
C ASP B 79 13.88 -38.93 -2.43
N LEU B 80 12.99 -38.11 -2.96
CA LEU B 80 12.09 -38.56 -4.02
C LEU B 80 12.84 -38.71 -5.33
N THR B 81 12.48 -39.76 -6.08
CA THR B 81 13.04 -40.04 -7.40
C THR B 81 11.90 -40.23 -8.39
N PRO B 82 12.14 -39.96 -9.68
CA PRO B 82 11.09 -40.20 -10.67
C PRO B 82 10.66 -41.65 -10.75
N ASP B 83 11.56 -42.59 -10.48
CA ASP B 83 11.16 -44.00 -10.48
C ASP B 83 10.17 -44.29 -9.37
N LEU B 84 10.34 -43.65 -8.21
CA LEU B 84 9.37 -43.81 -7.13
C LEU B 84 8.05 -43.12 -7.45
N ILE B 85 8.10 -42.01 -8.21
CA ILE B 85 6.88 -41.32 -8.59
C ILE B 85 6.05 -42.18 -9.55
N HIS B 86 6.72 -42.80 -10.54
CA HIS B 86 5.99 -43.63 -11.50
C HIS B 86 5.41 -44.87 -10.84
N GLU B 87 6.18 -45.52 -9.97
CA GLU B 87 5.70 -46.75 -9.34
C GLU B 87 4.51 -46.47 -8.42
N ALA B 88 4.58 -45.40 -7.64
CA ALA B 88 3.48 -45.08 -6.73
C ALA B 88 2.22 -44.68 -7.48
N ALA B 89 2.38 -43.94 -8.58
CA ALA B 89 1.22 -43.51 -9.35
C ALA B 89 0.57 -44.67 -10.10
N GLN B 90 1.36 -45.68 -10.49
CA GLN B 90 0.79 -46.83 -11.19
C GLN B 90 0.06 -47.78 -10.26
N GLN B 91 0.34 -47.73 -8.95
CA GLN B 91 -0.36 -48.54 -7.96
C GLN B 91 -1.52 -47.80 -7.32
N HIS B 92 -1.85 -46.60 -7.80
CA HIS B 92 -2.89 -45.75 -7.20
C HIS B 92 -2.61 -45.48 -5.72
N ALA B 93 -1.32 -45.48 -5.34
CA ALA B 93 -0.96 -45.30 -3.93
C ALA B 93 -1.11 -43.85 -3.51
N ILE B 94 -0.83 -42.91 -4.41
CA ILE B 94 -0.88 -41.49 -4.13
C ILE B 94 -1.75 -40.81 -5.18
N ARG B 95 -2.11 -39.56 -4.91
CA ARG B 95 -2.78 -38.70 -5.86
C ARG B 95 -2.03 -37.42 -6.17
N GLY B 96 -1.07 -37.04 -5.33
CA GLY B 96 -0.30 -35.84 -5.58
C GLY B 96 0.87 -35.73 -4.62
N VAL B 97 1.54 -34.59 -4.69
CA VAL B 97 2.70 -34.32 -3.82
C VAL B 97 2.57 -32.92 -3.20
N KCX B 98 2.79 -32.84 -1.89
CA KCX B 98 2.70 -31.57 -1.19
CB KCX B 98 2.05 -31.75 0.19
CG KCX B 98 1.06 -30.66 0.58
CD KCX B 98 1.70 -29.30 0.75
CE KCX B 98 0.79 -28.36 1.51
NZ KCX B 98 0.49 -28.95 2.84
C KCX B 98 4.07 -30.93 -1.02
O KCX B 98 5.03 -31.60 -0.63
CX KCX B 98 0.11 -28.21 3.88
OQ1 KCX B 98 -0.12 -28.77 4.97
OQ2 KCX B 98 -0.03 -26.99 3.79
N CYS B 99 4.16 -29.64 -1.32
CA CYS B 99 5.41 -28.90 -1.21
C CYS B 99 5.44 -28.02 0.04
N TYR B 100 6.35 -28.33 0.95
CA TYR B 100 6.52 -27.55 2.18
C TYR B 100 7.82 -26.76 2.10
N PRO B 101 7.76 -25.43 2.00
CA PRO B 101 9.00 -24.65 2.10
C PRO B 101 9.63 -24.81 3.47
N ALA B 102 10.95 -24.88 3.49
CA ALA B 102 11.67 -25.16 4.73
C ALA B 102 11.46 -24.08 5.76
N GLY B 103 11.02 -24.48 6.96
CA GLY B 103 10.83 -23.57 8.07
C GLY B 103 9.72 -22.55 7.87
N VAL B 104 8.53 -23.03 7.52
CA VAL B 104 7.36 -22.19 7.29
C VAL B 104 6.20 -22.58 8.20
N THR B 105 5.91 -23.87 8.29
CA THR B 105 4.78 -24.35 9.08
C THR B 105 5.20 -25.61 9.83
N THR B 106 4.22 -26.32 10.38
CA THR B 106 4.50 -27.52 11.16
C THR B 106 5.10 -28.61 10.29
N ASN B 107 6.20 -29.20 10.76
CA ASN B 107 6.91 -30.26 10.03
C ASN B 107 7.30 -29.82 8.62
N SER B 108 7.74 -28.57 8.50
CA SER B 108 8.22 -28.05 7.22
C SER B 108 9.72 -28.21 7.06
N ALA B 109 10.38 -28.31 8.21
CA ALA B 109 11.86 -28.43 8.34
C ALA B 109 12.37 -29.36 7.25
N ALA B 110 11.92 -30.60 7.05
CA ALA B 110 12.62 -31.44 6.02
C ALA B 110 12.18 -31.12 4.57
N GLY B 111 11.96 -29.84 4.28
CA GLY B 111 11.27 -29.20 3.16
C GLY B 111 12.19 -28.79 2.04
N VAL B 112 11.77 -27.75 1.32
CA VAL B 112 12.40 -27.26 0.10
C VAL B 112 12.66 -25.76 0.22
N ASP B 113 13.26 -25.18 -0.81
CA ASP B 113 13.56 -23.75 -0.85
C ASP B 113 12.93 -23.17 -2.10
N PRO B 114 11.84 -22.40 -1.99
CA PRO B 114 11.01 -22.11 -3.18
C PRO B 114 11.70 -21.25 -4.24
N ASN B 115 12.66 -20.41 -3.87
CA ASN B 115 13.43 -19.71 -4.90
C ASN B 115 14.49 -20.62 -5.54
N ASP B 116 14.48 -21.92 -5.22
CA ASP B 116 15.23 -22.93 -5.96
C ASP B 116 14.33 -24.17 -6.06
N PHE B 117 13.51 -24.21 -7.11
CA PHE B 117 12.64 -25.35 -7.38
C PHE B 117 13.19 -26.26 -8.47
N SER B 118 14.31 -25.87 -9.10
CA SER B 118 14.82 -26.62 -10.25
C SER B 118 15.25 -28.03 -9.86
N ALA B 119 15.72 -28.22 -8.63
CA ALA B 119 16.19 -29.54 -8.21
C ALA B 119 15.08 -30.59 -8.23
N PHE B 120 13.81 -30.16 -8.16
CA PHE B 120 12.68 -31.08 -8.14
C PHE B 120 11.94 -31.13 -9.47
N TYR B 121 12.48 -30.51 -10.51
CA TYR B 121 11.88 -30.62 -11.84
C TYR B 121 11.85 -32.06 -12.37
N PRO B 122 12.82 -32.94 -12.08
CA PRO B 122 12.61 -34.35 -12.42
C PRO B 122 11.37 -34.94 -11.78
N ILE B 123 11.03 -34.51 -10.56
CA ILE B 123 9.83 -34.99 -9.90
C ILE B 123 8.59 -34.43 -10.57
N PHE B 124 8.59 -33.13 -10.85
CA PHE B 124 7.46 -32.50 -11.53
C PHE B 124 7.26 -33.07 -12.93
N LYS B 125 8.34 -33.42 -13.61
CA LYS B 125 8.23 -34.05 -14.92
C LYS B 125 7.52 -35.39 -14.83
N ALA B 126 7.87 -36.18 -13.81
CA ALA B 126 7.22 -37.47 -13.62
C ALA B 126 5.78 -37.29 -13.16
N MET B 127 5.51 -36.29 -12.33
CA MET B 127 4.14 -36.02 -11.89
C MET B 127 3.28 -35.53 -13.06
N GLN B 128 3.87 -34.78 -13.99
CA GLN B 128 3.11 -34.28 -15.13
C GLN B 128 2.67 -35.41 -16.05
N GLU B 129 3.50 -36.45 -16.19
CA GLU B 129 3.13 -37.59 -17.02
C GLU B 129 2.10 -38.47 -16.34
N GLU B 130 2.22 -38.67 -15.04
CA GLU B 130 1.30 -39.53 -14.30
C GLU B 130 0.01 -38.82 -13.89
N ASN B 131 -0.19 -37.56 -14.31
CA ASN B 131 -1.39 -36.78 -14.00
C ASN B 131 -1.59 -36.66 -12.49
N LEU B 132 -0.52 -36.30 -11.78
CA LEU B 132 -0.60 -36.03 -10.35
C LEU B 132 -0.81 -34.54 -10.11
N VAL B 133 -1.12 -34.20 -8.86
CA VAL B 133 -1.42 -32.83 -8.46
C VAL B 133 -0.31 -32.33 -7.56
N LEU B 134 0.21 -31.15 -7.87
CA LEU B 134 1.26 -30.52 -7.06
C LEU B 134 0.58 -29.55 -6.09
N ASN B 135 0.49 -29.96 -4.82
CA ASN B 135 -0.07 -29.10 -3.79
C ASN B 135 1.04 -28.20 -3.25
N LEU B 136 0.83 -26.89 -3.30
CA LEU B 136 1.84 -25.91 -2.93
C LEU B 136 1.45 -25.22 -1.64
N HIS B 137 2.38 -25.17 -0.69
CA HIS B 137 2.26 -24.29 0.47
C HIS B 137 2.89 -22.97 0.07
N GLY B 138 2.06 -22.02 -0.37
CA GLY B 138 2.55 -20.82 -1.00
C GLY B 138 3.05 -19.76 -0.05
N GLU B 139 4.25 -19.95 0.51
CA GLU B 139 4.84 -18.98 1.41
C GLU B 139 6.35 -19.05 1.30
N LYS B 140 6.97 -17.98 0.81
CA LYS B 140 8.42 -17.87 0.84
C LYS B 140 8.91 -17.79 2.28
N PRO B 141 10.03 -18.44 2.60
CA PRO B 141 10.55 -18.35 3.97
C PRO B 141 10.93 -16.91 4.32
N SER B 142 10.74 -16.57 5.58
CA SER B 142 10.94 -15.20 6.03
C SER B 142 12.42 -14.84 6.02
N VAL B 143 12.75 -13.73 5.38
CA VAL B 143 14.09 -13.15 5.39
C VAL B 143 13.95 -11.66 5.67
N HIS B 144 14.50 -11.20 6.79
CA HIS B 144 14.40 -9.81 7.19
C HIS B 144 15.59 -8.97 6.76
N ASP B 145 16.70 -9.66 6.51
CA ASP B 145 17.98 -9.06 6.06
C ASP B 145 18.10 -9.18 4.55
N GLY B 146 19.33 -9.08 4.04
CA GLY B 146 19.63 -9.21 2.61
C GLY B 146 19.42 -7.93 1.85
N ASP B 147 19.77 -7.92 0.57
CA ASP B 147 19.51 -6.71 -0.23
C ASP B 147 18.16 -6.91 -0.90
N LYS B 148 17.43 -7.95 -0.48
CA LYS B 148 16.14 -8.12 -1.15
C LYS B 148 15.01 -7.63 -0.25
N GLU B 149 13.80 -7.63 -0.82
CA GLU B 149 12.63 -7.17 -0.07
C GLU B 149 12.42 -8.07 1.15
N PRO B 150 12.21 -7.49 2.33
CA PRO B 150 12.02 -8.32 3.53
C PRO B 150 10.74 -9.14 3.43
N ILE B 151 10.82 -10.38 3.89
CA ILE B 151 9.70 -11.33 3.86
C ILE B 151 9.27 -11.62 5.29
N HIS B 152 7.97 -11.52 5.55
CA HIS B 152 7.41 -11.80 6.86
C HIS B 152 6.11 -12.58 6.67
N VAL B 153 5.46 -12.90 7.80
CA VAL B 153 4.29 -13.76 7.76
C VAL B 153 3.11 -13.14 7.03
N LEU B 154 3.14 -11.82 6.81
CA LEU B 154 2.03 -11.13 6.17
C LEU B 154 2.17 -11.01 4.66
N ASN B 155 3.40 -11.08 4.14
CA ASN B 155 3.62 -10.98 2.69
C ASN B 155 4.35 -12.19 2.12
N ALA B 156 4.57 -13.23 2.93
CA ALA B 156 5.24 -14.42 2.43
C ALA B 156 4.42 -15.12 1.36
N GLU B 157 3.10 -15.00 1.42
CA GLU B 157 2.26 -15.62 0.41
C GLU B 157 2.32 -14.86 -0.91
N GLU B 158 2.24 -13.53 -0.84
CA GLU B 158 2.31 -12.73 -2.05
C GLU B 158 3.68 -12.83 -2.71
N ALA B 159 4.74 -12.98 -1.90
CA ALA B 159 6.08 -13.14 -2.47
C ALA B 159 6.27 -14.47 -3.16
N PHE B 160 5.40 -15.46 -2.87
CA PHE B 160 5.50 -16.76 -3.53
C PHE B 160 4.82 -16.78 -4.89
N LEU B 161 3.91 -15.84 -5.14
CA LEU B 161 3.17 -15.82 -6.41
C LEU B 161 4.06 -15.87 -7.65
N PRO B 162 5.21 -15.20 -7.72
CA PRO B 162 6.07 -15.39 -8.91
C PRO B 162 6.55 -16.81 -9.10
N ALA B 163 6.73 -17.56 -8.02
CA ALA B 163 7.14 -18.96 -8.15
C ALA B 163 5.99 -19.81 -8.69
N LEU B 164 4.76 -19.51 -8.29
CA LEU B 164 3.61 -20.23 -8.81
C LEU B 164 3.43 -19.97 -10.31
N LYS B 165 3.69 -18.73 -10.74
CA LYS B 165 3.53 -18.40 -12.15
C LYS B 165 4.60 -19.05 -13.01
N LYS B 166 5.78 -19.31 -12.45
CA LYS B 166 6.84 -19.95 -13.22
C LYS B 166 6.58 -21.46 -13.35
N LEU B 167 6.04 -22.08 -12.30
CA LEU B 167 5.75 -23.51 -12.37
C LEU B 167 4.63 -23.81 -13.35
N HIS B 168 3.58 -22.97 -13.36
CA HIS B 168 2.52 -23.12 -14.34
C HIS B 168 3.02 -22.90 -15.76
N ASN B 169 4.13 -22.17 -15.93
CA ASN B 169 4.69 -21.94 -17.25
C ASN B 169 5.56 -23.12 -17.69
N ASP B 170 6.47 -23.56 -16.80
CA ASP B 170 7.37 -24.66 -17.16
C ASP B 170 6.60 -25.96 -17.35
N PHE B 171 5.56 -26.19 -16.55
CA PHE B 171 4.74 -27.39 -16.61
C PHE B 171 3.29 -26.96 -16.82
N PRO B 172 2.89 -26.72 -18.07
CA PRO B 172 1.53 -26.19 -18.31
C PRO B 172 0.44 -27.23 -18.14
N ASN B 173 0.74 -28.51 -18.32
CA ASN B 173 -0.25 -29.57 -18.21
C ASN B 173 -0.26 -30.25 -16.85
N LEU B 174 0.55 -29.76 -15.91
CA LEU B 174 0.58 -30.30 -14.55
C LEU B 174 -0.43 -29.55 -13.69
N LYS B 175 -1.21 -30.31 -12.91
CA LYS B 175 -2.19 -29.71 -12.01
C LYS B 175 -1.51 -29.17 -10.76
N ILE B 176 -1.75 -27.90 -10.46
CA ILE B 176 -1.14 -27.23 -9.32
C ILE B 176 -2.25 -26.59 -8.49
N ILE B 177 -2.14 -26.69 -7.17
CA ILE B 177 -3.09 -26.11 -6.25
C ILE B 177 -2.32 -25.22 -5.27
N LEU B 178 -2.67 -23.94 -5.24
CA LEU B 178 -2.17 -23.03 -4.20
C LEU B 178 -3.02 -23.26 -2.96
N GLU B 179 -2.51 -24.07 -2.03
CA GLU B 179 -3.31 -24.48 -0.88
C GLU B 179 -3.52 -23.30 0.08
N HIS B 180 -4.69 -23.28 0.70
CA HIS B 180 -5.10 -22.32 1.72
C HIS B 180 -4.71 -20.88 1.37
N CYS B 181 -5.31 -20.33 0.31
CA CYS B 181 -5.12 -18.93 -0.02
C CYS B 181 -5.55 -18.04 1.15
N THR B 182 -4.76 -16.99 1.41
CA THR B 182 -5.03 -16.12 2.53
C THR B 182 -5.06 -14.65 2.13
N SER B 183 -4.36 -14.30 1.06
CA SER B 183 -4.23 -12.91 0.63
C SER B 183 -5.06 -12.67 -0.63
N GLU B 184 -5.44 -11.39 -0.81
CA GLU B 184 -6.19 -11.01 -2.01
C GLU B 184 -5.32 -11.09 -3.26
N SER B 185 -4.02 -10.77 -3.14
CA SER B 185 -3.12 -10.87 -4.28
C SER B 185 -3.07 -12.29 -4.83
N ALA B 186 -3.19 -13.30 -3.96
CA ALA B 186 -3.26 -14.67 -4.43
C ALA B 186 -4.57 -14.96 -5.14
N ILE B 187 -5.67 -14.34 -4.67
CA ILE B 187 -6.96 -14.54 -5.33
C ILE B 187 -6.94 -13.97 -6.73
N LYS B 188 -6.40 -12.76 -6.89
CA LYS B 188 -6.29 -12.17 -8.22
C LYS B 188 -5.33 -12.94 -9.11
N THR B 189 -4.28 -13.53 -8.52
CA THR B 189 -3.33 -14.31 -9.31
C THR B 189 -3.98 -15.58 -9.85
N ILE B 190 -4.84 -16.21 -9.05
CA ILE B 190 -5.51 -17.43 -9.51
C ILE B 190 -6.53 -17.10 -10.60
N GLU B 191 -7.28 -16.00 -10.42
CA GLU B 191 -8.28 -15.62 -11.42
C GLU B 191 -7.65 -15.25 -12.76
N ASP B 192 -6.47 -14.63 -12.73
CA ASP B 192 -5.81 -14.24 -13.98
C ASP B 192 -5.21 -15.43 -14.71
N ILE B 193 -4.69 -16.42 -13.97
CA ILE B 193 -4.19 -17.63 -14.61
C ILE B 193 -5.32 -18.37 -15.32
N ASN B 194 -6.52 -18.30 -14.78
CA ASN B 194 -7.71 -18.92 -15.37
C ASN B 194 -8.53 -17.92 -16.17
N LYS B 195 -7.86 -16.99 -16.84
CA LYS B 195 -8.54 -15.95 -17.61
C LYS B 195 -9.42 -16.55 -18.70
N ASN B 196 -8.79 -17.27 -19.64
CA ASN B 196 -9.52 -17.88 -20.76
C ASN B 196 -9.88 -19.33 -20.44
N VAL B 197 -10.62 -19.50 -19.35
CA VAL B 197 -10.97 -20.83 -18.85
C VAL B 197 -12.49 -20.91 -18.69
N LYS B 198 -13.13 -21.71 -19.53
CA LYS B 198 -14.52 -22.12 -19.38
C LYS B 198 -14.55 -23.63 -19.20
N LYS B 199 -15.73 -24.16 -18.86
CA LYS B 199 -15.91 -25.61 -18.85
C LYS B 199 -14.92 -26.29 -17.91
N ALA B 200 -15.20 -26.23 -16.60
CA ALA B 200 -14.24 -26.39 -15.50
C ALA B 200 -13.13 -27.40 -15.73
N THR B 201 -13.35 -28.41 -16.57
CA THR B 201 -12.31 -29.38 -16.89
C THR B 201 -11.01 -28.74 -17.34
N ASP B 202 -11.05 -27.50 -17.83
CA ASP B 202 -9.85 -26.82 -18.32
C ASP B 202 -8.98 -26.25 -17.22
N VAL B 203 -9.42 -26.29 -15.96
CA VAL B 203 -8.67 -25.67 -14.87
C VAL B 203 -7.41 -26.48 -14.61
N LYS B 204 -6.25 -25.81 -14.70
CA LYS B 204 -4.96 -26.41 -14.37
C LYS B 204 -4.41 -25.93 -13.03
N VAL B 205 -4.55 -24.64 -12.73
CA VAL B 205 -4.09 -24.07 -11.46
C VAL B 205 -5.33 -23.64 -10.68
N ALA B 206 -5.53 -24.23 -9.51
CA ALA B 206 -6.66 -23.93 -8.65
C ALA B 206 -6.16 -23.56 -7.26
N ALA B 207 -7.09 -23.32 -6.35
CA ALA B 207 -6.75 -22.94 -4.99
C ALA B 207 -7.81 -23.45 -4.02
N THR B 208 -7.36 -23.85 -2.84
CA THR B 208 -8.26 -24.29 -1.78
C THR B 208 -8.41 -23.18 -0.75
N LEU B 209 -9.63 -23.06 -0.20
CA LEU B 209 -9.94 -22.05 0.80
C LEU B 209 -10.38 -22.75 2.07
N THR B 210 -9.69 -22.46 3.17
CA THR B 210 -10.00 -23.10 4.44
C THR B 210 -11.29 -22.53 5.04
N ALA B 211 -11.74 -23.15 6.12
CA ALA B 211 -12.93 -22.67 6.80
C ALA B 211 -12.61 -21.49 7.72
N HIS B 212 -11.47 -21.54 8.42
CA HIS B 212 -11.16 -20.51 9.40
C HIS B 212 -10.72 -19.20 8.75
N HIS B 213 -10.09 -19.26 7.57
CA HIS B 213 -9.69 -18.02 6.89
C HIS B 213 -10.87 -17.21 6.38
N LEU B 214 -12.06 -17.82 6.31
CA LEU B 214 -13.27 -17.08 5.98
C LEU B 214 -13.88 -16.37 7.18
N PHE B 215 -13.33 -16.57 8.37
CA PHE B 215 -13.78 -15.91 9.59
C PHE B 215 -12.72 -15.02 10.23
N LEU B 216 -11.45 -15.40 10.15
CA LEU B 216 -10.41 -14.81 10.98
C LEU B 216 -9.70 -13.66 10.27
N THR B 217 -9.24 -12.70 11.07
CA THR B 217 -8.34 -11.64 10.62
C THR B 217 -7.12 -11.63 11.53
N ILE B 218 -6.27 -10.60 11.41
CA ILE B 218 -5.07 -10.56 12.22
C ILE B 218 -5.41 -10.33 13.69
N ASP B 219 -6.53 -9.64 13.97
CA ASP B 219 -6.92 -9.39 15.35
C ASP B 219 -7.39 -10.64 16.05
N ASP B 220 -7.81 -11.66 15.31
CA ASP B 220 -8.36 -12.86 15.93
C ASP B 220 -7.27 -13.77 16.50
N TRP B 221 -6.11 -13.85 15.85
CA TRP B 221 -5.01 -14.67 16.33
C TRP B 221 -3.99 -13.89 17.14
N ALA B 222 -4.03 -12.56 17.11
CA ALA B 222 -3.16 -11.74 17.94
C ALA B 222 -3.58 -11.90 19.40
N GLY B 223 -2.74 -12.55 20.21
CA GLY B 223 -3.08 -12.85 21.57
C GLY B 223 -3.95 -14.08 21.76
N ASN B 224 -4.23 -14.82 20.69
CA ASN B 224 -5.02 -16.05 20.75
C ASN B 224 -4.31 -17.11 19.93
N PRO B 225 -3.38 -17.85 20.54
CA PRO B 225 -2.65 -18.88 19.79
C PRO B 225 -3.54 -19.97 19.22
N VAL B 226 -4.76 -20.16 19.75
CA VAL B 226 -5.65 -21.19 19.23
C VAL B 226 -6.07 -20.90 17.80
N ASN B 227 -6.04 -19.62 17.39
CA ASN B 227 -6.35 -19.23 16.03
C ASN B 227 -5.11 -18.98 15.19
N PHE B 228 -3.92 -19.27 15.72
CA PHE B 228 -2.68 -19.06 14.99
C PHE B 228 -2.44 -20.24 14.05
N CYS B 229 -2.25 -19.95 12.77
CA CYS B 229 -2.03 -20.98 11.77
C CYS B 229 -1.19 -20.42 10.64
N LYS B 230 -0.72 -21.30 9.78
CA LYS B 230 0.04 -20.91 8.61
C LYS B 230 -0.74 -21.27 7.35
N PRO B 231 -0.92 -20.31 6.41
CA PRO B 231 -0.46 -18.93 6.51
C PRO B 231 -1.28 -18.10 7.49
N VAL B 232 -0.68 -17.00 7.96
CA VAL B 232 -1.29 -16.16 8.99
C VAL B 232 -2.57 -15.52 8.47
N ALA B 233 -3.60 -15.48 9.32
CA ALA B 233 -4.83 -14.77 9.00
C ALA B 233 -4.54 -13.28 8.83
N LYS B 234 -4.73 -12.77 7.63
CA LYS B 234 -4.26 -11.43 7.26
C LYS B 234 -5.37 -10.40 7.46
N LEU B 235 -5.18 -9.21 6.87
CA LEU B 235 -6.04 -8.06 7.10
C LEU B 235 -7.47 -8.33 6.61
N PRO B 236 -8.44 -7.52 7.06
CA PRO B 236 -9.83 -7.71 6.61
C PRO B 236 -10.00 -7.60 5.11
N ASN B 237 -9.21 -6.77 4.42
CA ASN B 237 -9.29 -6.72 2.97
C ASN B 237 -9.02 -8.09 2.36
N ASP B 238 -8.12 -8.86 2.96
CA ASP B 238 -7.84 -10.20 2.47
C ASP B 238 -9.00 -11.16 2.78
N LYS B 239 -9.61 -11.02 3.96
CA LYS B 239 -10.74 -11.89 4.29
C LYS B 239 -11.92 -11.65 3.37
N LYS B 240 -12.15 -10.40 2.97
CA LYS B 240 -13.25 -10.10 2.06
C LYS B 240 -13.06 -10.80 0.72
N ALA B 241 -11.82 -10.82 0.21
CA ALA B 241 -11.56 -11.46 -1.07
C ALA B 241 -11.73 -12.96 -0.99
N LEU B 242 -11.29 -13.58 0.12
CA LEU B 242 -11.41 -15.02 0.27
C LEU B 242 -12.87 -15.45 0.33
N VAL B 243 -13.73 -14.63 0.95
CA VAL B 243 -15.15 -14.95 1.01
C VAL B 243 -15.80 -14.75 -0.35
N LYS B 244 -15.45 -13.65 -1.03
CA LYS B 244 -15.96 -13.42 -2.38
C LYS B 244 -15.57 -14.55 -3.32
N ALA B 245 -14.32 -15.00 -3.24
CA ALA B 245 -13.85 -16.09 -4.10
C ALA B 245 -14.51 -17.41 -3.75
N ALA B 246 -14.85 -17.62 -2.48
CA ALA B 246 -15.47 -18.88 -2.07
C ALA B 246 -16.89 -18.99 -2.62
N VAL B 247 -17.71 -17.95 -2.42
CA VAL B 247 -19.09 -17.98 -2.88
C VAL B 247 -19.24 -17.58 -4.34
N SER B 248 -18.13 -17.32 -5.03
CA SER B 248 -18.21 -16.88 -6.42
C SER B 248 -18.76 -17.97 -7.34
N GLY B 249 -18.47 -19.23 -7.03
CA GLY B 249 -18.83 -20.32 -7.92
C GLY B 249 -17.84 -20.60 -9.02
N LYS B 250 -16.67 -19.96 -8.99
CA LYS B 250 -15.64 -20.26 -9.97
C LYS B 250 -15.10 -21.67 -9.77
N PRO B 251 -14.68 -22.34 -10.84
CA PRO B 251 -14.25 -23.74 -10.71
C PRO B 251 -12.90 -23.94 -10.05
N TYR B 252 -12.06 -22.91 -9.98
CA TYR B 252 -10.71 -23.04 -9.43
C TYR B 252 -10.64 -22.74 -7.95
N PHE B 253 -11.78 -22.66 -7.27
CA PHE B 253 -11.83 -22.43 -5.82
C PHE B 253 -12.73 -23.49 -5.20
N PHE B 254 -12.12 -24.52 -4.61
CA PHE B 254 -12.86 -25.52 -3.86
C PHE B 254 -12.33 -25.60 -2.43
N PHE B 255 -13.00 -26.41 -1.61
CA PHE B 255 -12.83 -26.38 -0.17
C PHE B 255 -11.70 -27.31 0.26
N GLY B 256 -10.71 -26.75 0.97
CA GLY B 256 -9.73 -27.55 1.69
C GLY B 256 -9.51 -26.97 3.07
N SER B 257 -9.85 -27.73 4.11
CA SER B 257 -9.98 -27.17 5.45
C SER B 257 -8.64 -26.86 6.10
N ASP B 258 -7.61 -27.65 5.80
CA ASP B 258 -6.34 -27.58 6.53
C ASP B 258 -6.57 -27.73 8.02
N SER B 259 -7.48 -28.63 8.39
CA SER B 259 -7.71 -28.95 9.79
C SER B 259 -6.45 -29.54 10.39
N ALA B 260 -5.81 -28.79 11.28
CA ALA B 260 -4.51 -29.16 11.85
C ALA B 260 -4.68 -29.44 13.33
N PRO B 261 -5.02 -30.67 13.73
CA PRO B 261 -5.28 -30.95 15.14
C PRO B 261 -3.99 -30.95 15.95
N HIS B 262 -4.02 -30.23 17.07
CA HIS B 262 -2.95 -30.21 18.07
C HIS B 262 -3.55 -30.37 19.45
N PRO B 263 -2.84 -31.06 20.35
CA PRO B 263 -3.29 -31.10 21.75
C PRO B 263 -3.26 -29.70 22.35
N VAL B 264 -4.14 -29.48 23.32
CA VAL B 264 -4.24 -28.16 23.94
C VAL B 264 -2.94 -27.78 24.63
N GLN B 265 -2.17 -28.78 25.09
CA GLN B 265 -0.87 -28.50 25.69
C GLN B 265 0.18 -28.08 24.68
N ASN B 266 -0.12 -28.17 23.38
CA ASN B 266 0.79 -27.67 22.35
C ASN B 266 0.45 -26.27 21.87
N LYS B 267 -0.77 -25.81 22.11
CA LYS B 267 -1.14 -24.43 21.82
C LYS B 267 -0.92 -23.51 23.01
N ALA B 268 -0.91 -24.04 24.22
CA ALA B 268 -0.70 -23.25 25.44
C ALA B 268 0.77 -23.20 25.81
N ASN B 269 1.61 -22.77 24.87
CA ASN B 269 3.02 -22.54 25.11
C ASN B 269 3.27 -21.05 25.26
N TYR B 270 4.43 -20.72 25.83
CA TYR B 270 4.90 -19.34 25.83
C TYR B 270 5.95 -19.08 24.76
N GLU B 271 6.47 -20.13 24.13
CA GLU B 271 7.33 -19.99 22.97
C GLU B 271 7.14 -21.21 22.08
N GLY B 272 7.25 -21.00 20.77
CA GLY B 272 7.10 -22.09 19.82
C GLY B 272 5.72 -22.71 19.82
N VAL B 273 4.68 -21.87 19.71
CA VAL B 273 3.32 -22.37 19.66
C VAL B 273 3.07 -23.07 18.33
N CYS B 274 2.55 -24.30 18.40
CA CYS B 274 2.26 -25.04 17.18
C CYS B 274 1.12 -24.39 16.41
N ALA B 275 1.38 -24.08 15.15
CA ALA B 275 0.37 -23.47 14.30
C ALA B 275 -0.67 -24.49 13.86
N GLY B 276 -1.82 -23.99 13.44
CA GLY B 276 -2.88 -24.85 12.94
C GLY B 276 -4.18 -24.74 13.71
N VAL B 277 -5.30 -24.75 12.97
CA VAL B 277 -6.63 -24.65 13.55
C VAL B 277 -7.36 -25.95 13.27
N TYR B 278 -8.10 -26.45 14.26
CA TYR B 278 -8.89 -27.67 14.11
C TYR B 278 -10.30 -27.28 13.68
N SER B 279 -10.66 -27.65 12.45
CA SER B 279 -11.99 -27.37 11.91
C SER B 279 -12.64 -28.62 11.34
N GLN B 280 -12.14 -29.81 11.69
CA GLN B 280 -12.62 -31.04 11.06
C GLN B 280 -14.00 -31.43 11.56
N SER B 281 -14.22 -31.37 12.88
CA SER B 281 -15.45 -31.87 13.47
C SER B 281 -16.70 -31.20 12.91
N PHE B 282 -16.58 -29.98 12.40
CA PHE B 282 -17.71 -29.25 11.84
C PHE B 282 -17.32 -28.61 10.51
N ALA B 283 -16.59 -29.36 9.69
CA ALA B 283 -15.99 -28.81 8.48
C ALA B 283 -17.04 -28.16 7.58
N ILE B 284 -18.06 -28.92 7.20
CA ILE B 284 -19.11 -28.41 6.31
C ILE B 284 -19.98 -27.38 7.02
N PRO B 285 -20.43 -27.60 8.27
CA PRO B 285 -21.21 -26.54 8.94
C PRO B 285 -20.47 -25.23 9.07
N TYR B 286 -19.14 -25.24 9.14
CA TYR B 286 -18.37 -24.00 9.14
C TYR B 286 -18.59 -23.24 7.82
N ILE B 287 -18.49 -23.95 6.70
CA ILE B 287 -18.62 -23.31 5.40
C ILE B 287 -20.06 -22.89 5.14
N ALA B 288 -21.03 -23.67 5.61
CA ALA B 288 -22.42 -23.31 5.43
C ALA B 288 -22.77 -21.98 6.10
N GLN B 289 -22.11 -21.68 7.23
CA GLN B 289 -22.36 -20.41 7.90
C GLN B 289 -21.91 -19.23 7.05
N VAL B 290 -20.81 -19.39 6.32
CA VAL B 290 -20.33 -18.32 5.45
C VAL B 290 -21.29 -18.12 4.28
N PHE B 291 -21.71 -19.21 3.65
CA PHE B 291 -22.56 -19.11 2.48
C PHE B 291 -23.97 -18.63 2.84
N GLU B 292 -24.43 -18.91 4.07
CA GLU B 292 -25.70 -18.36 4.51
C GLU B 292 -25.61 -16.85 4.70
N GLU B 293 -24.48 -16.37 5.24
CA GLU B 293 -24.29 -14.94 5.43
C GLU B 293 -24.12 -14.19 4.12
N GLN B 294 -23.81 -14.89 3.03
CA GLN B 294 -23.64 -14.27 1.72
C GLN B 294 -24.83 -14.51 0.80
N ASN B 295 -25.81 -15.30 1.23
CA ASN B 295 -26.96 -15.67 0.40
C ASN B 295 -26.51 -16.23 -0.95
N ALA B 296 -25.57 -17.19 -0.87
CA ALA B 296 -25.04 -17.87 -2.04
C ALA B 296 -25.01 -19.36 -1.82
N LEU B 297 -26.03 -19.89 -1.12
CA LEU B 297 -26.09 -21.31 -0.83
C LEU B 297 -26.18 -22.17 -2.09
N GLU B 298 -26.65 -21.60 -3.20
CA GLU B 298 -26.69 -22.35 -4.45
C GLU B 298 -25.30 -22.68 -4.98
N ASN B 299 -24.29 -21.91 -4.62
CA ASN B 299 -22.91 -22.19 -5.00
C ASN B 299 -22.17 -23.02 -3.96
N LEU B 300 -22.83 -23.42 -2.88
CA LEU B 300 -22.16 -24.19 -1.84
C LEU B 300 -21.81 -25.59 -2.33
N LYS B 301 -22.75 -26.23 -3.04
CA LYS B 301 -22.52 -27.61 -3.49
C LYS B 301 -21.31 -27.72 -4.40
N GLY B 302 -21.03 -26.68 -5.18
CA GLY B 302 -19.85 -26.70 -6.03
C GLY B 302 -18.56 -26.47 -5.28
N PHE B 303 -18.60 -25.63 -4.23
CA PHE B 303 -17.38 -25.30 -3.51
C PHE B 303 -16.88 -26.45 -2.65
N VAL B 304 -17.80 -27.29 -2.16
CA VAL B 304 -17.42 -28.37 -1.27
C VAL B 304 -17.49 -29.75 -1.94
N SER B 305 -18.28 -29.92 -2.99
CA SER B 305 -18.43 -31.23 -3.61
C SER B 305 -18.00 -31.27 -5.07
N ASP B 306 -18.51 -30.37 -5.91
CA ASP B 306 -18.35 -30.52 -7.35
C ASP B 306 -16.94 -30.19 -7.81
N PHE B 307 -16.49 -28.96 -7.54
CA PHE B 307 -15.21 -28.49 -8.09
C PHE B 307 -14.04 -29.32 -7.56
N GLY B 308 -14.19 -29.91 -6.38
CA GLY B 308 -13.13 -30.77 -5.87
C GLY B 308 -13.06 -32.10 -6.61
N ILE B 309 -14.20 -32.70 -6.91
CA ILE B 309 -14.23 -33.94 -7.66
C ILE B 309 -13.73 -33.72 -9.09
N SER B 310 -14.14 -32.60 -9.71
CA SER B 310 -13.76 -32.34 -11.09
C SER B 310 -12.24 -32.14 -11.23
N PHE B 311 -11.63 -31.44 -10.27
CA PHE B 311 -10.20 -31.16 -10.39
C PHE B 311 -9.37 -32.41 -10.14
N TYR B 312 -9.60 -33.08 -9.01
CA TYR B 312 -8.83 -34.28 -8.67
C TYR B 312 -9.26 -35.50 -9.48
N GLU B 313 -10.31 -35.40 -10.29
CA GLU B 313 -10.79 -36.50 -11.12
C GLU B 313 -11.10 -37.72 -10.27
N VAL B 314 -12.04 -37.55 -9.35
CA VAL B 314 -12.44 -38.60 -8.42
C VAL B 314 -13.53 -39.44 -9.10
N LYS B 315 -13.15 -40.64 -9.54
CA LYS B 315 -14.12 -41.53 -10.16
C LYS B 315 -15.02 -42.15 -9.10
N ASP B 316 -16.22 -42.54 -9.54
CA ASP B 316 -17.16 -43.16 -8.61
C ASP B 316 -16.71 -44.55 -8.16
N SER B 317 -15.79 -45.17 -8.89
CA SER B 317 -15.30 -46.50 -8.53
C SER B 317 -14.33 -46.48 -7.36
N GLU B 318 -13.86 -45.31 -6.93
CA GLU B 318 -12.97 -45.22 -5.79
C GLU B 318 -13.67 -44.78 -4.51
N VAL B 319 -14.86 -44.18 -4.62
CA VAL B 319 -15.55 -43.66 -3.45
C VAL B 319 -15.90 -44.81 -2.52
N ALA B 320 -15.47 -44.70 -1.27
CA ALA B 320 -15.64 -45.77 -0.29
C ALA B 320 -17.07 -45.92 0.21
N SER B 321 -17.92 -44.91 0.00
CA SER B 321 -19.30 -44.98 0.45
C SER B 321 -20.13 -43.99 -0.33
N SER B 322 -21.19 -44.46 -0.98
CA SER B 322 -22.05 -43.62 -1.81
C SER B 322 -23.01 -42.77 -1.00
N ASP B 323 -22.86 -42.72 0.32
CA ASP B 323 -23.72 -41.88 1.14
C ASP B 323 -23.50 -40.40 0.81
N LYS B 324 -24.58 -39.63 0.83
CA LYS B 324 -24.53 -38.21 0.54
C LYS B 324 -24.60 -37.41 1.83
N ALA B 325 -23.80 -36.34 1.90
CA ALA B 325 -23.85 -35.43 3.04
C ALA B 325 -25.00 -34.45 2.86
N ILE B 326 -25.94 -34.45 3.80
CA ILE B 326 -27.12 -33.60 3.72
C ILE B 326 -27.05 -32.58 4.85
N LEU B 327 -27.12 -31.31 4.50
CA LEU B 327 -27.18 -30.23 5.48
C LEU B 327 -28.65 -29.96 5.83
N PHE B 328 -28.91 -29.85 7.13
CA PHE B 328 -30.24 -29.51 7.61
C PHE B 328 -30.12 -28.42 8.65
N LYS B 329 -31.02 -27.43 8.58
CA LYS B 329 -30.93 -26.25 9.43
C LYS B 329 -31.30 -26.58 10.87
N LYS B 330 -30.33 -27.04 11.64
CA LYS B 330 -30.50 -27.35 13.05
C LYS B 330 -29.38 -26.65 13.82
N GLU B 331 -29.75 -25.76 14.73
CA GLU B 331 -28.75 -24.99 15.47
C GLU B 331 -28.00 -25.90 16.44
N GLN B 332 -26.69 -25.67 16.54
CA GLN B 332 -25.85 -26.47 17.42
C GLN B 332 -24.74 -25.58 17.98
N VAL B 333 -24.21 -26.01 19.13
CA VAL B 333 -23.13 -25.29 19.81
C VAL B 333 -21.85 -26.09 19.65
N ILE B 334 -20.75 -25.39 19.40
CA ILE B 334 -19.44 -26.03 19.30
C ILE B 334 -18.95 -26.36 20.71
N PRO B 335 -18.50 -27.60 20.95
CA PRO B 335 -17.97 -27.94 22.27
C PRO B 335 -16.73 -27.10 22.61
N GLN B 336 -16.42 -27.05 23.90
CA GLN B 336 -15.24 -26.33 24.34
C GLN B 336 -13.96 -27.12 24.06
N VAL B 337 -14.03 -28.45 24.12
CA VAL B 337 -12.89 -29.31 23.82
C VAL B 337 -13.37 -30.50 23.01
N ILE B 338 -12.44 -31.10 22.27
CA ILE B 338 -12.66 -32.33 21.54
C ILE B 338 -11.62 -33.33 22.05
N SER B 339 -12.06 -34.30 22.84
CA SER B 339 -11.14 -35.19 23.55
C SER B 339 -11.49 -36.64 23.29
N ASP B 340 -10.45 -37.47 23.18
CA ASP B 340 -10.62 -38.92 23.12
C ASP B 340 -10.91 -39.52 24.48
N GLY B 341 -10.83 -38.73 25.55
CA GLY B 341 -11.12 -39.19 26.88
C GLY B 341 -9.93 -39.69 27.68
N LYS B 342 -8.76 -39.83 27.06
CA LYS B 342 -7.60 -40.37 27.74
C LYS B 342 -6.48 -39.34 27.91
N ASP B 343 -5.93 -38.83 26.80
CA ASP B 343 -4.76 -37.96 26.87
C ASP B 343 -4.83 -36.73 25.98
N ILE B 344 -5.73 -36.68 25.01
CA ILE B 344 -5.72 -35.64 23.98
C ILE B 344 -7.01 -34.83 24.09
N SER B 345 -6.87 -33.51 24.13
CA SER B 345 -8.00 -32.60 24.13
C SER B 345 -7.71 -31.48 23.14
N ILE B 346 -8.59 -31.30 22.16
CA ILE B 346 -8.39 -30.34 21.08
C ILE B 346 -9.40 -29.22 21.23
N ILE B 347 -8.93 -27.99 21.11
CA ILE B 347 -9.80 -26.81 21.13
C ILE B 347 -10.27 -26.57 19.68
N PRO B 348 -11.55 -26.78 19.39
CA PRO B 348 -12.02 -26.66 18.00
C PRO B 348 -12.17 -25.20 17.58
N PHE B 349 -12.34 -25.01 16.28
CA PHE B 349 -12.50 -23.68 15.72
C PHE B 349 -13.88 -23.12 16.07
N LYS B 350 -13.89 -21.85 16.49
CA LYS B 350 -15.11 -21.17 16.92
C LYS B 350 -15.79 -21.93 18.05
N ALA B 351 -15.00 -22.37 19.02
CA ALA B 351 -15.52 -23.13 20.15
C ALA B 351 -16.39 -22.23 21.04
N GLY B 352 -17.65 -22.60 21.21
CA GLY B 352 -18.60 -21.86 22.01
C GLY B 352 -19.65 -21.13 21.20
N ASP B 353 -19.41 -20.91 19.91
CA ASP B 353 -20.36 -20.22 19.06
C ASP B 353 -21.45 -21.17 18.58
N LYS B 354 -22.43 -20.61 17.89
CA LYS B 354 -23.58 -21.38 17.39
C LYS B 354 -23.54 -21.42 15.87
N LEU B 355 -23.78 -22.60 15.30
CA LEU B 355 -23.91 -22.78 13.88
C LEU B 355 -25.37 -23.07 13.53
N SER B 356 -25.82 -22.56 12.40
CA SER B 356 -27.22 -22.70 11.99
C SER B 356 -27.49 -23.98 11.22
N TRP B 357 -26.48 -24.83 11.01
CA TRP B 357 -26.65 -26.02 10.20
C TRP B 357 -25.96 -27.22 10.86
N SER B 358 -26.44 -28.40 10.53
CA SER B 358 -25.84 -29.65 10.97
C SER B 358 -25.83 -30.62 9.80
N VAL B 359 -25.04 -31.68 9.93
CA VAL B 359 -24.79 -32.62 8.84
C VAL B 359 -25.35 -33.99 9.19
N ARG B 360 -26.04 -34.61 8.22
CA ARG B 360 -26.47 -35.99 8.30
C ARG B 360 -26.14 -36.68 6.99
N TRP B 361 -26.17 -38.01 7.01
CA TRP B 361 -25.81 -38.82 5.85
C TRP B 361 -27.01 -39.63 5.37
N GLU B 362 -27.27 -39.58 4.07
CA GLU B 362 -28.37 -40.30 3.46
C GLU B 362 -27.85 -41.21 2.36
N PRO B 363 -28.32 -42.46 2.28
CA PRO B 363 -27.87 -43.35 1.20
C PRO B 363 -28.29 -42.83 -0.17
N ARG B 364 -27.61 -43.33 -1.19
CA ARG B 364 -27.84 -42.87 -2.55
C ARG B 364 -29.06 -43.57 -3.15
N LEU B 365 -29.35 -43.24 -4.41
CA LEU B 365 -30.47 -43.80 -5.16
C LEU B 365 -31.79 -43.54 -4.45
N VAL C 2 19.20 35.22 6.40
CA VAL C 2 20.04 36.36 6.07
C VAL C 2 20.39 36.34 4.58
N GLN C 3 20.40 37.51 3.96
CA GLN C 3 20.68 37.63 2.53
C GLN C 3 22.17 37.45 2.26
N GLU C 4 22.49 37.38 0.96
CA GLU C 4 23.87 37.33 0.47
C GLU C 4 24.62 36.12 1.03
N ILE C 5 24.16 34.94 0.62
CA ILE C 5 24.81 33.69 0.95
C ILE C 5 25.88 33.40 -0.11
N ASP C 6 27.08 33.03 0.35
CA ASP C 6 28.17 32.70 -0.55
C ASP C 6 28.12 31.19 -0.84
N LEU C 7 27.83 30.84 -2.09
CA LEU C 7 27.70 29.44 -2.48
C LEU C 7 28.98 28.86 -3.04
N GLY C 8 29.90 29.70 -3.50
CA GLY C 8 31.17 29.19 -4.02
C GLY C 8 31.00 28.55 -5.40
N LEU C 9 31.68 27.41 -5.58
CA LEU C 9 31.63 26.69 -6.85
C LEU C 9 30.37 25.85 -6.88
N THR C 10 29.31 26.42 -7.45
CA THR C 10 28.03 25.73 -7.55
C THR C 10 28.11 24.57 -8.53
N CYS C 11 27.21 23.60 -8.35
CA CYS C 11 27.18 22.40 -9.17
C CYS C 11 25.81 22.17 -9.76
N ASP C 12 25.78 21.49 -10.90
CA ASP C 12 24.54 20.98 -11.49
C ASP C 12 24.92 19.70 -12.21
N MET C 13 24.74 18.57 -11.53
CA MET C 13 25.22 17.28 -12.03
C MET C 13 24.23 16.60 -12.98
N HIS C 14 23.31 17.37 -13.56
CA HIS C 14 22.39 16.81 -14.55
C HIS C 14 21.93 17.98 -15.44
N VAL C 15 22.52 18.07 -16.64
CA VAL C 15 22.23 19.17 -17.56
C VAL C 15 22.02 18.60 -18.95
N HIS C 16 20.93 19.01 -19.60
CA HIS C 16 20.65 18.70 -20.99
C HIS C 16 20.67 20.04 -21.72
N VAL C 17 21.74 20.34 -22.47
CA VAL C 17 21.84 21.67 -23.15
C VAL C 17 21.27 21.60 -24.56
N ARG C 18 21.35 20.41 -25.18
CA ARG C 18 20.88 20.04 -26.54
C ARG C 18 21.85 20.51 -27.63
N GLU C 19 21.55 20.10 -28.86
CA GLU C 19 22.25 20.48 -30.09
C GLU C 19 21.52 21.60 -30.80
N GLY C 20 22.23 22.25 -31.73
CA GLY C 20 21.62 23.22 -32.61
C GLY C 20 21.56 24.61 -32.01
N ALA C 21 20.64 25.42 -32.56
CA ALA C 21 20.40 26.75 -32.05
C ALA C 21 19.87 26.73 -30.62
N MET C 22 19.26 25.62 -30.19
CA MET C 22 18.84 25.48 -28.82
C MET C 22 20.03 25.47 -27.87
N CYS C 23 21.16 24.91 -28.33
CA CYS C 23 22.37 24.90 -27.50
C CYS C 23 22.89 26.31 -27.25
N GLU C 24 22.76 27.19 -28.25
CA GLU C 24 23.23 28.56 -28.11
C GLU C 24 22.39 29.36 -27.13
N LEU C 25 21.18 28.91 -26.81
CA LEU C 25 20.28 29.63 -25.92
C LEU C 25 20.35 29.16 -24.48
N VAL C 26 20.67 27.90 -24.24
CA VAL C 26 20.66 27.33 -22.91
C VAL C 26 22.04 27.36 -22.27
N THR C 27 23.09 27.10 -23.05
CA THR C 27 24.43 27.06 -22.48
C THR C 27 24.84 28.34 -21.75
N PRO C 28 24.51 29.55 -22.21
CA PRO C 28 24.78 30.73 -21.38
C PRO C 28 23.91 30.81 -20.14
N LYS C 29 22.74 30.16 -20.14
CA LYS C 29 21.84 30.21 -18.99
C LYS C 29 22.33 29.35 -17.84
N ILE C 30 23.30 28.46 -18.06
CA ILE C 30 23.93 27.76 -16.95
C ILE C 30 24.61 28.76 -16.01
N ARG C 31 25.40 29.67 -16.60
CA ARG C 31 26.01 30.74 -15.82
C ARG C 31 24.97 31.68 -15.24
N ASP C 32 23.92 31.99 -16.02
CA ASP C 32 22.90 32.92 -15.55
C ASP C 32 22.03 32.32 -14.45
N GLY C 33 21.78 31.01 -14.52
CA GLY C 33 21.01 30.35 -13.49
C GLY C 33 21.70 30.24 -12.15
N GLY C 34 23.00 30.51 -12.10
CA GLY C 34 23.77 30.41 -10.88
C GLY C 34 24.67 29.20 -10.77
N VAL C 35 24.92 28.50 -11.87
CA VAL C 35 25.70 27.26 -11.88
C VAL C 35 27.06 27.55 -12.50
N SER C 36 28.11 27.06 -11.85
CA SER C 36 29.47 27.15 -12.37
C SER C 36 29.96 25.84 -12.97
N ILE C 37 29.75 24.73 -12.28
CA ILE C 37 30.16 23.41 -12.73
C ILE C 37 28.91 22.65 -13.16
N ALA C 38 28.92 22.13 -14.38
CA ALA C 38 27.78 21.42 -14.94
C ALA C 38 28.22 20.08 -15.49
N TYR C 39 27.31 19.11 -15.43
CA TYR C 39 27.52 17.77 -15.96
C TYR C 39 26.54 17.55 -17.11
N ILE C 40 27.08 17.36 -18.31
CA ILE C 40 26.27 17.30 -19.52
C ILE C 40 25.87 15.85 -19.80
N MET C 41 24.60 15.65 -20.16
CA MET C 41 24.05 14.34 -20.51
C MET C 41 24.10 14.14 -22.02
N PRO C 42 24.29 12.90 -22.47
CA PRO C 42 24.60 12.65 -23.89
C PRO C 42 23.40 12.26 -24.77
N ASN C 43 22.16 12.35 -24.28
CA ASN C 43 21.02 11.88 -25.07
C ASN C 43 20.71 12.90 -26.16
N LEU C 44 21.40 12.74 -27.29
CA LEU C 44 21.19 13.55 -28.48
C LEU C 44 20.66 12.65 -29.60
N GLN C 45 20.52 13.25 -30.79
CA GLN C 45 20.09 12.53 -31.98
C GLN C 45 21.13 12.70 -33.07
N PRO C 46 22.05 11.74 -33.25
CA PRO C 46 22.16 10.50 -32.47
C PRO C 46 22.87 10.71 -31.13
N PRO C 47 22.70 9.77 -30.20
CA PRO C 47 23.36 9.91 -28.89
C PRO C 47 24.87 9.92 -29.00
N ILE C 48 25.51 10.57 -28.04
CA ILE C 48 26.97 10.70 -28.03
C ILE C 48 27.56 9.35 -27.66
N THR C 49 28.22 8.69 -28.62
CA THR C 49 28.84 7.40 -28.39
C THR C 49 30.28 7.31 -28.88
N THR C 50 30.83 8.37 -29.45
CA THR C 50 32.18 8.37 -30.00
C THR C 50 33.04 9.44 -29.33
N LEU C 51 34.34 9.35 -29.57
CA LEU C 51 35.28 10.29 -28.95
C LEU C 51 35.33 11.61 -29.71
N ASP C 52 35.26 11.57 -31.05
CA ASP C 52 35.26 12.81 -31.81
C ASP C 52 34.03 13.66 -31.51
N ARG C 53 32.89 13.00 -31.25
CA ARG C 53 31.66 13.74 -30.97
C ARG C 53 31.74 14.43 -29.61
N VAL C 54 32.19 13.71 -28.58
CA VAL C 54 32.17 14.25 -27.23
C VAL C 54 33.23 15.34 -27.06
N ILE C 55 34.34 15.26 -27.79
CA ILE C 55 35.38 16.27 -27.64
C ILE C 55 35.00 17.55 -28.37
N GLU C 56 34.43 17.43 -29.57
CA GLU C 56 33.98 18.63 -30.28
C GLU C 56 32.77 19.24 -29.61
N TYR C 57 31.94 18.42 -28.94
CA TYR C 57 30.79 18.95 -28.21
C TYR C 57 31.23 19.79 -27.03
N LYS C 58 32.27 19.34 -26.31
CA LYS C 58 32.80 20.13 -25.19
C LYS C 58 33.42 21.44 -25.69
N LYS C 59 34.04 21.43 -26.86
CA LYS C 59 34.57 22.67 -27.42
C LYS C 59 33.47 23.64 -27.78
N THR C 60 32.40 23.14 -28.43
CA THR C 60 31.27 24.01 -28.77
C THR C 60 30.63 24.60 -27.52
N LEU C 61 30.57 23.82 -26.44
CA LEU C 61 29.98 24.33 -25.19
C LEU C 61 30.89 25.36 -24.54
N GLN C 62 32.20 25.12 -24.52
CA GLN C 62 33.12 26.07 -23.92
C GLN C 62 33.13 27.39 -24.67
N LYS C 63 32.89 27.37 -25.98
CA LYS C 63 32.84 28.61 -26.75
C LYS C 63 31.62 29.44 -26.37
N LEU C 64 30.50 28.79 -26.05
CA LEU C 64 29.28 29.51 -25.71
C LEU C 64 29.27 29.98 -24.25
N ALA C 65 30.02 29.32 -23.38
CA ALA C 65 30.10 29.71 -21.96
C ALA C 65 31.53 29.54 -21.51
N PRO C 66 32.38 30.54 -21.75
CA PRO C 66 33.80 30.40 -21.38
C PRO C 66 34.05 30.33 -19.88
N LYS C 67 33.11 30.79 -19.05
CA LYS C 67 33.30 30.80 -17.61
C LYS C 67 32.60 29.63 -16.92
N THR C 68 32.20 28.61 -17.68
CA THR C 68 31.47 27.47 -17.13
C THR C 68 32.29 26.20 -17.33
N THR C 69 32.47 25.46 -16.23
CA THR C 69 33.16 24.18 -16.29
C THR C 69 32.21 23.09 -16.79
N PHE C 70 32.68 22.26 -17.71
CA PHE C 70 31.85 21.22 -18.32
C PHE C 70 32.43 19.85 -18.03
N LEU C 71 31.58 18.92 -17.61
CA LEU C 71 31.94 17.52 -17.41
C LEU C 71 31.06 16.67 -18.30
N MET C 72 31.66 16.10 -19.34
CA MET C 72 30.90 15.38 -20.35
C MET C 72 30.63 13.95 -19.92
N SER C 73 29.95 13.19 -20.77
CA SER C 73 29.58 11.82 -20.46
C SER C 73 29.26 11.07 -21.74
N PHE C 74 29.25 9.74 -21.64
CA PHE C 74 28.93 8.86 -22.75
C PHE C 74 27.52 8.29 -22.58
N TYR C 75 26.92 7.92 -23.71
CA TYR C 75 25.61 7.29 -23.73
C TYR C 75 25.80 5.78 -23.70
N LEU C 76 25.32 5.14 -22.64
CA LEU C 76 25.47 3.71 -22.49
C LEU C 76 24.74 2.97 -23.60
N SER C 77 25.49 2.33 -24.49
CA SER C 77 24.92 1.64 -25.64
C SER C 77 25.82 0.46 -26.01
N LYS C 78 25.35 -0.35 -26.94
CA LYS C 78 26.12 -1.49 -27.44
C LYS C 78 27.31 -1.06 -28.30
N ASP C 79 27.36 0.19 -28.73
CA ASP C 79 28.49 0.68 -29.52
C ASP C 79 29.72 0.95 -28.68
N LEU C 80 29.56 1.15 -27.37
CA LEU C 80 30.70 1.44 -26.51
C LEU C 80 31.52 0.18 -26.27
N THR C 81 32.85 0.35 -26.27
CA THR C 81 33.80 -0.73 -26.06
C THR C 81 34.73 -0.37 -24.90
N PRO C 82 35.29 -1.37 -24.20
CA PRO C 82 36.27 -1.07 -23.14
C PRO C 82 37.48 -0.32 -23.64
N ASP C 83 37.80 -0.41 -24.93
CA ASP C 83 38.89 0.39 -25.48
C ASP C 83 38.56 1.88 -25.44
N LEU C 84 37.32 2.22 -25.77
CA LEU C 84 36.91 3.62 -25.73
C LEU C 84 36.80 4.15 -24.30
N ILE C 85 36.46 3.28 -23.35
CA ILE C 85 36.34 3.70 -21.96
C ILE C 85 37.71 4.06 -21.40
N HIS C 86 38.74 3.29 -21.74
CA HIS C 86 40.08 3.57 -21.22
C HIS C 86 40.73 4.76 -21.93
N GLU C 87 40.53 4.88 -23.24
CA GLU C 87 41.17 5.97 -23.99
C GLU C 87 40.58 7.32 -23.62
N ALA C 88 39.25 7.40 -23.49
CA ALA C 88 38.62 8.69 -23.20
C ALA C 88 38.86 9.13 -21.76
N ALA C 89 38.94 8.19 -20.82
CA ALA C 89 39.12 8.55 -19.42
C ALA C 89 40.50 9.14 -19.17
N GLN C 90 41.52 8.66 -19.87
CA GLN C 90 42.87 9.19 -19.70
C GLN C 90 43.09 10.48 -20.47
N GLN C 91 42.31 10.74 -21.52
CA GLN C 91 42.36 12.00 -22.25
C GLN C 91 41.51 13.09 -21.59
N HIS C 92 40.98 12.83 -20.40
CA HIS C 92 40.09 13.76 -19.69
C HIS C 92 38.90 14.18 -20.56
N ALA C 93 38.43 13.25 -21.39
CA ALA C 93 37.35 13.56 -22.33
C ALA C 93 35.96 13.39 -21.72
N ILE C 94 35.80 12.46 -20.78
CA ILE C 94 34.51 12.19 -20.16
C ILE C 94 34.69 12.16 -18.64
N ARG C 95 33.56 12.10 -17.95
CA ARG C 95 33.53 11.92 -16.50
C ARG C 95 32.68 10.72 -16.08
N GLY C 96 32.07 10.03 -17.02
CA GLY C 96 31.25 8.88 -16.70
C GLY C 96 30.34 8.53 -17.86
N VAL C 97 29.51 7.51 -17.62
CA VAL C 97 28.55 7.05 -18.63
C VAL C 97 27.14 7.08 -18.07
N KCX C 98 26.23 7.67 -18.85
CA KCX C 98 24.80 7.80 -18.46
CB KCX C 98 24.23 9.15 -18.92
CG KCX C 98 22.77 9.38 -18.59
CD KCX C 98 22.42 9.03 -17.16
CE KCX C 98 21.01 9.44 -16.77
NZ KCX C 98 20.51 10.57 -17.55
C KCX C 98 24.01 6.63 -19.07
O KCX C 98 24.27 6.29 -20.24
CX KCX C 98 19.21 10.89 -17.56
OQ1 KCX C 98 18.40 9.90 -17.20
OQ2 KCX C 98 18.80 11.98 -17.88
N CYS C 99 23.09 6.05 -18.29
CA CYS C 99 22.27 4.93 -18.75
C CYS C 99 20.81 5.31 -18.95
N TYR C 100 20.27 5.02 -20.13
CA TYR C 100 18.87 5.26 -20.44
C TYR C 100 18.17 3.94 -20.70
N PRO C 101 17.23 3.51 -19.85
CA PRO C 101 16.40 2.35 -20.21
C PRO C 101 15.60 2.64 -21.47
N ALA C 102 15.30 1.58 -22.21
CA ALA C 102 14.71 1.73 -23.53
C ALA C 102 13.27 2.26 -23.43
N GLY C 103 13.02 3.39 -24.09
CA GLY C 103 11.67 3.90 -24.24
C GLY C 103 11.07 4.59 -23.04
N VAL C 104 11.85 4.87 -22.00
CA VAL C 104 11.30 5.48 -20.79
C VAL C 104 11.33 7.01 -20.82
N THR C 105 12.20 7.61 -21.62
CA THR C 105 12.32 9.06 -21.64
C THR C 105 12.76 9.50 -23.04
N THR C 106 13.22 10.75 -23.14
CA THR C 106 13.56 11.32 -24.43
C THR C 106 14.88 10.75 -24.96
N ASN C 107 14.88 10.39 -26.25
CA ASN C 107 16.07 9.88 -26.94
C ASN C 107 16.64 8.66 -26.22
N SER C 108 15.77 7.79 -25.74
CA SER C 108 16.16 6.56 -25.06
C SER C 108 15.73 5.32 -25.83
N ALA C 109 15.19 5.47 -27.04
CA ALA C 109 14.79 4.33 -27.84
C ALA C 109 15.98 3.44 -28.17
N ALA C 110 17.11 4.04 -28.52
CA ALA C 110 18.36 3.30 -28.73
C ALA C 110 19.15 3.19 -27.44
N GLY C 111 18.49 2.74 -26.38
CA GLY C 111 19.11 2.64 -25.07
C GLY C 111 19.40 1.22 -24.65
N VAL C 112 19.23 0.93 -23.35
CA VAL C 112 19.52 -0.37 -22.80
C VAL C 112 18.25 -0.96 -22.19
N ASP C 113 18.31 -2.25 -21.87
CA ASP C 113 17.24 -2.94 -21.16
C ASP C 113 17.75 -3.32 -19.78
N PRO C 114 17.13 -2.83 -18.70
CA PRO C 114 17.68 -3.09 -17.35
C PRO C 114 17.64 -4.54 -16.92
N ASN C 115 16.96 -5.41 -17.67
CA ASN C 115 16.94 -6.84 -17.37
C ASN C 115 18.06 -7.61 -18.08
N ASP C 116 18.96 -6.90 -18.75
CA ASP C 116 20.11 -7.51 -19.42
C ASP C 116 21.36 -6.70 -19.11
N PHE C 117 21.54 -6.34 -17.84
CA PHE C 117 22.71 -5.56 -17.45
C PHE C 117 24.00 -6.36 -17.55
N SER C 118 23.92 -7.69 -17.59
CA SER C 118 25.13 -8.51 -17.63
C SER C 118 25.93 -8.27 -18.91
N ALA C 119 25.26 -7.94 -20.01
CA ALA C 119 25.96 -7.67 -21.27
C ALA C 119 26.82 -6.41 -21.19
N PHE C 120 26.51 -5.49 -20.28
CA PHE C 120 27.27 -4.26 -20.11
C PHE C 120 28.21 -4.31 -18.92
N TYR C 121 28.36 -5.48 -18.28
CA TYR C 121 29.32 -5.60 -17.20
C TYR C 121 30.76 -5.34 -17.62
N PRO C 122 31.23 -5.77 -18.81
CA PRO C 122 32.58 -5.37 -19.23
C PRO C 122 32.77 -3.87 -19.30
N ILE C 123 31.72 -3.11 -19.61
CA ILE C 123 31.84 -1.66 -19.64
C ILE C 123 31.99 -1.10 -18.23
N PHE C 124 31.11 -1.52 -17.31
CA PHE C 124 31.22 -1.08 -15.92
C PHE C 124 32.51 -1.57 -15.29
N LYS C 125 33.00 -2.75 -15.71
CA LYS C 125 34.27 -3.25 -15.21
C LYS C 125 35.41 -2.32 -15.61
N ALA C 126 35.34 -1.75 -16.81
CA ALA C 126 36.34 -0.78 -17.25
C ALA C 126 36.13 0.59 -16.60
N MET C 127 34.87 0.94 -16.30
CA MET C 127 34.60 2.23 -15.66
C MET C 127 35.11 2.26 -14.22
N GLN C 128 35.07 1.12 -13.52
CA GLN C 128 35.56 1.09 -12.15
C GLN C 128 37.06 1.27 -12.07
N GLU C 129 37.79 0.81 -13.10
CA GLU C 129 39.24 0.96 -13.10
C GLU C 129 39.65 2.42 -13.22
N GLU C 130 38.99 3.18 -14.10
CA GLU C 130 39.30 4.58 -14.32
C GLU C 130 38.56 5.51 -13.37
N ASN C 131 37.89 4.97 -12.37
CA ASN C 131 37.16 5.76 -11.37
C ASN C 131 36.10 6.64 -12.02
N LEU C 132 35.36 6.06 -12.97
CA LEU C 132 34.30 6.79 -13.65
C LEU C 132 33.02 6.77 -12.81
N VAL C 133 32.01 7.51 -13.26
CA VAL C 133 30.73 7.64 -12.58
C VAL C 133 29.66 6.99 -13.45
N LEU C 134 28.87 6.10 -12.86
CA LEU C 134 27.79 5.42 -13.55
C LEU C 134 26.48 6.16 -13.23
N ASN C 135 26.02 6.97 -14.17
CA ASN C 135 24.76 7.70 -14.01
C ASN C 135 23.61 6.83 -14.52
N LEU C 136 22.61 6.63 -13.67
CA LEU C 136 21.51 5.72 -13.97
C LEU C 136 20.18 6.47 -14.00
N HIS C 137 19.37 6.17 -15.01
CA HIS C 137 17.97 6.57 -15.03
C HIS C 137 17.17 5.42 -14.43
N GLY C 138 16.85 5.52 -13.15
CA GLY C 138 16.32 4.39 -12.41
C GLY C 138 14.84 4.12 -12.61
N GLU C 139 14.48 3.53 -13.75
CA GLU C 139 13.09 3.20 -14.04
C GLU C 139 13.02 1.96 -14.92
N LYS C 140 12.18 1.01 -14.53
CA LYS C 140 11.89 -0.15 -15.35
C LYS C 140 10.96 0.23 -16.51
N PRO C 141 11.06 -0.46 -17.64
CA PRO C 141 10.10 -0.21 -18.73
C PRO C 141 8.72 -0.69 -18.35
N SER C 142 7.71 -0.04 -18.91
CA SER C 142 6.32 -0.38 -18.61
C SER C 142 6.01 -1.80 -19.07
N VAL C 143 5.36 -2.56 -18.18
CA VAL C 143 5.10 -3.98 -18.41
C VAL C 143 3.71 -4.28 -17.86
N HIS C 144 2.75 -4.55 -18.76
CA HIS C 144 1.45 -5.03 -18.31
C HIS C 144 1.47 -6.55 -18.11
N ASP C 145 1.58 -7.29 -19.23
CA ASP C 145 2.01 -8.68 -19.31
C ASP C 145 1.05 -9.68 -18.68
N GLY C 146 0.10 -9.22 -17.87
CA GLY C 146 -0.84 -10.13 -17.25
C GLY C 146 -0.23 -11.05 -16.21
N ASP C 147 1.08 -11.30 -16.34
CA ASP C 147 1.79 -12.30 -15.54
C ASP C 147 2.85 -11.66 -14.65
N LYS C 148 3.79 -10.91 -15.23
CA LYS C 148 4.78 -10.22 -14.43
C LYS C 148 4.12 -9.09 -13.65
N GLU C 149 4.81 -8.62 -12.60
CA GLU C 149 4.30 -7.53 -11.80
C GLU C 149 4.06 -6.31 -12.69
N PRO C 150 2.86 -5.74 -12.69
CA PRO C 150 2.58 -4.59 -13.57
C PRO C 150 3.50 -3.41 -13.25
N ILE C 151 4.23 -2.97 -14.26
CA ILE C 151 5.17 -1.86 -14.14
C ILE C 151 4.58 -0.68 -14.88
N HIS C 152 4.40 0.44 -14.16
CA HIS C 152 3.83 1.66 -14.71
C HIS C 152 4.69 2.84 -14.28
N VAL C 153 4.32 4.03 -14.73
CA VAL C 153 5.13 5.22 -14.48
C VAL C 153 5.19 5.57 -13.00
N LEU C 154 4.27 5.07 -12.19
CA LEU C 154 4.26 5.40 -10.76
C LEU C 154 5.21 4.50 -9.96
N ASN C 155 5.34 3.23 -10.36
CA ASN C 155 6.18 2.29 -9.64
C ASN C 155 7.40 1.85 -10.43
N ALA C 156 7.69 2.51 -11.55
CA ALA C 156 8.86 2.14 -12.35
C ALA C 156 10.16 2.40 -11.60
N GLU C 157 10.20 3.46 -10.80
CA GLU C 157 11.41 3.78 -10.06
C GLU C 157 11.63 2.80 -8.91
N GLU C 158 10.57 2.45 -8.19
CA GLU C 158 10.71 1.50 -7.09
C GLU C 158 11.11 0.12 -7.60
N ALA C 159 10.60 -0.28 -8.77
CA ALA C 159 10.94 -1.58 -9.33
C ALA C 159 12.39 -1.65 -9.79
N PHE C 160 13.03 -0.51 -10.00
CA PHE C 160 14.43 -0.49 -10.43
C PHE C 160 15.39 -0.66 -9.26
N LEU C 161 14.96 -0.34 -8.04
CA LEU C 161 15.84 -0.41 -6.88
C LEU C 161 16.53 -1.76 -6.69
N PRO C 162 15.91 -2.92 -6.93
CA PRO C 162 16.68 -4.17 -6.84
C PRO C 162 17.89 -4.20 -7.77
N ALA C 163 17.76 -3.66 -8.98
CA ALA C 163 18.89 -3.64 -9.91
C ALA C 163 20.00 -2.72 -9.41
N LEU C 164 19.64 -1.62 -8.72
CA LEU C 164 20.67 -0.73 -8.19
C LEU C 164 21.43 -1.37 -7.04
N LYS C 165 20.73 -2.09 -6.16
CA LYS C 165 21.41 -2.76 -5.05
C LYS C 165 22.31 -3.88 -5.54
N LYS C 166 21.98 -4.49 -6.68
CA LYS C 166 22.84 -5.53 -7.23
C LYS C 166 24.11 -4.95 -7.84
N LEU C 167 24.00 -3.86 -8.58
CA LEU C 167 25.16 -3.27 -9.23
C LEU C 167 26.16 -2.74 -8.22
N HIS C 168 25.68 -2.13 -7.14
CA HIS C 168 26.58 -1.67 -6.09
C HIS C 168 27.23 -2.84 -5.37
N ASN C 169 26.53 -3.97 -5.27
CA ASN C 169 27.10 -5.14 -4.59
C ASN C 169 28.19 -5.79 -5.43
N ASP C 170 28.00 -5.84 -6.76
CA ASP C 170 28.99 -6.45 -7.63
C ASP C 170 30.19 -5.53 -7.88
N PHE C 171 29.95 -4.21 -7.92
CA PHE C 171 31.00 -3.21 -8.15
C PHE C 171 31.06 -2.33 -6.90
N PRO C 172 31.70 -2.80 -5.84
CA PRO C 172 31.66 -2.05 -4.57
C PRO C 172 32.46 -0.76 -4.59
N ASN C 173 33.39 -0.58 -5.53
CA ASN C 173 34.19 0.63 -5.61
C ASN C 173 33.71 1.60 -6.67
N LEU C 174 32.75 1.20 -7.50
CA LEU C 174 32.26 2.09 -8.55
C LEU C 174 31.38 3.18 -7.96
N LYS C 175 31.45 4.36 -8.54
CA LYS C 175 30.63 5.50 -8.12
C LYS C 175 29.39 5.55 -9.01
N ILE C 176 28.23 5.26 -8.41
CA ILE C 176 26.96 5.21 -9.13
C ILE C 176 26.02 6.26 -8.55
N ILE C 177 25.30 6.95 -9.43
CA ILE C 177 24.36 7.99 -9.04
C ILE C 177 22.98 7.60 -9.56
N LEU C 178 22.00 7.51 -8.65
CA LEU C 178 20.61 7.31 -9.01
C LEU C 178 20.02 8.68 -9.34
N GLU C 179 20.10 9.04 -10.62
CA GLU C 179 19.74 10.38 -11.04
C GLU C 179 18.24 10.63 -10.84
N HIS C 180 17.91 11.88 -10.51
CA HIS C 180 16.55 12.38 -10.36
C HIS C 180 15.65 11.42 -9.57
N CYS C 181 15.99 11.25 -8.29
CA CYS C 181 15.13 10.49 -7.39
C CYS C 181 13.76 11.15 -7.28
N THR C 182 12.71 10.33 -7.30
CA THR C 182 11.35 10.86 -7.26
C THR C 182 10.50 10.16 -6.20
N SER C 183 10.84 8.91 -5.87
CA SER C 183 10.04 8.10 -4.97
C SER C 183 10.69 8.01 -3.59
N GLU C 184 9.85 7.88 -2.57
CA GLU C 184 10.37 7.70 -1.21
C GLU C 184 11.09 6.37 -1.06
N SER C 185 10.68 5.35 -1.82
CA SER C 185 11.38 4.06 -1.78
C SER C 185 12.83 4.22 -2.21
N ALA C 186 13.09 5.02 -3.24
CA ALA C 186 14.46 5.27 -3.67
C ALA C 186 15.25 6.03 -2.62
N ILE C 187 14.61 6.93 -1.88
CA ILE C 187 15.29 7.66 -0.83
C ILE C 187 15.69 6.72 0.30
N LYS C 188 14.81 5.78 0.66
CA LYS C 188 15.12 4.84 1.72
C LYS C 188 16.26 3.91 1.33
N THR C 189 16.28 3.48 0.06
CA THR C 189 17.35 2.58 -0.39
C THR C 189 18.70 3.29 -0.36
N ILE C 190 18.74 4.57 -0.73
CA ILE C 190 20.00 5.31 -0.71
C ILE C 190 20.50 5.47 0.72
N GLU C 191 19.60 5.76 1.65
CA GLU C 191 20.01 5.89 3.05
C GLU C 191 20.47 4.56 3.64
N ASP C 192 20.03 3.43 3.07
CA ASP C 192 20.47 2.14 3.57
C ASP C 192 21.85 1.77 3.05
N ILE C 193 22.14 2.10 1.79
CA ILE C 193 23.49 1.88 1.27
C ILE C 193 24.48 2.77 2.00
N ASN C 194 24.04 3.93 2.48
CA ASN C 194 24.89 4.88 3.19
C ASN C 194 24.50 4.96 4.67
N LYS C 195 24.23 3.82 5.29
CA LYS C 195 23.71 3.81 6.66
C LYS C 195 24.77 4.27 7.66
N ASN C 196 26.02 3.85 7.49
CA ASN C 196 27.07 4.06 8.47
C ASN C 196 28.31 4.68 7.84
N VAL C 197 28.11 5.72 7.03
CA VAL C 197 29.20 6.51 6.46
C VAL C 197 28.90 7.97 6.70
N LYS C 198 29.93 8.73 7.09
CA LYS C 198 29.73 10.13 7.48
C LYS C 198 30.87 11.00 6.98
N LYS C 199 30.43 12.15 6.49
CA LYS C 199 31.29 13.27 6.06
C LYS C 199 32.15 12.91 4.87
N ALA C 200 31.57 13.18 3.72
CA ALA C 200 32.22 13.24 2.40
C ALA C 200 32.60 11.98 1.64
N THR C 201 33.71 11.31 1.99
CA THR C 201 34.24 10.63 0.82
C THR C 201 34.02 9.13 0.85
N ASP C 202 33.51 8.58 1.95
CA ASP C 202 33.16 7.16 1.98
C ASP C 202 31.96 6.86 1.10
N VAL C 203 31.22 7.88 0.66
CA VAL C 203 30.05 7.68 -0.17
C VAL C 203 30.48 7.20 -1.55
N LYS C 204 30.00 6.03 -1.94
CA LYS C 204 30.22 5.50 -3.28
C LYS C 204 28.95 5.47 -4.13
N VAL C 205 27.78 5.62 -3.52
CA VAL C 205 26.51 5.63 -4.23
C VAL C 205 25.68 6.78 -3.71
N ALA C 206 25.34 7.72 -4.58
CA ALA C 206 24.53 8.87 -4.20
C ALA C 206 23.37 9.06 -5.19
N ALA C 207 22.66 10.18 -5.07
CA ALA C 207 21.51 10.43 -5.93
C ALA C 207 21.32 11.93 -6.10
N THR C 208 21.12 12.36 -7.33
CA THR C 208 20.84 13.76 -7.63
C THR C 208 19.34 14.02 -7.51
N LEU C 209 18.99 15.19 -6.98
CA LEU C 209 17.60 15.61 -6.84
C LEU C 209 17.39 16.85 -7.69
N THR C 210 16.30 16.86 -8.46
CA THR C 210 16.02 17.97 -9.35
C THR C 210 15.38 19.13 -8.59
N ALA C 211 15.20 20.24 -9.29
CA ALA C 211 14.56 21.41 -8.69
C ALA C 211 13.04 21.29 -8.73
N HIS C 212 12.51 20.74 -9.83
CA HIS C 212 11.05 20.69 -10.00
C HIS C 212 10.41 19.58 -9.17
N HIS C 213 11.14 18.48 -8.90
CA HIS C 213 10.56 17.41 -8.10
C HIS C 213 10.40 17.80 -6.64
N LEU C 214 11.06 18.88 -6.20
CA LEU C 214 10.81 19.41 -4.86
C LEU C 214 9.57 20.28 -4.79
N PHE C 215 8.99 20.64 -5.94
CA PHE C 215 7.77 21.42 -6.00
C PHE C 215 6.57 20.63 -6.53
N LEU C 216 6.79 19.74 -7.48
CA LEU C 216 5.70 19.13 -8.25
C LEU C 216 5.25 17.81 -7.63
N THR C 217 3.93 17.61 -7.63
CA THR C 217 3.30 16.33 -7.37
C THR C 217 2.52 15.93 -8.61
N ILE C 218 1.75 14.84 -8.49
CA ILE C 218 1.01 14.35 -9.66
C ILE C 218 -0.06 15.36 -10.09
N ASP C 219 -0.58 16.16 -9.15
CA ASP C 219 -1.61 17.14 -9.48
C ASP C 219 -1.08 18.30 -10.31
N ASP C 220 0.24 18.48 -10.36
CA ASP C 220 0.82 19.62 -11.05
C ASP C 220 1.11 19.35 -12.52
N TRP C 221 1.15 18.08 -12.94
CA TRP C 221 1.36 17.74 -14.33
C TRP C 221 0.20 16.96 -14.94
N ALA C 222 -0.90 16.82 -14.22
CA ALA C 222 -2.06 16.09 -14.73
C ALA C 222 -2.55 16.71 -16.04
N GLY C 223 -2.96 17.98 -16.00
CA GLY C 223 -3.37 18.67 -17.19
C GLY C 223 -2.41 19.77 -17.60
N ASN C 224 -1.14 19.62 -17.20
CA ASN C 224 -0.11 20.62 -17.46
C ASN C 224 1.13 19.91 -18.00
N PRO C 225 1.23 19.75 -19.32
CA PRO C 225 2.40 19.06 -19.89
C PRO C 225 3.73 19.75 -19.61
N VAL C 226 3.73 21.02 -19.20
CA VAL C 226 5.00 21.68 -18.90
C VAL C 226 5.63 21.10 -17.65
N ASN C 227 4.82 20.55 -16.76
CA ASN C 227 5.33 19.88 -15.56
C ASN C 227 5.52 18.38 -15.77
N PHE C 228 5.25 17.88 -16.98
CA PHE C 228 5.42 16.46 -17.27
C PHE C 228 6.90 16.17 -17.58
N CYS C 229 7.48 15.23 -16.84
CA CYS C 229 8.86 14.84 -17.04
C CYS C 229 9.02 13.39 -16.63
N LYS C 230 10.22 12.86 -16.85
CA LYS C 230 10.54 11.50 -16.46
C LYS C 230 11.73 11.50 -15.51
N PRO C 231 11.61 10.91 -14.31
CA PRO C 231 10.40 10.26 -13.81
C PRO C 231 9.33 11.25 -13.39
N VAL C 232 8.05 10.86 -13.53
CA VAL C 232 6.95 11.78 -13.26
C VAL C 232 6.92 12.15 -11.79
N ALA C 233 6.37 13.33 -11.51
CA ALA C 233 6.13 13.71 -10.12
C ALA C 233 5.11 12.77 -9.50
N LYS C 234 5.31 12.46 -8.22
CA LYS C 234 4.56 11.39 -7.56
C LYS C 234 3.73 11.97 -6.41
N LEU C 235 3.19 11.07 -5.58
CA LEU C 235 2.27 11.43 -4.51
C LEU C 235 2.93 12.42 -3.54
N PRO C 236 2.12 13.20 -2.82
CA PRO C 236 2.69 14.17 -1.87
C PRO C 236 3.56 13.54 -0.81
N ASN C 237 3.33 12.27 -0.47
CA ASN C 237 4.24 11.58 0.43
C ASN C 237 5.64 11.49 -0.15
N ASP C 238 5.75 11.38 -1.47
CA ASP C 238 7.06 11.31 -2.11
C ASP C 238 7.76 12.65 -2.18
N LYS C 239 7.01 13.74 -2.33
CA LYS C 239 7.63 15.06 -2.36
C LYS C 239 8.22 15.41 -0.99
N LYS C 240 7.51 15.05 0.09
CA LYS C 240 8.02 15.31 1.43
C LYS C 240 9.34 14.59 1.66
N ALA C 241 9.47 13.37 1.14
CA ALA C 241 10.71 12.61 1.33
C ALA C 241 11.86 13.23 0.56
N LEU C 242 11.60 13.69 -0.67
CA LEU C 242 12.66 14.31 -1.46
C LEU C 242 13.10 15.64 -0.85
N VAL C 243 12.14 16.44 -0.36
CA VAL C 243 12.49 17.71 0.26
C VAL C 243 13.29 17.49 1.53
N LYS C 244 12.86 16.53 2.37
CA LYS C 244 13.58 16.24 3.60
C LYS C 244 14.98 15.70 3.31
N ALA C 245 15.14 14.95 2.22
CA ALA C 245 16.44 14.42 1.86
C ALA C 245 17.35 15.46 1.23
N ALA C 246 16.78 16.53 0.65
CA ALA C 246 17.60 17.56 0.03
C ALA C 246 18.13 18.53 1.07
N VAL C 247 17.32 18.92 2.05
CA VAL C 247 17.74 19.80 3.12
C VAL C 247 18.35 18.98 4.24
N SER C 248 18.57 17.69 3.98
CA SER C 248 19.08 16.78 5.00
C SER C 248 20.46 17.22 5.48
N GLY C 249 21.42 17.33 4.57
CA GLY C 249 22.79 17.64 4.92
C GLY C 249 23.74 16.46 4.79
N LYS C 250 23.25 15.30 4.38
CA LYS C 250 24.09 14.14 4.18
C LYS C 250 24.84 14.27 2.84
N PRO C 251 26.02 13.65 2.73
CA PRO C 251 26.83 13.83 1.51
C PRO C 251 26.31 13.07 0.30
N TYR C 252 25.31 12.20 0.44
CA TYR C 252 24.83 11.39 -0.67
C TYR C 252 23.60 11.99 -1.35
N PHE C 253 23.33 13.27 -1.12
CA PHE C 253 22.20 13.97 -1.75
C PHE C 253 22.69 15.35 -2.20
N PHE C 254 23.00 15.49 -3.49
CA PHE C 254 23.40 16.77 -4.05
C PHE C 254 22.54 17.09 -5.26
N PHE C 255 22.74 18.28 -5.82
CA PHE C 255 21.81 18.89 -6.77
C PHE C 255 22.13 18.44 -8.19
N GLY C 256 21.13 17.87 -8.87
CA GLY C 256 21.17 17.65 -10.30
C GLY C 256 19.86 18.07 -10.93
N SER C 257 19.89 19.08 -11.80
CA SER C 257 18.66 19.76 -12.20
C SER C 257 17.81 18.93 -13.15
N ASP C 258 18.45 18.18 -14.05
CA ASP C 258 17.76 17.52 -15.16
C ASP C 258 16.95 18.54 -15.97
N SER C 259 17.58 19.69 -16.23
CA SER C 259 16.95 20.74 -17.02
C SER C 259 16.88 20.29 -18.47
N ALA C 260 15.69 19.89 -18.92
CA ALA C 260 15.48 19.44 -20.29
C ALA C 260 14.65 20.46 -21.05
N PRO C 261 15.29 21.37 -21.79
CA PRO C 261 14.51 22.36 -22.55
C PRO C 261 13.87 21.74 -23.76
N HIS C 262 12.66 22.21 -24.08
CA HIS C 262 11.91 21.77 -25.25
C HIS C 262 11.17 22.98 -25.81
N PRO C 263 11.10 23.10 -27.13
CA PRO C 263 10.29 24.16 -27.72
C PRO C 263 8.84 24.03 -27.28
N VAL C 264 8.17 25.18 -27.16
CA VAL C 264 6.78 25.19 -26.71
C VAL C 264 5.89 24.38 -27.66
N GLN C 265 6.32 24.20 -28.91
CA GLN C 265 5.59 23.36 -29.84
C GLN C 265 5.76 21.88 -29.55
N ASN C 266 6.71 21.50 -28.69
CA ASN C 266 6.89 20.12 -28.26
C ASN C 266 6.20 19.81 -26.95
N LYS C 267 5.69 20.82 -26.25
CA LYS C 267 4.92 20.62 -25.03
C LYS C 267 3.41 20.73 -25.25
N ALA C 268 2.99 21.45 -26.28
CA ALA C 268 1.57 21.62 -26.60
C ALA C 268 1.13 20.60 -27.65
N ASN C 269 1.35 19.33 -27.32
CA ASN C 269 0.94 18.21 -28.16
C ASN C 269 -0.28 17.52 -27.57
N TYR C 270 -1.21 17.11 -28.43
CA TYR C 270 -2.35 16.35 -27.93
C TYR C 270 -2.01 14.86 -27.75
N GLU C 271 -0.88 14.41 -28.26
CA GLU C 271 -0.37 13.08 -28.00
C GLU C 271 1.13 13.06 -28.25
N GLY C 272 1.85 12.35 -27.38
CA GLY C 272 3.30 12.30 -27.50
C GLY C 272 3.99 13.55 -27.03
N VAL C 273 3.65 14.01 -25.82
CA VAL C 273 4.29 15.19 -25.26
C VAL C 273 5.71 14.84 -24.83
N CYS C 274 6.67 15.67 -25.23
CA CYS C 274 8.05 15.46 -24.82
C CYS C 274 8.20 15.67 -23.31
N ALA C 275 8.98 14.80 -22.68
CA ALA C 275 9.20 14.86 -21.25
C ALA C 275 10.35 15.81 -20.92
N GLY C 276 10.34 16.33 -19.70
CA GLY C 276 11.40 17.22 -19.24
C GLY C 276 10.91 18.60 -18.88
N VAL C 277 11.54 19.20 -17.87
CA VAL C 277 11.20 20.55 -17.41
C VAL C 277 12.45 21.41 -17.52
N TYR C 278 12.29 22.62 -18.06
CA TYR C 278 13.40 23.57 -18.17
C TYR C 278 13.47 24.39 -16.90
N SER C 279 14.55 24.19 -16.13
CA SER C 279 14.77 24.90 -14.87
C SER C 279 16.19 25.44 -14.77
N GLN C 280 16.79 25.78 -15.91
CA GLN C 280 18.19 26.20 -15.95
C GLN C 280 18.37 27.70 -15.75
N SER C 281 17.45 28.51 -16.27
CA SER C 281 17.61 29.97 -16.18
C SER C 281 17.60 30.48 -14.75
N PHE C 282 16.99 29.74 -13.82
CA PHE C 282 16.93 30.13 -12.42
C PHE C 282 17.18 28.91 -11.53
N ALA C 283 18.20 28.12 -11.89
CA ALA C 283 18.42 26.85 -11.22
C ALA C 283 18.62 27.00 -9.72
N ILE C 284 19.51 27.91 -9.32
CA ILE C 284 19.81 28.11 -7.91
C ILE C 284 18.69 28.86 -7.19
N PRO C 285 18.11 29.92 -7.78
CA PRO C 285 16.94 30.54 -7.12
C PRO C 285 15.79 29.58 -6.90
N TYR C 286 15.65 28.55 -7.73
CA TYR C 286 14.64 27.52 -7.49
C TYR C 286 14.93 26.78 -6.19
N ILE C 287 16.17 26.30 -6.03
CA ILE C 287 16.54 25.57 -4.82
C ILE C 287 16.56 26.49 -3.61
N ALA C 288 16.79 27.79 -3.82
CA ALA C 288 16.82 28.73 -2.70
C ALA C 288 15.46 28.84 -2.04
N GLN C 289 14.38 28.77 -2.82
CA GLN C 289 13.04 28.90 -2.25
C GLN C 289 12.68 27.69 -1.40
N VAL C 290 13.12 26.49 -1.81
CA VAL C 290 12.86 25.29 -1.02
C VAL C 290 13.56 25.37 0.32
N PHE C 291 14.85 25.73 0.31
CA PHE C 291 15.62 25.76 1.54
C PHE C 291 15.19 26.88 2.47
N GLU C 292 14.66 27.98 1.92
CA GLU C 292 14.13 29.04 2.76
C GLU C 292 12.85 28.62 3.45
N GLU C 293 11.96 27.94 2.72
CA GLU C 293 10.69 27.50 3.29
C GLU C 293 10.91 26.43 4.37
N GLN C 294 12.00 25.69 4.29
CA GLN C 294 12.27 24.60 5.24
C GLN C 294 13.20 25.02 6.37
N ASN C 295 13.63 26.29 6.41
CA ASN C 295 14.50 26.80 7.45
C ASN C 295 15.78 25.96 7.57
N ALA C 296 16.38 25.66 6.42
CA ALA C 296 17.58 24.86 6.35
C ALA C 296 18.58 25.48 5.38
N LEU C 297 18.65 26.82 5.36
CA LEU C 297 19.54 27.51 4.43
C LEU C 297 21.01 27.18 4.68
N GLU C 298 21.37 26.74 5.88
CA GLU C 298 22.76 26.42 6.17
C GLU C 298 23.23 25.21 5.37
N ASN C 299 22.32 24.31 4.99
CA ASN C 299 22.67 23.15 4.19
C ASN C 299 22.60 23.42 2.70
N LEU C 300 22.25 24.65 2.29
CA LEU C 300 22.10 24.95 0.87
C LEU C 300 23.44 24.90 0.14
N LYS C 301 24.52 25.32 0.80
CA LYS C 301 25.82 25.33 0.14
C LYS C 301 26.33 23.92 -0.11
N GLY C 302 26.12 23.01 0.86
CA GLY C 302 26.56 21.64 0.67
C GLY C 302 25.77 20.91 -0.40
N PHE C 303 24.45 21.07 -0.39
CA PHE C 303 23.62 20.42 -1.39
C PHE C 303 23.90 20.94 -2.79
N VAL C 304 24.27 22.21 -2.92
CA VAL C 304 24.50 22.81 -4.23
C VAL C 304 25.95 22.71 -4.65
N SER C 305 26.90 22.91 -3.73
CA SER C 305 28.30 23.02 -4.09
C SER C 305 29.17 21.91 -3.50
N ASP C 306 29.11 21.69 -2.18
CA ASP C 306 30.11 20.84 -1.53
C ASP C 306 29.97 19.38 -1.95
N PHE C 307 28.76 18.82 -1.80
CA PHE C 307 28.57 17.39 -2.05
C PHE C 307 28.75 17.04 -3.52
N GLY C 308 28.51 17.99 -4.42
CA GLY C 308 28.71 17.71 -5.84
C GLY C 308 30.17 17.65 -6.22
N ILE C 309 30.97 18.60 -5.73
CA ILE C 309 32.41 18.59 -6.01
C ILE C 309 33.07 17.39 -5.35
N SER C 310 32.68 17.08 -4.11
CA SER C 310 33.33 15.99 -3.38
C SER C 310 33.12 14.65 -4.07
N PHE C 311 31.91 14.40 -4.58
CA PHE C 311 31.62 13.11 -5.19
C PHE C 311 32.33 12.97 -6.53
N TYR C 312 32.14 13.94 -7.43
CA TYR C 312 32.77 13.89 -8.74
C TYR C 312 34.26 14.19 -8.69
N GLU C 313 34.78 14.63 -7.54
CA GLU C 313 36.20 14.93 -7.36
C GLU C 313 36.67 15.97 -8.39
N VAL C 314 36.06 17.15 -8.31
CA VAL C 314 36.38 18.26 -9.20
C VAL C 314 37.54 19.02 -8.55
N LYS C 315 38.74 18.79 -9.06
CA LYS C 315 39.91 19.50 -8.55
C LYS C 315 39.89 20.95 -9.02
N ASP C 316 40.65 21.78 -8.31
CA ASP C 316 40.63 23.22 -8.58
C ASP C 316 41.27 23.57 -9.92
N SER C 317 42.09 22.68 -10.48
CA SER C 317 42.71 22.93 -11.77
C SER C 317 41.76 22.75 -12.95
N GLU C 318 40.54 22.30 -12.71
CA GLU C 318 39.57 22.07 -13.77
C GLU C 318 38.51 23.15 -13.87
N VAL C 319 38.32 23.94 -12.81
CA VAL C 319 37.28 24.97 -12.80
C VAL C 319 37.66 26.06 -13.79
N ALA C 320 36.75 26.33 -14.73
CA ALA C 320 37.04 27.29 -15.80
C ALA C 320 36.98 28.74 -15.34
N SER C 321 36.34 29.02 -14.20
CA SER C 321 36.26 30.38 -13.67
C SER C 321 35.97 30.31 -12.20
N SER C 322 36.84 30.92 -11.39
CA SER C 322 36.72 30.90 -9.93
C SER C 322 35.72 31.92 -9.40
N ASP C 323 34.87 32.48 -10.26
CA ASP C 323 33.86 33.43 -9.79
C ASP C 323 32.86 32.72 -8.90
N LYS C 324 32.60 33.31 -7.72
CA LYS C 324 31.67 32.74 -6.77
C LYS C 324 30.25 33.19 -7.07
N ALA C 325 29.29 32.31 -6.81
CA ALA C 325 27.87 32.60 -7.02
C ALA C 325 27.29 33.13 -5.73
N ILE C 326 26.92 34.42 -5.72
CA ILE C 326 26.36 35.09 -4.56
C ILE C 326 24.85 35.16 -4.72
N LEU C 327 24.13 34.66 -3.72
CA LEU C 327 22.67 34.60 -3.75
C LEU C 327 22.12 35.64 -2.79
N PHE C 328 21.53 36.69 -3.33
CA PHE C 328 20.97 37.78 -2.55
C PHE C 328 19.44 37.79 -2.66
N LYS C 329 18.80 38.38 -1.66
CA LYS C 329 17.34 38.34 -1.54
C LYS C 329 16.75 39.59 -2.17
N LYS C 330 16.44 39.51 -3.47
CA LYS C 330 15.72 40.56 -4.19
C LYS C 330 14.70 39.88 -5.08
N GLU C 331 13.43 40.23 -4.89
CA GLU C 331 12.36 39.55 -5.60
C GLU C 331 12.44 39.81 -7.10
N GLN C 332 12.21 38.75 -7.87
CA GLN C 332 12.17 38.83 -9.32
C GLN C 332 11.03 37.97 -9.85
N VAL C 333 10.53 38.34 -11.02
CA VAL C 333 9.46 37.60 -11.68
C VAL C 333 10.08 36.69 -12.71
N ILE C 334 9.49 35.50 -12.89
CA ILE C 334 9.95 34.54 -13.89
C ILE C 334 9.22 34.85 -15.19
N PRO C 335 9.93 34.99 -16.31
CA PRO C 335 9.27 35.32 -17.57
C PRO C 335 8.26 34.26 -17.98
N GLN C 336 7.24 34.70 -18.72
CA GLN C 336 6.26 33.76 -19.27
C GLN C 336 6.87 32.85 -20.32
N VAL C 337 7.99 33.24 -20.91
CA VAL C 337 8.61 32.47 -21.99
C VAL C 337 10.06 32.91 -22.13
N ILE C 338 10.94 31.95 -22.36
CA ILE C 338 12.34 32.22 -22.68
C ILE C 338 12.50 32.08 -24.19
N SER C 339 12.93 33.16 -24.85
CA SER C 339 13.01 33.19 -26.30
C SER C 339 14.39 33.65 -26.74
N ASP C 340 14.72 33.33 -27.99
CA ASP C 340 15.98 33.74 -28.60
C ASP C 340 15.75 34.71 -29.77
N GLY C 341 14.59 35.34 -29.84
CA GLY C 341 14.26 36.18 -30.98
C GLY C 341 14.20 35.44 -32.29
N LYS C 342 13.98 34.13 -32.25
CA LYS C 342 14.03 33.28 -33.43
C LYS C 342 13.03 32.14 -33.23
N ASP C 343 13.20 31.06 -33.99
CA ASP C 343 12.26 29.93 -34.02
C ASP C 343 12.19 29.16 -32.71
N ILE C 344 12.88 29.57 -31.65
CA ILE C 344 12.94 28.82 -30.40
C ILE C 344 12.23 29.60 -29.30
N SER C 345 11.46 28.88 -28.49
CA SER C 345 10.79 29.46 -27.33
C SER C 345 10.56 28.36 -26.30
N ILE C 346 10.94 28.63 -25.05
CA ILE C 346 10.78 27.67 -23.97
C ILE C 346 9.83 28.24 -22.93
N ILE C 347 9.13 27.34 -22.23
CA ILE C 347 8.34 27.70 -21.07
C ILE C 347 9.16 27.34 -19.83
N PRO C 348 9.65 28.32 -19.07
CA PRO C 348 10.48 28.00 -17.90
C PRO C 348 9.65 27.47 -16.75
N PHE C 349 10.32 26.73 -15.88
CA PHE C 349 9.64 26.16 -14.72
C PHE C 349 9.16 27.26 -13.79
N LYS C 350 7.95 27.09 -13.26
CA LYS C 350 7.30 28.09 -12.42
C LYS C 350 7.22 29.45 -13.11
N ALA C 351 6.86 29.43 -14.39
CA ALA C 351 6.76 30.68 -15.15
C ALA C 351 5.66 31.56 -14.58
N GLY C 352 6.00 32.83 -14.35
CA GLY C 352 5.09 33.79 -13.78
C GLY C 352 5.22 33.97 -12.28
N ASP C 353 5.52 32.89 -11.56
CA ASP C 353 5.71 32.98 -10.12
C ASP C 353 6.90 33.87 -9.80
N LYS C 354 6.86 34.48 -8.62
CA LYS C 354 7.94 35.33 -8.14
C LYS C 354 8.87 34.56 -7.21
N LEU C 355 10.15 34.87 -7.28
CA LEU C 355 11.16 34.24 -6.46
C LEU C 355 11.74 35.26 -5.48
N SER C 356 11.90 34.84 -4.23
CA SER C 356 12.44 35.74 -3.21
C SER C 356 13.95 35.94 -3.33
N TRP C 357 14.64 35.10 -4.10
CA TRP C 357 16.09 35.16 -4.19
C TRP C 357 16.53 35.40 -5.64
N SER C 358 17.69 36.04 -5.77
CA SER C 358 18.35 36.25 -7.05
C SER C 358 19.82 35.88 -6.92
N VAL C 359 20.46 35.65 -8.06
CA VAL C 359 21.83 35.16 -8.09
C VAL C 359 22.68 36.10 -8.93
N ARG C 360 23.92 36.31 -8.49
CA ARG C 360 24.91 37.07 -9.25
C ARG C 360 26.28 36.45 -9.01
N TRP C 361 27.28 36.93 -9.74
CA TRP C 361 28.63 36.40 -9.68
C TRP C 361 29.58 37.46 -9.17
N GLU C 362 30.59 37.00 -8.41
CA GLU C 362 31.58 37.87 -7.81
C GLU C 362 32.90 37.13 -7.77
N PRO C 363 34.01 37.75 -8.19
CA PRO C 363 35.31 37.06 -8.16
C PRO C 363 35.81 36.86 -6.74
N ARG C 364 36.92 36.12 -6.63
CA ARG C 364 37.50 35.75 -5.35
C ARG C 364 38.98 36.09 -5.35
N LEU C 365 39.62 35.85 -4.19
CA LEU C 365 41.06 36.05 -4.05
C LEU C 365 41.61 35.12 -2.97
N VAL D 2 -21.33 -13.13 -40.69
CA VAL D 2 -20.75 -12.47 -39.52
C VAL D 2 -21.64 -12.62 -38.31
N GLN D 3 -21.04 -12.68 -37.13
CA GLN D 3 -21.80 -12.82 -35.90
C GLN D 3 -22.62 -11.56 -35.63
N GLU D 4 -23.80 -11.75 -35.06
CA GLU D 4 -24.69 -10.64 -34.75
C GLU D 4 -25.23 -10.79 -33.33
N ILE D 5 -25.40 -9.65 -32.65
CA ILE D 5 -25.94 -9.59 -31.30
C ILE D 5 -27.00 -8.50 -31.25
N ASP D 6 -28.20 -8.85 -30.80
CA ASP D 6 -29.29 -7.90 -30.69
C ASP D 6 -29.23 -7.22 -29.33
N LEU D 7 -29.02 -5.90 -29.33
CA LEU D 7 -28.90 -5.14 -28.08
C LEU D 7 -30.15 -4.35 -27.74
N GLY D 8 -30.99 -4.03 -28.72
CA GLY D 8 -32.24 -3.33 -28.43
C GLY D 8 -32.00 -1.87 -28.13
N LEU D 9 -32.77 -1.34 -27.17
CA LEU D 9 -32.69 0.07 -26.79
C LEU D 9 -31.47 0.26 -25.89
N THR D 10 -30.34 0.61 -26.50
CA THR D 10 -29.12 0.82 -25.75
C THR D 10 -29.20 2.09 -24.91
N CYS D 11 -28.34 2.16 -23.88
CA CYS D 11 -28.33 3.26 -22.94
C CYS D 11 -26.92 3.78 -22.75
N ASP D 12 -26.75 5.10 -22.85
CA ASP D 12 -25.52 5.78 -22.52
C ASP D 12 -25.89 6.84 -21.49
N MET D 13 -25.85 6.45 -20.22
CA MET D 13 -26.37 7.28 -19.13
C MET D 13 -25.39 8.35 -18.67
N HIS D 14 -24.38 8.68 -19.48
CA HIS D 14 -23.47 9.78 -19.17
C HIS D 14 -22.96 10.33 -20.50
N VAL D 15 -23.60 11.39 -20.99
CA VAL D 15 -23.32 11.94 -22.30
C VAL D 15 -23.13 13.44 -22.18
N HIS D 16 -21.99 13.94 -22.66
CA HIS D 16 -21.74 15.37 -22.78
C HIS D 16 -21.92 15.76 -24.25
N VAL D 17 -22.93 16.57 -24.52
CA VAL D 17 -23.12 17.19 -25.82
C VAL D 17 -22.95 18.69 -25.62
N ARG D 18 -21.89 19.25 -26.21
CA ARG D 18 -21.55 20.65 -25.97
C ARG D 18 -22.61 21.55 -26.60
N GLU D 19 -22.38 22.85 -26.51
CA GLU D 19 -23.27 23.85 -27.08
C GLU D 19 -22.67 24.41 -28.37
N GLY D 20 -23.54 24.98 -29.20
CA GLY D 20 -23.09 25.63 -30.41
C GLY D 20 -22.82 24.68 -31.56
N ALA D 21 -21.78 24.97 -32.34
CA ALA D 21 -21.46 24.14 -33.50
C ALA D 21 -21.03 22.74 -33.08
N MET D 22 -20.44 22.60 -31.89
CA MET D 22 -20.10 21.27 -31.40
C MET D 22 -21.35 20.43 -31.17
N CYS D 23 -22.44 21.05 -30.74
CA CYS D 23 -23.70 20.33 -30.56
C CYS D 23 -24.18 19.73 -31.87
N GLU D 24 -24.05 20.49 -32.96
CA GLU D 24 -24.49 20.00 -34.26
C GLU D 24 -23.66 18.83 -34.76
N LEU D 25 -22.43 18.66 -34.25
CA LEU D 25 -21.54 17.62 -34.72
C LEU D 25 -21.66 16.32 -33.94
N VAL D 26 -21.77 16.39 -32.62
CA VAL D 26 -21.74 15.18 -31.80
C VAL D 26 -23.13 14.63 -31.48
N THR D 27 -24.17 15.46 -31.56
CA THR D 27 -25.52 14.96 -31.26
C THR D 27 -25.97 13.85 -32.20
N PRO D 28 -25.76 13.91 -33.52
CA PRO D 28 -26.09 12.75 -34.36
C PRO D 28 -25.19 11.55 -34.09
N LYS D 29 -23.99 11.77 -33.57
CA LYS D 29 -23.07 10.66 -33.29
C LYS D 29 -23.55 9.78 -32.14
N ILE D 30 -24.46 10.28 -31.31
CA ILE D 30 -25.06 9.44 -30.28
C ILE D 30 -25.75 8.24 -30.92
N ARG D 31 -26.55 8.48 -31.96
CA ARG D 31 -27.18 7.39 -32.68
C ARG D 31 -26.21 6.64 -33.57
N ASP D 32 -25.23 7.34 -34.15
CA ASP D 32 -24.24 6.69 -35.00
C ASP D 32 -23.37 5.73 -34.19
N GLY D 33 -23.17 6.01 -32.90
CA GLY D 33 -22.42 5.14 -32.03
C GLY D 33 -23.18 3.94 -31.50
N GLY D 34 -24.46 3.82 -31.86
CA GLY D 34 -25.26 2.71 -31.40
C GLY D 34 -26.00 2.95 -30.11
N VAL D 35 -26.30 4.20 -29.78
CA VAL D 35 -26.97 4.55 -28.53
C VAL D 35 -28.35 5.11 -28.86
N SER D 36 -29.38 4.56 -28.21
CA SER D 36 -30.74 5.03 -28.38
C SER D 36 -31.18 5.98 -27.27
N ILE D 37 -30.78 5.73 -26.04
CA ILE D 37 -31.16 6.54 -24.88
C ILE D 37 -29.90 7.19 -24.33
N ALA D 38 -29.93 8.52 -24.19
CA ALA D 38 -28.78 9.28 -23.73
C ALA D 38 -29.20 10.19 -22.59
N TYR D 39 -28.41 10.18 -21.51
CA TYR D 39 -28.61 11.05 -20.37
C TYR D 39 -27.64 12.22 -20.50
N ILE D 40 -28.18 13.41 -20.79
CA ILE D 40 -27.37 14.57 -21.14
C ILE D 40 -26.94 15.28 -19.87
N MET D 41 -25.63 15.51 -19.74
CA MET D 41 -25.09 16.20 -18.58
C MET D 41 -25.24 17.71 -18.72
N PRO D 42 -25.40 18.42 -17.60
CA PRO D 42 -25.72 19.86 -17.64
C PRO D 42 -24.54 20.81 -17.52
N ASN D 43 -23.29 20.32 -17.57
CA ASN D 43 -22.13 21.16 -17.31
C ASN D 43 -21.82 22.07 -18.51
N LEU D 44 -22.81 22.89 -18.86
CA LEU D 44 -22.66 23.87 -19.92
C LEU D 44 -22.06 25.15 -19.35
N GLN D 45 -21.89 26.15 -20.20
CA GLN D 45 -21.33 27.45 -19.79
C GLN D 45 -22.19 28.56 -20.35
N PRO D 46 -23.12 29.13 -19.54
CA PRO D 46 -23.38 28.81 -18.14
C PRO D 46 -24.09 27.47 -17.94
N PRO D 47 -23.93 26.86 -16.77
CA PRO D 47 -24.54 25.54 -16.53
C PRO D 47 -26.06 25.63 -16.49
N ILE D 48 -26.69 24.52 -16.87
CA ILE D 48 -28.14 24.44 -16.93
C ILE D 48 -28.70 24.33 -15.53
N THR D 49 -29.27 25.43 -15.01
CA THR D 49 -29.89 25.44 -13.70
C THR D 49 -31.31 26.02 -13.72
N THR D 50 -31.85 26.32 -14.90
CA THR D 50 -33.18 26.89 -15.02
C THR D 50 -34.06 26.01 -15.89
N LEU D 51 -35.37 26.11 -15.67
CA LEU D 51 -36.30 25.25 -16.41
C LEU D 51 -36.39 25.63 -17.87
N ASP D 52 -36.40 26.93 -18.17
CA ASP D 52 -36.52 27.37 -19.57
C ASP D 52 -35.29 26.97 -20.39
N ARG D 53 -34.12 26.94 -19.75
CA ARG D 53 -32.89 26.61 -20.48
C ARG D 53 -32.84 25.13 -20.82
N VAL D 54 -33.33 24.27 -19.92
CA VAL D 54 -33.31 22.83 -20.18
C VAL D 54 -34.41 22.41 -21.14
N ILE D 55 -35.49 23.18 -21.24
CA ILE D 55 -36.54 22.87 -22.21
C ILE D 55 -36.08 23.20 -23.62
N GLU D 56 -35.44 24.37 -23.78
CA GLU D 56 -34.91 24.73 -25.09
C GLU D 56 -33.74 23.85 -25.48
N TYR D 57 -33.01 23.31 -24.48
CA TYR D 57 -31.87 22.45 -24.79
C TYR D 57 -32.34 21.12 -25.37
N LYS D 58 -33.38 20.53 -24.79
CA LYS D 58 -33.89 19.25 -25.30
C LYS D 58 -34.52 19.40 -26.67
N LYS D 59 -35.19 20.53 -26.93
CA LYS D 59 -35.74 20.79 -28.26
C LYS D 59 -34.65 20.83 -29.31
N THR D 60 -33.54 21.53 -29.01
CA THR D 60 -32.42 21.59 -29.95
C THR D 60 -31.81 20.21 -30.16
N LEU D 61 -31.77 19.39 -29.09
CA LEU D 61 -31.18 18.07 -29.21
C LEU D 61 -32.05 17.15 -30.06
N GLN D 62 -33.35 17.13 -29.81
CA GLN D 62 -34.25 16.29 -30.60
C GLN D 62 -34.40 16.80 -32.03
N LYS D 63 -34.05 18.05 -32.29
CA LYS D 63 -34.05 18.53 -33.67
C LYS D 63 -32.86 17.99 -34.44
N LEU D 64 -31.71 17.88 -33.78
CA LEU D 64 -30.52 17.33 -34.42
C LEU D 64 -30.53 15.80 -34.48
N ALA D 65 -31.30 15.15 -33.61
CA ALA D 65 -31.39 13.69 -33.60
C ALA D 65 -32.79 13.30 -33.15
N PRO D 66 -33.73 13.21 -34.09
CA PRO D 66 -35.11 12.86 -33.71
C PRO D 66 -35.25 11.44 -33.22
N LYS D 67 -34.43 10.51 -33.70
CA LYS D 67 -34.51 9.12 -33.30
C LYS D 67 -33.80 8.82 -31.98
N THR D 68 -33.16 9.82 -31.37
CA THR D 68 -32.46 9.63 -30.11
C THR D 68 -33.34 10.09 -28.96
N THR D 69 -33.39 9.29 -27.90
CA THR D 69 -34.15 9.61 -26.70
C THR D 69 -33.23 10.32 -25.71
N PHE D 70 -33.61 11.52 -25.30
CA PHE D 70 -32.79 12.35 -24.42
C PHE D 70 -33.41 12.41 -23.03
N LEU D 71 -32.58 12.23 -22.02
CA LEU D 71 -32.96 12.40 -20.62
C LEU D 71 -32.14 13.56 -20.06
N MET D 72 -32.83 14.65 -19.71
CA MET D 72 -32.14 15.88 -19.32
C MET D 72 -31.89 15.91 -17.83
N SER D 73 -31.03 16.84 -17.41
CA SER D 73 -30.66 16.95 -16.01
C SER D 73 -30.30 18.39 -15.68
N PHE D 74 -30.28 18.69 -14.39
CA PHE D 74 -29.92 20.00 -13.87
C PHE D 74 -28.51 19.97 -13.29
N TYR D 75 -27.90 21.14 -13.26
CA TYR D 75 -26.59 21.34 -12.64
C TYR D 75 -26.80 21.74 -11.19
N LEU D 76 -26.31 20.92 -10.26
CA LEU D 76 -26.49 21.20 -8.85
C LEU D 76 -25.80 22.50 -8.45
N SER D 77 -26.59 23.52 -8.13
CA SER D 77 -26.07 24.84 -7.79
C SER D 77 -26.86 25.40 -6.62
N LYS D 78 -26.31 26.46 -6.02
CA LYS D 78 -27.03 27.16 -4.96
C LYS D 78 -28.29 27.82 -5.47
N ASP D 79 -28.36 28.10 -6.78
CA ASP D 79 -29.56 28.72 -7.35
C ASP D 79 -30.76 27.79 -7.27
N LEU D 80 -30.54 26.48 -7.31
CA LEU D 80 -31.64 25.53 -7.29
C LEU D 80 -32.39 25.60 -5.96
N THR D 81 -33.71 25.65 -6.04
CA THR D 81 -34.61 25.63 -4.90
C THR D 81 -35.50 24.40 -4.98
N PRO D 82 -36.01 23.91 -3.84
CA PRO D 82 -36.94 22.77 -3.89
C PRO D 82 -38.16 23.03 -4.75
N ASP D 83 -38.62 24.29 -4.83
CA ASP D 83 -39.74 24.60 -5.69
C ASP D 83 -39.40 24.36 -7.16
N LEU D 84 -38.22 24.78 -7.59
CA LEU D 84 -37.82 24.56 -8.98
C LEU D 84 -37.62 23.08 -9.26
N ILE D 85 -37.17 22.31 -8.26
CA ILE D 85 -37.02 20.86 -8.45
C ILE D 85 -38.38 20.22 -8.66
N HIS D 86 -39.41 20.71 -7.97
CA HIS D 86 -40.75 20.16 -8.16
C HIS D 86 -41.34 20.57 -9.50
N GLU D 87 -41.14 21.83 -9.89
CA GLU D 87 -41.71 22.30 -11.16
C GLU D 87 -41.12 21.56 -12.34
N ALA D 88 -39.81 21.34 -12.34
CA ALA D 88 -39.17 20.67 -13.47
C ALA D 88 -39.54 19.19 -13.52
N ALA D 89 -39.60 18.53 -12.36
CA ALA D 89 -39.94 17.11 -12.34
C ALA D 89 -41.41 16.88 -12.67
N GLN D 90 -42.28 17.80 -12.27
CA GLN D 90 -43.71 17.66 -12.58
C GLN D 90 -44.02 17.97 -14.04
N GLN D 91 -43.06 18.50 -14.81
CA GLN D 91 -43.23 18.71 -16.23
C GLN D 91 -42.37 17.78 -17.07
N HIS D 92 -41.74 16.78 -16.44
CA HIS D 92 -40.91 15.79 -17.14
C HIS D 92 -39.83 16.45 -17.98
N ALA D 93 -39.26 17.55 -17.46
CA ALA D 93 -38.19 18.26 -18.13
C ALA D 93 -36.81 17.73 -17.76
N ILE D 94 -36.66 17.20 -16.54
CA ILE D 94 -35.40 16.64 -16.09
C ILE D 94 -35.66 15.25 -15.54
N ARG D 95 -34.59 14.46 -15.44
CA ARG D 95 -34.63 13.15 -14.80
C ARG D 95 -33.81 13.08 -13.52
N GLY D 96 -32.88 14.01 -13.33
CA GLY D 96 -32.07 14.03 -12.12
C GLY D 96 -31.22 15.27 -12.07
N VAL D 97 -30.46 15.37 -10.98
CA VAL D 97 -29.55 16.51 -10.80
C VAL D 97 -28.11 16.02 -10.70
N KCX D 98 -27.25 16.57 -11.53
CA KCX D 98 -25.85 16.18 -11.56
CB KCX D 98 -25.33 16.19 -12.99
CG KCX D 98 -23.83 15.97 -13.12
CD KCX D 98 -23.43 14.61 -12.60
CE KCX D 98 -21.94 14.40 -12.77
NZ KCX D 98 -21.51 14.76 -14.15
C KCX D 98 -25.00 17.09 -10.68
O KCX D 98 -25.02 18.32 -10.83
CX KCX D 98 -20.28 14.48 -14.56
OQ1 KCX D 98 -19.48 13.93 -13.80
OQ2 KCX D 98 -19.93 14.79 -15.71
N CYS D 99 -24.24 16.49 -9.79
CA CYS D 99 -23.42 17.23 -8.84
C CYS D 99 -21.95 17.31 -9.25
N TYR D 100 -21.39 18.50 -9.21
CA TYR D 100 -19.98 18.73 -9.53
C TYR D 100 -19.29 19.36 -8.33
N PRO D 101 -18.26 18.75 -7.77
CA PRO D 101 -17.46 19.42 -6.74
C PRO D 101 -16.73 20.63 -7.31
N ALA D 102 -16.24 21.48 -6.40
CA ALA D 102 -15.70 22.77 -6.78
C ALA D 102 -14.31 22.60 -7.41
N GLY D 103 -14.19 22.95 -8.69
CA GLY D 103 -12.90 23.01 -9.34
C GLY D 103 -12.24 21.67 -9.62
N VAL D 104 -13.03 20.61 -9.79
CA VAL D 104 -12.48 19.28 -9.99
C VAL D 104 -12.40 18.91 -11.46
N THR D 105 -13.37 19.35 -12.26
CA THR D 105 -13.41 18.99 -13.67
C THR D 105 -13.82 20.22 -14.48
N THR D 106 -14.17 20.00 -15.74
CA THR D 106 -14.48 21.10 -16.64
C THR D 106 -15.79 21.77 -16.24
N ASN D 107 -15.75 23.10 -16.15
CA ASN D 107 -16.93 23.91 -15.82
C ASN D 107 -17.53 23.50 -14.48
N SER D 108 -16.67 23.15 -13.52
CA SER D 108 -17.10 22.74 -12.20
C SER D 108 -16.98 23.86 -11.17
N ALA D 109 -16.45 25.00 -11.65
CA ALA D 109 -16.18 26.19 -10.82
C ALA D 109 -17.42 26.56 -10.01
N ALA D 110 -18.57 26.70 -10.69
CA ALA D 110 -19.80 27.06 -9.96
C ALA D 110 -20.44 25.75 -9.48
N GLY D 111 -19.69 24.99 -8.68
CA GLY D 111 -20.12 23.67 -8.18
C GLY D 111 -20.24 23.79 -6.67
N VAL D 112 -20.16 22.64 -6.00
CA VAL D 112 -20.57 22.41 -4.62
C VAL D 112 -19.33 22.06 -3.80
N ASP D 113 -19.54 21.97 -2.48
CA ASP D 113 -18.50 21.54 -1.56
C ASP D 113 -18.89 20.17 -1.00
N PRO D 114 -18.12 19.12 -1.24
CA PRO D 114 -18.59 17.77 -0.87
C PRO D 114 -18.60 17.52 0.63
N ASN D 115 -17.72 18.15 1.40
CA ASN D 115 -17.72 17.97 2.85
C ASN D 115 -18.82 18.79 3.54
N ASP D 116 -19.67 19.47 2.77
CA ASP D 116 -20.87 20.13 3.30
C ASP D 116 -21.98 19.93 2.26
N PHE D 117 -22.74 18.84 2.41
CA PHE D 117 -23.92 18.61 1.59
C PHE D 117 -25.20 19.00 2.31
N SER D 118 -25.12 19.39 3.59
CA SER D 118 -26.31 19.70 4.38
C SER D 118 -27.06 20.89 3.81
N ALA D 119 -26.35 21.80 3.12
CA ALA D 119 -27.02 22.93 2.50
C ALA D 119 -27.91 22.48 1.34
N PHE D 120 -27.61 21.34 0.74
CA PHE D 120 -28.39 20.81 -0.38
C PHE D 120 -29.35 19.70 0.05
N TYR D 121 -29.45 19.43 1.35
CA TYR D 121 -30.40 18.42 1.81
C TYR D 121 -31.85 18.75 1.49
N PRO D 122 -32.32 20.00 1.58
CA PRO D 122 -33.67 20.29 1.08
C PRO D 122 -33.86 19.97 -0.39
N ILE D 123 -32.80 20.12 -1.19
CA ILE D 123 -32.89 19.78 -2.61
C ILE D 123 -33.03 18.27 -2.79
N PHE D 124 -32.20 17.49 -2.08
CA PHE D 124 -32.26 16.04 -2.21
C PHE D 124 -33.58 15.48 -1.70
N LYS D 125 -34.18 16.14 -0.70
CA LYS D 125 -35.48 15.69 -0.22
C LYS D 125 -36.56 15.91 -1.27
N ALA D 126 -36.48 17.03 -2.00
CA ALA D 126 -37.43 17.27 -3.09
C ALA D 126 -37.19 16.32 -4.25
N MET D 127 -35.93 15.98 -4.53
CA MET D 127 -35.63 15.01 -5.56
C MET D 127 -36.16 13.63 -5.20
N GLN D 128 -36.09 13.27 -3.93
CA GLN D 128 -36.53 11.95 -3.49
C GLN D 128 -38.03 11.78 -3.67
N GLU D 129 -38.81 12.83 -3.39
CA GLU D 129 -40.25 12.74 -3.56
C GLU D 129 -40.65 12.65 -5.03
N GLU D 130 -39.91 13.31 -5.91
CA GLU D 130 -40.20 13.32 -7.33
C GLU D 130 -39.51 12.19 -8.09
N ASN D 131 -38.87 11.27 -7.37
CA ASN D 131 -38.20 10.12 -7.98
C ASN D 131 -37.16 10.54 -9.01
N LEU D 132 -36.28 11.47 -8.60
CA LEU D 132 -35.15 11.89 -9.41
C LEU D 132 -33.90 11.15 -8.99
N VAL D 133 -32.89 11.17 -9.87
CA VAL D 133 -31.63 10.47 -9.66
C VAL D 133 -30.55 11.50 -9.35
N LEU D 134 -29.83 11.28 -8.26
CA LEU D 134 -28.71 12.15 -7.87
C LEU D 134 -27.44 11.58 -8.48
N ASN D 135 -26.98 12.18 -9.57
CA ASN D 135 -25.74 11.77 -10.22
C ASN D 135 -24.58 12.51 -9.56
N LEU D 136 -23.56 11.76 -9.15
CA LEU D 136 -22.46 12.30 -8.37
C LEU D 136 -21.15 12.13 -9.11
N HIS D 137 -20.43 13.24 -9.30
CA HIS D 137 -19.03 13.20 -9.71
C HIS D 137 -18.19 13.03 -8.45
N GLY D 138 -17.79 11.80 -8.18
CA GLY D 138 -17.15 11.50 -6.90
C GLY D 138 -15.66 11.77 -6.87
N GLU D 139 -15.28 12.93 -6.35
CA GLU D 139 -13.87 13.30 -6.21
C GLU D 139 -13.79 14.48 -5.26
N LYS D 140 -13.03 14.31 -4.18
CA LYS D 140 -12.81 15.41 -3.25
C LYS D 140 -11.83 16.40 -3.84
N PRO D 141 -12.03 17.71 -3.64
CA PRO D 141 -11.05 18.69 -4.12
C PRO D 141 -9.71 18.48 -3.44
N SER D 142 -8.64 18.63 -4.22
CA SER D 142 -7.31 18.31 -3.74
C SER D 142 -6.87 19.28 -2.64
N VAL D 143 -6.29 18.73 -1.58
CA VAL D 143 -5.67 19.53 -0.51
C VAL D 143 -4.40 18.81 -0.08
N HIS D 144 -3.25 19.46 -0.29
CA HIS D 144 -1.97 18.86 0.05
C HIS D 144 -1.43 19.34 1.40
N ASP D 145 -2.02 20.45 1.86
CA ASP D 145 -1.66 21.15 3.10
C ASP D 145 -2.51 20.64 4.26
N GLY D 146 -2.79 21.52 5.22
CA GLY D 146 -3.60 21.19 6.40
C GLY D 146 -2.88 20.17 7.27
N ASP D 147 -3.62 19.27 7.89
CA ASP D 147 -3.01 18.22 8.74
C ASP D 147 -3.67 16.88 8.39
N LYS D 148 -4.75 16.90 7.59
CA LYS D 148 -5.47 15.66 7.17
C LYS D 148 -4.70 15.01 6.03
N GLU D 149 -5.01 13.76 5.70
CA GLU D 149 -4.28 13.11 4.63
C GLU D 149 -4.41 13.90 3.33
N PRO D 150 -3.31 14.06 2.58
CA PRO D 150 -3.39 14.83 1.33
C PRO D 150 -4.27 14.12 0.30
N ILE D 151 -4.88 14.93 -0.57
CA ILE D 151 -5.78 14.44 -1.61
C ILE D 151 -5.21 14.84 -2.96
N HIS D 152 -5.14 13.88 -3.88
CA HIS D 152 -4.60 14.10 -5.21
C HIS D 152 -5.50 13.38 -6.22
N VAL D 153 -5.12 13.46 -7.50
CA VAL D 153 -5.96 12.92 -8.57
C VAL D 153 -6.06 11.40 -8.54
N LEU D 154 -5.24 10.72 -7.74
CA LEU D 154 -5.28 9.26 -7.67
C LEU D 154 -6.13 8.73 -6.52
N ASN D 155 -6.35 9.52 -5.46
CA ASN D 155 -7.14 9.08 -4.33
C ASN D 155 -8.30 10.01 -4.02
N ALA D 156 -8.55 11.02 -4.86
CA ALA D 156 -9.69 11.90 -4.63
C ALA D 156 -11.01 11.16 -4.77
N GLU D 157 -11.06 10.14 -5.63
CA GLU D 157 -12.27 9.35 -5.76
C GLU D 157 -12.51 8.50 -4.51
N GLU D 158 -11.45 7.89 -3.98
CA GLU D 158 -11.59 7.10 -2.75
C GLU D 158 -11.93 7.99 -1.56
N ALA D 159 -11.43 9.23 -1.55
CA ALA D 159 -11.75 10.16 -0.47
C ALA D 159 -13.21 10.60 -0.51
N PHE D 160 -13.89 10.44 -1.65
CA PHE D 160 -15.30 10.82 -1.75
C PHE D 160 -16.22 9.73 -1.24
N LEU D 161 -15.75 8.48 -1.17
CA LEU D 161 -16.62 7.38 -0.78
C LEU D 161 -17.28 7.56 0.58
N PRO D 162 -16.63 8.10 1.62
CA PRO D 162 -17.38 8.36 2.87
C PRO D 162 -18.55 9.30 2.67
N ALA D 163 -18.41 10.31 1.81
CA ALA D 163 -19.53 11.21 1.54
C ALA D 163 -20.64 10.50 0.78
N LEU D 164 -20.28 9.56 -0.09
CA LEU D 164 -21.30 8.78 -0.80
C LEU D 164 -22.12 7.92 0.16
N LYS D 165 -21.46 7.28 1.12
CA LYS D 165 -22.16 6.42 2.06
C LYS D 165 -23.09 7.22 2.97
N LYS D 166 -22.66 8.43 3.35
CA LYS D 166 -23.52 9.27 4.19
C LYS D 166 -24.76 9.72 3.45
N LEU D 167 -24.61 10.07 2.16
CA LEU D 167 -25.77 10.46 1.36
C LEU D 167 -26.75 9.31 1.21
N HIS D 168 -26.25 8.12 0.91
CA HIS D 168 -27.11 6.93 0.85
C HIS D 168 -27.71 6.63 2.21
N ASN D 169 -27.00 6.97 3.29
CA ASN D 169 -27.52 6.71 4.63
C ASN D 169 -28.63 7.69 4.98
N ASP D 170 -28.41 8.98 4.74
CA ASP D 170 -29.40 10.01 5.09
C ASP D 170 -30.61 9.99 4.16
N PHE D 171 -30.46 9.47 2.94
CA PHE D 171 -31.55 9.40 1.96
C PHE D 171 -31.57 7.98 1.41
N PRO D 172 -32.18 7.04 2.14
CA PRO D 172 -32.15 5.63 1.70
C PRO D 172 -33.07 5.33 0.53
N ASN D 173 -34.02 6.21 0.21
CA ASN D 173 -34.95 5.98 -0.89
C ASN D 173 -34.62 6.81 -2.13
N LEU D 174 -33.49 7.51 -2.12
CA LEU D 174 -33.07 8.34 -3.25
C LEU D 174 -32.13 7.55 -4.16
N LYS D 175 -32.44 7.50 -5.44
CA LYS D 175 -31.55 6.87 -6.41
C LYS D 175 -30.28 7.69 -6.54
N ILE D 176 -29.12 7.05 -6.37
CA ILE D 176 -27.82 7.69 -6.42
C ILE D 176 -26.93 6.93 -7.38
N ILE D 177 -26.19 7.65 -8.20
CA ILE D 177 -25.27 7.06 -9.17
C ILE D 177 -23.87 7.63 -8.92
N LEU D 178 -22.93 6.75 -8.60
CA LEU D 178 -21.52 7.14 -8.55
C LEU D 178 -20.99 7.08 -9.97
N GLU D 179 -20.98 8.24 -10.63
CA GLU D 179 -20.66 8.30 -12.05
C GLU D 179 -19.20 7.93 -12.31
N HIS D 180 -18.97 7.17 -13.39
CA HIS D 180 -17.65 6.86 -13.94
C HIS D 180 -16.63 6.46 -12.88
N CYS D 181 -16.86 5.33 -12.21
CA CYS D 181 -15.86 4.82 -11.27
C CYS D 181 -14.53 4.57 -11.97
N THR D 182 -13.45 4.94 -11.29
CA THR D 182 -12.10 4.76 -11.82
C THR D 182 -11.18 3.98 -10.89
N SER D 183 -11.60 3.69 -9.66
CA SER D 183 -10.77 3.02 -8.68
C SER D 183 -11.43 1.73 -8.22
N GLU D 184 -10.59 0.80 -7.75
CA GLU D 184 -11.11 -0.43 -7.17
C GLU D 184 -11.83 -0.17 -5.85
N SER D 185 -11.36 0.82 -5.08
CA SER D 185 -12.02 1.15 -3.81
C SER D 185 -13.48 1.55 -4.03
N ALA D 186 -13.77 2.20 -5.16
CA ALA D 186 -15.16 2.56 -5.44
C ALA D 186 -15.97 1.35 -5.90
N ILE D 187 -15.32 0.39 -6.56
CA ILE D 187 -16.03 -0.81 -7.00
C ILE D 187 -16.48 -1.63 -5.80
N LYS D 188 -15.58 -1.84 -4.83
CA LYS D 188 -15.93 -2.58 -3.64
C LYS D 188 -17.00 -1.87 -2.81
N THR D 189 -16.98 -0.53 -2.80
CA THR D 189 -18.00 0.21 -2.07
C THR D 189 -19.37 0.03 -2.70
N ILE D 190 -19.45 0.17 -4.03
CA ILE D 190 -20.72 -0.01 -4.73
C ILE D 190 -21.21 -1.44 -4.56
N GLU D 191 -20.28 -2.41 -4.54
CA GLU D 191 -20.67 -3.80 -4.35
C GLU D 191 -21.15 -4.06 -2.93
N ASP D 192 -20.47 -3.47 -1.93
CA ASP D 192 -20.87 -3.69 -0.55
C ASP D 192 -22.15 -2.93 -0.20
N ILE D 193 -22.40 -1.80 -0.86
CA ILE D 193 -23.65 -1.08 -0.64
C ILE D 193 -24.83 -1.91 -1.11
N ASN D 194 -24.72 -2.50 -2.29
CA ASN D 194 -25.74 -3.42 -2.81
C ASN D 194 -25.46 -4.85 -2.37
N LYS D 195 -25.27 -5.03 -1.05
CA LYS D 195 -24.95 -6.34 -0.52
C LYS D 195 -26.15 -7.28 -0.59
N ASN D 196 -27.35 -6.76 -0.29
CA ASN D 196 -28.56 -7.56 -0.22
C ASN D 196 -29.49 -7.30 -1.40
N VAL D 197 -28.92 -7.07 -2.58
CA VAL D 197 -29.68 -6.78 -3.78
C VAL D 197 -29.73 -8.03 -4.64
N LYS D 198 -30.95 -8.55 -4.84
CA LYS D 198 -31.17 -9.75 -5.66
C LYS D 198 -31.64 -9.40 -7.06
N LYS D 199 -32.74 -8.66 -7.17
CA LYS D 199 -33.28 -8.23 -8.45
C LYS D 199 -32.87 -6.80 -8.75
N ALA D 200 -33.01 -6.41 -10.03
CA ALA D 200 -32.50 -5.13 -10.48
C ALA D 200 -33.25 -3.96 -9.87
N THR D 201 -34.55 -4.12 -9.61
CA THR D 201 -35.34 -3.01 -9.08
C THR D 201 -34.93 -2.60 -7.67
N ASP D 202 -34.25 -3.49 -6.93
CA ASP D 202 -33.79 -3.16 -5.59
C ASP D 202 -32.61 -2.19 -5.58
N VAL D 203 -31.98 -1.97 -6.73
CA VAL D 203 -30.77 -1.14 -6.77
C VAL D 203 -31.14 0.31 -6.49
N LYS D 204 -30.61 0.85 -5.40
CA LYS D 204 -30.75 2.27 -5.08
C LYS D 204 -29.48 3.05 -5.38
N VAL D 205 -28.31 2.44 -5.21
CA VAL D 205 -27.03 3.06 -5.50
C VAL D 205 -26.35 2.28 -6.60
N ALA D 206 -26.13 2.92 -7.74
CA ALA D 206 -25.48 2.31 -8.89
C ALA D 206 -24.25 3.12 -9.27
N ALA D 207 -23.53 2.64 -10.28
CA ALA D 207 -22.31 3.29 -10.73
C ALA D 207 -22.13 3.05 -12.23
N THR D 208 -21.90 4.13 -12.97
CA THR D 208 -21.65 4.02 -14.39
C THR D 208 -20.17 3.71 -14.64
N LEU D 209 -19.90 3.14 -15.81
CA LEU D 209 -18.54 2.83 -16.23
C LEU D 209 -18.35 3.32 -17.66
N THR D 210 -17.24 3.99 -17.91
CA THR D 210 -16.98 4.59 -19.20
C THR D 210 -16.35 3.58 -20.16
N ALA D 211 -16.21 3.99 -21.42
CA ALA D 211 -15.54 3.15 -22.40
C ALA D 211 -14.02 3.27 -22.30
N HIS D 212 -13.52 4.46 -21.95
CA HIS D 212 -12.07 4.65 -21.91
C HIS D 212 -11.44 4.11 -20.64
N HIS D 213 -12.16 4.14 -19.51
CA HIS D 213 -11.59 3.63 -18.27
C HIS D 213 -11.46 2.11 -18.26
N LEU D 214 -12.05 1.42 -19.23
CA LEU D 214 -11.81 -0.01 -19.39
C LEU D 214 -10.51 -0.29 -20.14
N PHE D 215 -10.00 0.68 -20.89
CA PHE D 215 -8.76 0.54 -21.65
C PHE D 215 -7.58 1.26 -21.00
N LEU D 216 -7.80 2.47 -20.49
CA LEU D 216 -6.70 3.37 -20.16
C LEU D 216 -6.15 3.09 -18.76
N THR D 217 -4.85 3.32 -18.63
CA THR D 217 -4.19 3.36 -17.33
C THR D 217 -3.44 4.68 -17.19
N ILE D 218 -2.62 4.83 -16.15
CA ILE D 218 -1.90 6.08 -15.97
C ILE D 218 -0.86 6.27 -17.08
N ASP D 219 -0.28 5.18 -17.58
CA ASP D 219 0.72 5.29 -18.63
C ASP D 219 0.12 5.78 -19.95
N ASP D 220 -1.18 5.59 -20.16
CA ASP D 220 -1.78 5.93 -21.45
C ASP D 220 -2.05 7.43 -21.58
N TRP D 221 -2.28 8.13 -20.48
CA TRP D 221 -2.55 9.56 -20.55
C TRP D 221 -1.37 10.41 -20.09
N ALA D 222 -0.33 9.81 -19.52
CA ALA D 222 0.89 10.54 -19.19
C ALA D 222 1.60 10.92 -20.48
N GLY D 223 1.68 12.22 -20.75
CA GLY D 223 2.21 12.67 -22.02
C GLY D 223 1.27 12.54 -23.20
N ASN D 224 0.02 12.15 -22.95
CA ASN D 224 -1.00 12.05 -24.00
C ASN D 224 -2.25 12.73 -23.48
N PRO D 225 -2.37 14.05 -23.68
CA PRO D 225 -3.58 14.75 -23.23
C PRO D 225 -4.86 14.23 -23.86
N VAL D 226 -4.78 13.58 -25.02
CA VAL D 226 -5.97 13.01 -25.65
C VAL D 226 -6.63 11.99 -24.75
N ASN D 227 -5.85 11.32 -23.89
CA ASN D 227 -6.38 10.34 -22.95
C ASN D 227 -6.55 10.90 -21.55
N PHE D 228 -6.30 12.20 -21.35
CA PHE D 228 -6.46 12.81 -20.05
C PHE D 228 -7.93 13.19 -19.81
N CYS D 229 -8.48 12.70 -18.70
CA CYS D 229 -9.87 12.98 -18.36
C CYS D 229 -10.01 12.94 -16.85
N LYS D 230 -11.13 13.47 -16.37
CA LYS D 230 -11.48 13.40 -14.96
C LYS D 230 -12.69 12.50 -14.77
N PRO D 231 -12.64 11.50 -13.87
CA PRO D 231 -11.48 11.22 -13.01
C PRO D 231 -10.34 10.54 -13.75
N VAL D 232 -9.13 10.69 -13.21
CA VAL D 232 -7.93 10.19 -13.87
C VAL D 232 -7.94 8.68 -13.95
N ALA D 233 -7.54 8.15 -15.10
CA ALA D 233 -7.34 6.71 -15.24
C ALA D 233 -6.21 6.26 -14.32
N LYS D 234 -6.54 5.39 -13.37
CA LYS D 234 -5.64 5.03 -12.28
C LYS D 234 -4.84 3.77 -12.62
N LEU D 235 -4.23 3.16 -11.60
CA LEU D 235 -3.30 2.04 -11.78
C LEU D 235 -3.98 0.85 -12.47
N PRO D 236 -3.18 -0.05 -13.06
CA PRO D 236 -3.77 -1.22 -13.73
C PRO D 236 -4.57 -2.12 -12.81
N ASN D 237 -4.25 -2.13 -11.51
CA ASN D 237 -5.09 -2.86 -10.56
C ASN D 237 -6.51 -2.32 -10.54
N ASP D 238 -6.68 -1.02 -10.80
CA ASP D 238 -8.01 -0.42 -10.87
C ASP D 238 -8.68 -0.73 -12.20
N LYS D 239 -7.90 -0.78 -13.30
CA LYS D 239 -8.48 -1.13 -14.59
C LYS D 239 -9.05 -2.54 -14.58
N LYS D 240 -8.33 -3.47 -13.96
CA LYS D 240 -8.85 -4.84 -13.83
C LYS D 240 -10.17 -4.85 -13.07
N ALA D 241 -10.27 -4.06 -12.00
CA ALA D 241 -11.50 -4.02 -11.22
C ALA D 241 -12.65 -3.42 -12.04
N LEU D 242 -12.35 -2.42 -12.86
CA LEU D 242 -13.41 -1.82 -13.69
C LEU D 242 -13.87 -2.78 -14.78
N VAL D 243 -12.97 -3.61 -15.30
CA VAL D 243 -13.35 -4.57 -16.33
C VAL D 243 -14.11 -5.74 -15.72
N LYS D 244 -13.65 -6.24 -14.56
CA LYS D 244 -14.35 -7.34 -13.91
C LYS D 244 -15.76 -6.92 -13.48
N ALA D 245 -15.95 -5.66 -13.11
CA ALA D 245 -17.26 -5.20 -12.70
C ALA D 245 -18.18 -4.90 -13.87
N ALA D 246 -17.61 -4.52 -15.02
CA ALA D 246 -18.43 -4.20 -16.18
C ALA D 246 -19.05 -5.47 -16.77
N VAL D 247 -18.28 -6.56 -16.85
CA VAL D 247 -18.76 -7.80 -17.41
C VAL D 247 -19.35 -8.67 -16.30
N SER D 248 -19.44 -8.10 -15.09
CA SER D 248 -19.94 -8.86 -13.94
C SER D 248 -21.39 -9.26 -14.12
N GLY D 249 -22.21 -8.42 -14.77
CA GLY D 249 -23.61 -8.68 -14.90
C GLY D 249 -24.45 -8.23 -13.71
N LYS D 250 -23.85 -7.57 -12.73
CA LYS D 250 -24.61 -7.07 -11.60
C LYS D 250 -25.48 -5.89 -12.04
N PRO D 251 -26.67 -5.75 -11.43
CA PRO D 251 -27.61 -4.70 -11.89
C PRO D 251 -27.20 -3.29 -11.51
N TYR D 252 -26.21 -3.10 -10.63
CA TYR D 252 -25.77 -1.77 -10.22
C TYR D 252 -24.57 -1.29 -11.01
N PHE D 253 -24.30 -1.87 -12.17
CA PHE D 253 -23.23 -1.44 -13.07
C PHE D 253 -23.79 -1.38 -14.49
N PHE D 254 -23.90 -0.17 -15.04
CA PHE D 254 -24.34 0.00 -16.42
C PHE D 254 -23.46 1.04 -17.09
N PHE D 255 -23.70 1.26 -18.38
CA PHE D 255 -22.78 2.01 -19.24
C PHE D 255 -23.08 3.50 -19.20
N GLY D 256 -22.06 4.29 -18.85
CA GLY D 256 -22.09 5.73 -19.02
C GLY D 256 -20.78 6.20 -19.62
N SER D 257 -20.83 6.78 -20.82
CA SER D 257 -19.61 6.95 -21.61
C SER D 257 -18.73 8.07 -21.07
N ASP D 258 -19.33 9.14 -20.55
CA ASP D 258 -18.59 10.35 -20.19
C ASP D 258 -17.82 10.89 -21.40
N SER D 259 -18.44 10.77 -22.58
CA SER D 259 -17.86 11.27 -23.81
C SER D 259 -17.84 12.79 -23.76
N ALA D 260 -16.66 13.37 -23.57
CA ALA D 260 -16.49 14.81 -23.44
C ALA D 260 -15.79 15.36 -24.68
N PRO D 261 -16.53 15.82 -25.69
CA PRO D 261 -15.88 16.29 -26.92
C PRO D 261 -15.23 17.65 -26.72
N HIS D 262 -13.96 17.73 -27.08
CA HIS D 262 -13.20 18.98 -27.07
C HIS D 262 -12.50 19.17 -28.41
N PRO D 263 -12.41 20.40 -28.89
CA PRO D 263 -11.63 20.64 -30.11
C PRO D 263 -10.16 20.35 -29.88
N VAL D 264 -9.46 19.97 -30.95
CA VAL D 264 -8.07 19.55 -30.82
C VAL D 264 -7.20 20.69 -30.31
N GLN D 265 -7.58 21.94 -30.56
CA GLN D 265 -6.79 23.06 -30.08
C GLN D 265 -6.85 23.19 -28.57
N ASN D 266 -7.96 22.79 -27.94
CA ASN D 266 -8.08 22.84 -26.49
C ASN D 266 -7.46 21.64 -25.81
N LYS D 267 -7.00 20.64 -26.57
CA LYS D 267 -6.26 19.51 -26.01
C LYS D 267 -4.76 19.64 -26.23
N ALA D 268 -4.34 20.37 -27.26
CA ALA D 268 -2.92 20.59 -27.53
C ALA D 268 -2.42 21.86 -26.85
N ASN D 269 -2.61 21.94 -25.54
CA ASN D 269 -2.07 23.01 -24.71
C ASN D 269 -0.84 22.52 -23.96
N TYR D 270 -0.02 23.47 -23.53
CA TYR D 270 1.06 23.14 -22.62
C TYR D 270 0.68 23.35 -21.16
N GLU D 271 -0.47 23.98 -20.91
CA GLU D 271 -1.01 24.13 -19.56
C GLU D 271 -2.52 24.24 -19.65
N GLY D 272 -3.20 23.69 -18.65
CA GLY D 272 -4.65 23.73 -18.61
C GLY D 272 -5.31 22.93 -19.71
N VAL D 273 -4.85 21.71 -19.92
CA VAL D 273 -5.45 20.83 -20.91
C VAL D 273 -6.88 20.49 -20.49
N CYS D 274 -7.81 20.61 -21.43
CA CYS D 274 -9.21 20.27 -21.15
C CYS D 274 -9.33 18.77 -20.91
N ALA D 275 -9.89 18.41 -19.76
CA ALA D 275 -10.10 17.00 -19.44
C ALA D 275 -11.27 16.44 -20.23
N GLY D 276 -11.15 15.17 -20.61
CA GLY D 276 -12.22 14.51 -21.32
C GLY D 276 -11.79 13.72 -22.53
N VAL D 277 -12.46 12.58 -22.77
CA VAL D 277 -12.20 11.73 -23.91
C VAL D 277 -13.50 11.60 -24.71
N TYR D 278 -13.38 11.64 -26.03
CA TYR D 278 -14.53 11.54 -26.92
C TYR D 278 -14.66 10.10 -27.38
N SER D 279 -15.69 9.41 -26.89
CA SER D 279 -15.95 8.02 -27.25
C SER D 279 -17.39 7.83 -27.72
N GLN D 280 -18.00 8.89 -28.26
CA GLN D 280 -19.40 8.83 -28.63
C GLN D 280 -19.62 8.15 -29.99
N SER D 281 -18.71 8.38 -30.93
CA SER D 281 -18.91 7.87 -32.29
C SER D 281 -18.87 6.35 -32.35
N PHE D 282 -18.18 5.71 -31.40
CA PHE D 282 -18.03 4.25 -31.38
C PHE D 282 -18.27 3.72 -29.98
N ALA D 283 -19.28 4.25 -29.29
CA ALA D 283 -19.50 3.91 -27.89
C ALA D 283 -19.72 2.41 -27.70
N ILE D 284 -20.69 1.86 -28.41
CA ILE D 284 -21.02 0.44 -28.28
C ILE D 284 -19.90 -0.45 -28.83
N PRO D 285 -19.32 -0.15 -30.00
CA PRO D 285 -18.17 -0.97 -30.46
C PRO D 285 -16.99 -0.95 -29.50
N TYR D 286 -16.79 0.14 -28.75
CA TYR D 286 -15.74 0.14 -27.73
C TYR D 286 -16.02 -0.90 -26.66
N ILE D 287 -17.26 -0.94 -26.16
CA ILE D 287 -17.63 -1.88 -25.13
C ILE D 287 -17.67 -3.31 -25.66
N ALA D 288 -17.88 -3.47 -26.97
CA ALA D 288 -17.95 -4.81 -27.54
C ALA D 288 -16.59 -5.51 -27.47
N GLN D 289 -15.51 -4.79 -27.75
CA GLN D 289 -14.19 -5.39 -27.68
C GLN D 289 -13.81 -5.78 -26.26
N VAL D 290 -14.28 -5.02 -25.26
CA VAL D 290 -14.02 -5.38 -23.87
C VAL D 290 -14.76 -6.66 -23.51
N PHE D 291 -16.05 -6.74 -23.87
CA PHE D 291 -16.84 -7.92 -23.53
C PHE D 291 -16.42 -9.14 -24.35
N GLU D 292 -15.87 -8.92 -25.54
CA GLU D 292 -15.39 -10.05 -26.33
C GLU D 292 -14.09 -10.60 -25.76
N GLU D 293 -13.18 -9.72 -25.35
CA GLU D 293 -11.90 -10.17 -24.80
C GLU D 293 -12.07 -10.90 -23.48
N GLN D 294 -13.14 -10.61 -22.75
CA GLN D 294 -13.39 -11.25 -21.45
C GLN D 294 -14.27 -12.48 -21.56
N ASN D 295 -14.67 -12.88 -22.77
CA ASN D 295 -15.58 -14.01 -22.98
C ASN D 295 -16.85 -13.85 -22.16
N ALA D 296 -17.47 -12.67 -22.28
CA ALA D 296 -18.66 -12.35 -21.53
C ALA D 296 -19.68 -11.61 -22.38
N LEU D 297 -19.75 -11.92 -23.67
CA LEU D 297 -20.67 -11.22 -24.57
C LEU D 297 -22.13 -11.43 -24.20
N GLU D 298 -22.45 -12.47 -23.44
CA GLU D 298 -23.83 -12.70 -23.02
C GLU D 298 -24.30 -11.67 -22.00
N ASN D 299 -23.38 -11.00 -21.32
CA ASN D 299 -23.72 -9.96 -20.36
C ASN D 299 -23.63 -8.56 -20.95
N LEU D 300 -23.34 -8.44 -22.25
CA LEU D 300 -23.21 -7.12 -22.87
C LEU D 300 -24.55 -6.42 -22.97
N LYS D 301 -25.61 -7.15 -23.32
CA LYS D 301 -26.92 -6.53 -23.51
C LYS D 301 -27.44 -5.92 -22.21
N GLY D 302 -27.02 -6.45 -21.07
CA GLY D 302 -27.45 -5.91 -19.80
C GLY D 302 -26.69 -4.67 -19.39
N PHE D 303 -25.39 -4.64 -19.68
CA PHE D 303 -24.56 -3.52 -19.27
C PHE D 303 -24.87 -2.25 -20.05
N VAL D 304 -25.34 -2.39 -21.29
CA VAL D 304 -25.59 -1.23 -22.14
C VAL D 304 -27.08 -0.94 -22.33
N SER D 305 -27.96 -1.93 -22.15
CA SER D 305 -29.39 -1.70 -22.36
C SER D 305 -30.22 -1.97 -21.12
N ASP D 306 -30.09 -3.14 -20.51
CA ASP D 306 -31.06 -3.58 -19.51
C ASP D 306 -30.93 -2.78 -18.22
N PHE D 307 -29.70 -2.70 -17.68
CA PHE D 307 -29.53 -2.15 -16.33
C PHE D 307 -29.74 -0.64 -16.29
N GLY D 308 -29.36 0.07 -17.35
CA GLY D 308 -29.62 1.50 -17.39
C GLY D 308 -31.10 1.83 -17.46
N ILE D 309 -31.88 1.00 -18.15
CA ILE D 309 -33.32 1.23 -18.24
C ILE D 309 -33.98 0.99 -16.89
N SER D 310 -33.59 -0.09 -16.21
CA SER D 310 -34.24 -0.43 -14.94
C SER D 310 -34.00 0.65 -13.88
N PHE D 311 -32.80 1.21 -13.84
CA PHE D 311 -32.47 2.18 -12.80
C PHE D 311 -33.14 3.53 -13.07
N TYR D 312 -33.10 4.00 -14.31
CA TYR D 312 -33.77 5.24 -14.66
C TYR D 312 -35.26 5.07 -14.90
N GLU D 313 -35.77 3.83 -14.89
CA GLU D 313 -37.17 3.53 -15.11
C GLU D 313 -37.66 4.16 -16.41
N VAL D 314 -36.94 3.87 -17.49
CA VAL D 314 -37.27 4.39 -18.83
C VAL D 314 -38.42 3.54 -19.37
N LYS D 315 -39.63 4.09 -19.34
CA LYS D 315 -40.79 3.37 -19.86
C LYS D 315 -40.85 3.50 -21.38
N ASP D 316 -41.58 2.57 -22.00
CA ASP D 316 -41.64 2.51 -23.45
C ASP D 316 -42.37 3.70 -24.07
N SER D 317 -43.13 4.45 -23.28
CA SER D 317 -43.85 5.61 -23.80
C SER D 317 -42.97 6.84 -23.96
N GLU D 318 -41.73 6.81 -23.47
CA GLU D 318 -40.83 7.95 -23.58
C GLU D 318 -39.83 7.81 -24.73
N VAL D 319 -39.50 6.59 -25.12
CA VAL D 319 -38.48 6.38 -26.15
C VAL D 319 -38.94 7.00 -27.46
N ALA D 320 -38.06 7.78 -28.08
CA ALA D 320 -38.41 8.50 -29.29
C ALA D 320 -38.44 7.59 -30.52
N SER D 321 -37.60 6.57 -30.55
CA SER D 321 -37.54 5.65 -31.70
C SER D 321 -37.28 4.25 -31.18
N SER D 322 -38.17 3.32 -31.54
CA SER D 322 -38.09 1.93 -31.11
C SER D 322 -37.12 1.10 -31.95
N ASP D 323 -36.23 1.75 -32.71
CA ASP D 323 -35.24 1.01 -33.48
C ASP D 323 -34.27 0.30 -32.55
N LYS D 324 -33.98 -0.97 -32.85
CA LYS D 324 -33.06 -1.77 -32.06
C LYS D 324 -31.65 -1.67 -32.62
N ALA D 325 -30.68 -1.54 -31.72
CA ALA D 325 -29.28 -1.50 -32.12
C ALA D 325 -28.76 -2.93 -32.28
N ILE D 326 -28.17 -3.21 -33.45
CA ILE D 326 -27.71 -4.55 -33.79
C ILE D 326 -26.19 -4.50 -33.95
N LEU D 327 -25.50 -5.30 -33.14
CA LEU D 327 -24.06 -5.47 -33.28
C LEU D 327 -23.77 -6.51 -34.34
N PHE D 328 -22.78 -6.22 -35.20
CA PHE D 328 -22.33 -7.17 -36.19
C PHE D 328 -20.81 -7.07 -36.32
N LYS D 329 -20.15 -8.23 -36.40
CA LYS D 329 -18.70 -8.30 -36.29
C LYS D 329 -18.05 -7.99 -37.64
N LYS D 330 -18.21 -6.73 -38.05
CA LYS D 330 -17.57 -6.18 -39.24
C LYS D 330 -16.45 -5.24 -38.81
N GLU D 331 -15.26 -5.43 -39.39
CA GLU D 331 -14.12 -4.62 -39.01
C GLU D 331 -14.30 -3.17 -39.45
N GLN D 332 -13.64 -2.27 -38.72
CA GLN D 332 -13.61 -0.85 -39.06
C GLN D 332 -12.46 -0.21 -38.30
N VAL D 333 -11.99 0.91 -38.83
CA VAL D 333 -10.85 1.63 -38.27
C VAL D 333 -11.33 2.98 -37.74
N ILE D 334 -10.82 3.36 -36.58
CA ILE D 334 -11.16 4.67 -36.02
C ILE D 334 -10.47 5.76 -36.84
N PRO D 335 -11.15 6.84 -37.19
CA PRO D 335 -10.49 7.93 -37.90
C PRO D 335 -9.47 8.64 -37.01
N GLN D 336 -8.56 9.37 -37.66
CA GLN D 336 -7.60 10.17 -36.91
C GLN D 336 -8.26 11.38 -36.28
N VAL D 337 -9.24 11.98 -36.97
CA VAL D 337 -9.93 13.17 -36.51
C VAL D 337 -11.41 13.02 -36.81
N ILE D 338 -12.24 13.62 -35.96
CA ILE D 338 -13.67 13.73 -36.16
C ILE D 338 -13.99 15.21 -36.30
N SER D 339 -14.21 15.68 -37.52
CA SER D 339 -14.34 17.09 -37.81
C SER D 339 -15.67 17.38 -38.49
N ASP D 340 -16.17 18.60 -38.28
CA ASP D 340 -17.35 19.10 -38.97
C ASP D 340 -17.00 19.78 -40.29
N GLY D 341 -15.72 19.94 -40.60
CA GLY D 341 -15.30 20.50 -41.86
C GLY D 341 -15.13 22.00 -41.88
N LYS D 342 -15.53 22.71 -40.82
CA LYS D 342 -15.43 24.17 -40.81
C LYS D 342 -14.44 24.68 -39.76
N ASP D 343 -14.68 24.40 -38.48
CA ASP D 343 -13.84 24.92 -37.41
C ASP D 343 -13.50 23.90 -36.33
N ILE D 344 -14.17 22.76 -36.27
CA ILE D 344 -14.06 21.83 -35.15
C ILE D 344 -13.40 20.55 -35.64
N SER D 345 -12.50 20.01 -34.82
CA SER D 345 -11.84 18.74 -35.12
C SER D 345 -11.58 18.03 -33.80
N ILE D 346 -12.22 16.89 -33.60
CA ILE D 346 -12.10 16.12 -32.37
C ILE D 346 -11.23 14.90 -32.63
N ILE D 347 -10.36 14.59 -31.68
CA ILE D 347 -9.55 13.37 -31.72
C ILE D 347 -10.33 12.27 -31.02
N PRO D 348 -10.82 11.26 -31.74
CA PRO D 348 -11.63 10.23 -31.08
C PRO D 348 -10.78 9.28 -30.26
N PHE D 349 -11.45 8.62 -29.32
CA PHE D 349 -10.79 7.65 -28.46
C PHE D 349 -10.26 6.48 -29.29
N LYS D 350 -9.04 6.03 -28.98
CA LYS D 350 -8.37 4.96 -29.71
C LYS D 350 -8.27 5.28 -31.20
N ALA D 351 -7.93 6.52 -31.52
CA ALA D 351 -7.85 6.96 -32.91
C ALA D 351 -6.78 6.18 -33.66
N GLY D 352 -7.19 5.55 -34.76
CA GLY D 352 -6.27 4.80 -35.60
C GLY D 352 -6.29 3.30 -35.37
N ASP D 353 -6.98 2.83 -34.35
CA ASP D 353 -7.07 1.40 -34.09
C ASP D 353 -8.27 0.80 -34.82
N LYS D 354 -8.19 -0.49 -35.10
CA LYS D 354 -9.24 -1.21 -35.81
C LYS D 354 -10.12 -1.95 -34.82
N LEU D 355 -11.43 -1.84 -35.00
CA LEU D 355 -12.41 -2.49 -34.14
C LEU D 355 -12.96 -3.74 -34.81
N SER D 356 -13.29 -4.73 -33.99
CA SER D 356 -13.86 -5.97 -34.50
C SER D 356 -15.35 -5.85 -34.81
N TRP D 357 -16.04 -4.87 -34.25
CA TRP D 357 -17.49 -4.78 -34.33
C TRP D 357 -17.93 -3.44 -34.90
N SER D 358 -19.10 -3.46 -35.53
CA SER D 358 -19.79 -2.25 -35.98
C SER D 358 -21.25 -2.35 -35.56
N VAL D 359 -21.95 -1.21 -35.60
CA VAL D 359 -23.33 -1.13 -35.15
C VAL D 359 -24.21 -0.66 -36.30
N ARG D 360 -25.42 -1.20 -36.37
CA ARG D 360 -26.43 -0.75 -37.31
C ARG D 360 -27.78 -0.77 -36.62
N TRP D 361 -28.71 0.05 -37.13
CA TRP D 361 -30.04 0.18 -36.56
C TRP D 361 -31.07 -0.54 -37.41
N GLU D 362 -32.03 -1.18 -36.74
CA GLU D 362 -33.06 -1.96 -37.38
C GLU D 362 -34.42 -1.54 -36.84
N PRO D 363 -35.39 -1.26 -37.71
CA PRO D 363 -36.70 -0.80 -37.24
C PRO D 363 -37.43 -1.88 -36.44
N ARG D 364 -38.56 -1.47 -35.85
CA ARG D 364 -39.38 -2.37 -35.05
C ARG D 364 -40.50 -3.03 -35.83
N LEU D 365 -41.04 -2.35 -36.84
CA LEU D 365 -42.11 -2.91 -37.67
C LEU D 365 -41.78 -2.79 -39.14
N1 WBU E . 1.05 -3.23 27.54
C2 WBU E . 0.90 -2.07 28.23
O2 WBU E . 0.91 -1.04 27.65
N3 WBU E . 0.76 -2.10 29.58
C4 WBU E . 0.76 -3.26 30.22
O4 WBU E . 0.64 -3.29 31.40
C5 WBU E . 0.91 -4.41 29.54
C6 WBU E . 1.05 -4.39 28.19
N01 WBU E . 0.92 -5.67 30.25
ZN ZN F . 3.13 0.24 29.63
ZN ZN G . 1.12 0.66 26.17
N1 WBU H . -0.32 -25.69 8.81
C2 WBU H . -0.11 -26.69 7.91
O2 WBU H . -0.14 -26.45 6.75
N3 WBU H . 0.11 -27.96 8.36
C4 WBU H . 0.13 -28.21 9.65
O4 WBU H . 0.33 -29.32 10.04
C5 WBU H . -0.07 -27.21 10.54
C6 WBU H . -0.30 -25.95 10.11
N01 WBU H . -0.05 -27.49 11.96
ZN ZN I . -1.79 -28.18 5.82
ZN ZN J . 0.05 -25.03 4.72
N1 WBU K . 13.83 13.40 -19.31
C2 WBU K . 15.12 13.05 -19.15
O2 WBU K . 15.44 12.36 -18.24
N3 WBU K . 16.05 13.48 -20.04
C4 WBU K . 15.69 14.26 -21.05
O4 WBU K . 16.50 14.64 -21.82
C5 WBU K . 14.39 14.60 -21.20
C6 WBU K . 13.46 14.16 -20.32
N01 WBU K . 14.00 15.45 -22.32
ZN ZN L . 18.13 13.84 -17.67
ZN ZN M . 16.15 10.67 -16.59
N1 WBU N . -15.17 15.48 -17.42
C2 WBU N . -16.52 15.57 -17.48
O2 WBU N . -17.19 14.88 -16.78
N3 WBU N . -17.11 16.45 -18.32
C4 WBU N . -16.36 17.21 -19.10
O4 WBU N . -16.87 17.98 -19.84
C5 WBU N . -15.01 17.12 -19.04
C6 WBU N . -14.43 16.25 -18.20
N01 WBU N . -14.20 17.96 -19.90
ZN ZN O . -17.45 13.46 -13.89
ZN ZN P . -19.01 13.63 -17.35
#